data_7LIW
#
_entry.id   7LIW
#
_cell.length_a   1.00
_cell.length_b   1.00
_cell.length_c   1.00
_cell.angle_alpha   90.00
_cell.angle_beta   90.00
_cell.angle_gamma   90.00
#
_symmetry.space_group_name_H-M   'P 1'
#
loop_
_entity.id
_entity.type
_entity.pdbx_description
1 polymer 'ATP-citrate synthase'
2 non-polymer "ADENOSINE-5'-DIPHOSPHATE"
3 non-polymer 'COENZYME A'
4 non-polymer '(2S)-2-hydroxy-2-[2-oxo-2-(phosphonooxy)ethyl]butanedioic acid'
#
_entity_poly.entity_id   1
_entity_poly.type   'polypeptide(L)'
_entity_poly.pdbx_seq_one_letter_code
;MSAKAISEQTGKELLYKFICTTSAIQNRFKYARVTPDTDWARLLQDHPWLLSQNLVVKPDQLIKRRGKLGLVGVNLTLDG
VKSWLKPRLGQEATVGKATGFLKNFLIEPFVPHSQAEEFYVCIYATREGDYVLFHHEGGVDVGDVDAKAQKLLVGVDEKL
NPEDIKKHLLVHAPEDKKEILASFISGLFNFYEDLYFTYLEINPLVVTKDGVYVLDLAAKVDATADYICKVKWGDIEFPP
PFGREAYPEEAYIADLDAKSGASLKLTLLNPKGRIWTMVAGGGASVVYSDTICDLGGVNELANYGEYSGAPSEQQTYDYA
KTILSLMTREKHPDGKILIIGGSIANFTNVAATFKGIVRAIRDYQGPLKEHEVTIFVRRGGPNYQEGLRVMGEVGKTTGI
PIHVFGTETHMTAIVGMALGHRPIPNQPPTAAHTANFLLNASGSTSTPAPSRTASFSESRADEVAPAKKAKPAMPQDSVP
SPRSLQGKSTTLFSRHTKAIVWGMQTRAVQGMLDFDYVCSRDEPSVAAMVYPFTGDHKQKFYWGHKEILIPVFKNMADAM
RKHPEVDVLINFASLRSAYDSTMETMNYAQIRTIAIIAQGIPEALTRKLIKKADQKGVTIIGPATVGGIKPGCFKIGNTG
GMLDNILASKLYRPGSVAYVSRSGGMSNELNNIISRTTDGVYEGVAIGGDRYPGSTFMDHVLRYQDTPGVKMIVVLGEIG
GTEEYKICRGIKEGRLTKPIVCWCIGTCATMFSSEVQFGHAGACANQASETAVAKNQALKEAGVFVPRSFDELGEIIQSV
YEDLVANGVIVPAQEVPPPTVPMDYSWARELGLIRKPASFMTSICDERGQELIYAGMPITEVFKEEMGIGGVLGLLWFQK
RLPKYSCQFIEMCLMVTADHGPAVSGAHNTIICARAGKDLVSSLTSGLLTIGDRFGGALDAAAKMFSKAFDSGIIPMEFV
NKMKKEGKLIMGIGHRVKSINNPDMRVQILKDYVRQHFPATPLLDYALEVEKITTSKKPNLILNVDGLIGVAFVDMLRNC
GSFTREEADEYIDIGALNGIFVLGRSMGFIGHYLDQKRLKQGLYRHPWDDISYVLPEHMSM
;
_entity_poly.pdbx_strand_id   A,B,C,D
#
loop_
_chem_comp.id
_chem_comp.type
_chem_comp.name
_chem_comp.formula
ADP non-polymer ADENOSINE-5'-DIPHOSPHATE 'C10 H15 N5 O10 P2'
COA non-polymer 'COENZYME A' 'C21 H36 N7 O16 P3 S'
Y2A non-polymer '(2S)-2-hydroxy-2-[2-oxo-2-(phosphonooxy)ethyl]butanedioic acid' 'C6 H9 O10 P'
#
# COMPACT_ATOMS: atom_id res chain seq x y z
N VAL A 821 50.01 -38.09 7.07
CA VAL A 821 48.74 -37.41 7.24
C VAL A 821 48.74 -36.50 8.48
N PRO A 822 48.15 -35.31 8.34
CA PRO A 822 48.22 -34.33 9.43
C PRO A 822 47.35 -34.71 10.61
N MET A 823 47.73 -34.15 11.76
CA MET A 823 47.09 -34.43 13.04
C MET A 823 45.89 -33.49 13.22
N ASP A 824 44.95 -33.88 14.07
CA ASP A 824 43.84 -33.00 14.39
C ASP A 824 44.34 -31.76 15.10
N TYR A 825 43.61 -30.65 14.96
CA TYR A 825 43.89 -29.53 15.84
C TYR A 825 43.41 -29.83 17.24
N SER A 826 42.24 -30.47 17.35
CA SER A 826 41.65 -30.75 18.65
C SER A 826 42.45 -31.80 19.41
N TRP A 827 43.05 -32.76 18.72
CA TRP A 827 43.89 -33.73 19.39
C TRP A 827 45.19 -33.10 19.86
N ALA A 828 45.75 -32.20 19.04
CA ALA A 828 46.97 -31.51 19.43
C ALA A 828 46.70 -30.49 20.52
N ARG A 829 45.53 -29.87 20.54
CA ARG A 829 45.21 -28.91 21.58
C ARG A 829 44.87 -29.59 22.90
N GLU A 830 44.17 -30.72 22.86
CA GLU A 830 43.70 -31.35 24.09
C GLU A 830 44.84 -31.93 24.89
N LEU A 831 45.80 -32.58 24.23
CA LEU A 831 46.94 -33.17 24.91
C LEU A 831 48.24 -32.43 24.63
N GLY A 832 48.14 -31.13 24.33
CA GLY A 832 49.17 -30.17 24.70
C GLY A 832 50.39 -30.04 23.83
N LEU A 833 50.33 -30.44 22.56
CA LEU A 833 51.46 -30.19 21.67
C LEU A 833 51.48 -28.76 21.16
N ILE A 834 50.33 -28.17 20.87
CA ILE A 834 50.32 -26.85 20.28
C ILE A 834 49.65 -25.86 21.22
N ARG A 835 49.93 -24.59 20.97
CA ARG A 835 49.25 -23.49 21.65
C ARG A 835 48.73 -22.52 20.61
N LYS A 836 47.54 -21.99 20.86
CA LYS A 836 46.91 -21.03 19.98
C LYS A 836 46.31 -19.95 20.87
N PRO A 837 46.55 -18.68 20.57
CA PRO A 837 46.03 -17.62 21.43
C PRO A 837 44.53 -17.46 21.27
N ALA A 838 43.84 -17.34 22.40
CA ALA A 838 42.41 -17.04 22.37
C ALA A 838 42.21 -15.60 21.94
N SER A 839 41.35 -15.40 20.95
CA SER A 839 41.13 -14.08 20.40
C SER A 839 40.04 -13.30 21.12
N PHE A 840 39.38 -13.89 22.11
CA PHE A 840 38.30 -13.28 22.84
C PHE A 840 38.52 -13.46 24.34
N MET A 841 38.05 -12.47 25.11
CA MET A 841 37.92 -12.67 26.54
C MET A 841 36.52 -12.26 26.98
N THR A 842 35.99 -12.99 27.95
CA THR A 842 34.70 -12.69 28.56
C THR A 842 34.81 -12.89 30.06
N SER A 843 33.98 -12.16 30.79
CA SER A 843 33.95 -12.36 32.23
C SER A 843 32.56 -12.29 32.84
N ILE A 844 31.49 -12.38 32.06
CA ILE A 844 30.18 -12.14 32.64
C ILE A 844 29.45 -13.46 32.81
N CYS A 845 29.84 -14.49 32.04
CA CYS A 845 29.04 -15.70 31.98
C CYS A 845 29.89 -16.87 31.53
N ASP A 846 29.80 -17.98 32.26
CA ASP A 846 30.44 -19.24 31.93
C ASP A 846 29.35 -20.29 31.75
N GLU A 847 29.29 -20.85 30.55
CA GLU A 847 28.25 -21.79 30.18
C GLU A 847 28.79 -23.13 29.70
N ARG A 848 30.09 -23.36 29.80
CA ARG A 848 30.62 -24.58 29.19
C ARG A 848 30.71 -25.72 30.22
N GLY A 849 29.70 -25.86 31.07
CA GLY A 849 29.80 -26.77 32.19
C GLY A 849 28.47 -27.29 32.70
N GLN A 850 28.44 -27.78 33.93
CA GLN A 850 27.25 -28.42 34.47
C GLN A 850 26.15 -27.40 34.78
N GLU A 851 26.52 -26.19 35.15
CA GLU A 851 25.54 -25.16 35.43
C GLU A 851 25.93 -23.87 34.73
N LEU A 852 24.92 -23.08 34.40
CA LEU A 852 25.13 -21.72 33.94
C LEU A 852 25.68 -20.90 35.09
N ILE A 853 26.73 -20.14 34.83
CA ILE A 853 27.40 -19.35 35.84
C ILE A 853 27.31 -17.89 35.42
N TYR A 854 26.71 -17.07 36.26
CA TYR A 854 26.63 -15.63 36.04
C TYR A 854 27.66 -14.98 36.94
N ALA A 855 28.82 -14.63 36.35
CA ALA A 855 29.89 -13.90 37.00
C ALA A 855 30.42 -14.58 38.26
N GLY A 856 30.62 -15.89 38.19
CA GLY A 856 31.09 -16.64 39.33
C GLY A 856 29.98 -17.25 40.17
N MET A 857 28.74 -16.79 40.02
CA MET A 857 27.63 -17.32 40.78
C MET A 857 26.80 -18.24 39.92
N PRO A 858 26.63 -19.50 40.31
CA PRO A 858 25.84 -20.44 39.51
C PRO A 858 24.37 -20.07 39.46
N ILE A 859 23.69 -20.56 38.42
CA ILE A 859 22.30 -20.21 38.19
C ILE A 859 21.38 -20.76 39.28
N THR A 860 21.79 -21.79 39.99
CA THR A 860 20.98 -22.28 41.10
C THR A 860 21.06 -21.35 42.30
N GLU A 861 22.25 -20.84 42.57
CA GLU A 861 22.46 -19.94 43.70
C GLU A 861 22.01 -18.52 43.42
N VAL A 862 21.83 -18.16 42.15
CA VAL A 862 21.15 -16.91 41.82
C VAL A 862 19.71 -16.95 42.31
N PHE A 863 19.05 -18.10 42.18
CA PHE A 863 17.66 -18.22 42.58
C PHE A 863 17.48 -18.60 44.04
N LYS A 864 18.47 -19.26 44.65
CA LYS A 864 18.38 -19.56 46.08
C LYS A 864 18.55 -18.30 46.93
N GLU A 865 19.30 -17.33 46.44
CA GLU A 865 19.60 -16.13 47.19
C GLU A 865 18.61 -15.00 46.93
N GLU A 866 17.51 -15.30 46.22
CA GLU A 866 16.42 -14.40 45.84
C GLU A 866 16.85 -13.05 45.29
N MET A 867 17.93 -12.99 44.52
CA MET A 867 18.21 -11.80 43.73
C MET A 867 17.37 -11.89 42.47
N GLY A 868 16.96 -10.75 41.95
CA GLY A 868 16.03 -10.76 40.85
C GLY A 868 16.64 -10.34 39.54
N ILE A 869 15.88 -9.58 38.75
CA ILE A 869 16.41 -9.06 37.49
C ILE A 869 17.48 -8.00 37.76
N GLY A 870 17.29 -7.18 38.79
CA GLY A 870 18.34 -6.25 39.18
C GLY A 870 19.52 -6.92 39.84
N GLY A 871 19.33 -8.11 40.38
CA GLY A 871 20.41 -8.89 40.94
C GLY A 871 21.26 -9.60 39.91
N VAL A 872 20.65 -10.03 38.80
CA VAL A 872 21.45 -10.58 37.70
C VAL A 872 21.99 -9.48 36.81
N LEU A 873 21.42 -8.28 36.87
CA LEU A 873 22.00 -7.13 36.20
C LEU A 873 23.27 -6.68 36.89
N GLY A 874 23.38 -6.89 38.20
CA GLY A 874 24.62 -6.59 38.87
C GLY A 874 25.68 -7.62 38.61
N LEU A 875 25.29 -8.82 38.22
CA LEU A 875 26.23 -9.88 37.90
C LEU A 875 26.70 -9.79 36.46
N LEU A 876 25.77 -9.60 35.54
CA LEU A 876 26.15 -9.58 34.13
C LEU A 876 26.82 -8.28 33.74
N TRP A 877 26.44 -7.16 34.35
CA TRP A 877 26.98 -5.88 33.91
C TRP A 877 28.14 -5.41 34.77
N PHE A 878 28.11 -5.68 36.07
CA PHE A 878 29.14 -5.20 36.97
C PHE A 878 30.00 -6.29 37.59
N GLN A 879 29.61 -7.57 37.46
CA GLN A 879 30.26 -8.73 38.09
C GLN A 879 30.37 -8.60 39.60
N LYS A 880 29.32 -8.09 40.21
CA LYS A 880 29.28 -7.92 41.65
C LYS A 880 27.94 -8.35 42.20
N ARG A 881 27.96 -8.96 43.37
CA ARG A 881 26.74 -9.24 44.09
C ARG A 881 26.36 -8.00 44.88
N LEU A 882 25.48 -7.19 44.30
CA LEU A 882 25.04 -5.95 44.89
C LEU A 882 24.15 -6.21 46.09
N PRO A 883 24.06 -5.27 47.03
CA PRO A 883 23.11 -5.43 48.13
C PRO A 883 21.68 -5.37 47.65
N LYS A 884 20.78 -5.86 48.50
CA LYS A 884 19.38 -6.04 48.10
C LYS A 884 18.66 -4.72 47.83
N TYR A 885 19.11 -3.61 48.41
CA TYR A 885 18.55 -2.33 48.01
C TYR A 885 19.06 -1.89 46.65
N SER A 886 20.32 -2.21 46.32
CA SER A 886 20.88 -1.84 45.03
C SER A 886 20.27 -2.65 43.91
N CYS A 887 19.96 -3.92 44.16
CA CYS A 887 19.28 -4.74 43.17
C CYS A 887 17.85 -4.27 42.96
N GLN A 888 17.16 -3.90 44.03
CA GLN A 888 15.78 -3.46 43.95
C GLN A 888 15.64 -2.03 43.43
N PHE A 889 16.64 -1.17 43.66
CA PHE A 889 16.64 0.15 43.06
C PHE A 889 16.81 0.09 41.55
N ILE A 890 17.61 -0.85 41.06
CA ILE A 890 17.79 -1.05 39.63
C ILE A 890 16.49 -1.50 38.99
N GLU A 891 15.75 -2.38 39.65
CA GLU A 891 14.47 -2.83 39.15
C GLU A 891 13.44 -1.70 39.12
N MET A 892 13.49 -0.77 40.07
CA MET A 892 12.61 0.39 40.04
C MET A 892 12.94 1.35 38.90
N CYS A 893 14.22 1.45 38.54
CA CYS A 893 14.63 2.28 37.42
C CYS A 893 14.14 1.72 36.09
N LEU A 894 14.05 0.40 35.98
CA LEU A 894 13.60 -0.24 34.76
C LEU A 894 12.10 -0.12 34.57
N MET A 895 11.34 0.13 35.63
CA MET A 895 9.90 0.27 35.54
C MET A 895 9.45 1.71 35.29
N VAL A 896 10.21 2.70 35.76
CA VAL A 896 9.87 4.07 35.44
C VAL A 896 10.40 4.49 34.07
N THR A 897 11.42 3.81 33.56
CA THR A 897 11.90 4.04 32.21
C THR A 897 11.26 3.09 31.22
N ALA A 898 10.24 2.34 31.63
CA ALA A 898 9.72 1.25 30.81
C ALA A 898 9.01 1.78 29.57
N ASP A 899 8.14 2.77 29.73
CA ASP A 899 7.54 3.42 28.58
C ASP A 899 7.16 4.83 28.96
N HIS A 900 7.07 5.69 27.95
CA HIS A 900 6.56 7.05 28.10
C HIS A 900 5.69 7.41 26.91
N GLY A 901 4.83 6.48 26.50
CA GLY A 901 3.87 6.76 25.46
C GLY A 901 4.45 6.64 24.07
N PRO A 902 3.59 6.70 23.06
CA PRO A 902 4.01 6.49 21.67
C PRO A 902 4.51 7.75 20.96
N ALA A 903 4.51 8.90 21.62
CA ALA A 903 4.88 10.14 20.96
C ALA A 903 6.38 10.36 20.93
N VAL A 904 7.14 9.63 21.74
CA VAL A 904 8.59 9.81 21.75
C VAL A 904 9.17 9.23 20.47
N SER A 905 10.44 9.58 20.20
CA SER A 905 11.03 9.33 18.90
C SER A 905 11.29 7.85 18.67
N GLY A 906 11.56 7.09 19.74
CA GLY A 906 11.81 5.67 19.57
C GLY A 906 10.54 4.87 19.46
N ALA A 907 9.53 5.22 20.27
CA ALA A 907 8.26 4.49 20.19
C ALA A 907 7.52 4.81 18.92
N HIS A 908 7.78 5.96 18.32
CA HIS A 908 7.28 6.26 16.99
C HIS A 908 7.84 5.28 15.96
N ASN A 909 9.16 5.11 15.94
CA ASN A 909 9.85 4.30 14.94
C ASN A 909 9.54 2.83 15.07
N THR A 910 9.32 2.35 16.30
CA THR A 910 8.88 0.98 16.52
C THR A 910 7.48 0.75 15.97
N ILE A 911 6.59 1.73 16.12
CA ILE A 911 5.23 1.62 15.63
C ILE A 911 5.20 1.64 14.10
N ILE A 912 6.03 2.48 13.47
CA ILE A 912 6.10 2.53 12.02
C ILE A 912 6.63 1.22 11.46
N CYS A 913 7.62 0.64 12.12
CA CYS A 913 8.18 -0.63 11.68
C CYS A 913 7.25 -1.80 12.00
N ALA A 914 6.45 -1.70 13.07
CA ALA A 914 5.46 -2.73 13.35
C ALA A 914 4.29 -2.65 12.39
N ARG A 915 3.93 -1.45 11.98
CA ARG A 915 2.85 -1.28 11.01
C ARG A 915 3.29 -1.58 9.60
N ALA A 916 4.60 -1.66 9.35
CA ALA A 916 5.12 -2.10 8.07
C ALA A 916 5.31 -3.60 7.99
N GLY A 917 4.71 -4.36 8.89
CA GLY A 917 4.72 -5.80 8.80
C GLY A 917 6.00 -6.48 9.19
N LYS A 918 6.89 -5.79 9.91
CA LYS A 918 8.15 -6.38 10.29
C LYS A 918 8.01 -7.18 11.57
N ASP A 919 9.03 -7.98 11.87
CA ASP A 919 8.98 -8.85 13.02
C ASP A 919 9.27 -8.07 14.30
N LEU A 920 9.29 -8.78 15.43
CA LEU A 920 9.50 -8.13 16.72
C LEU A 920 10.88 -7.52 16.81
N VAL A 921 11.89 -8.25 16.34
CA VAL A 921 13.26 -7.83 16.50
C VAL A 921 13.55 -6.61 15.63
N SER A 922 13.05 -6.62 14.40
CA SER A 922 13.24 -5.47 13.51
C SER A 922 12.49 -4.24 13.99
N SER A 923 11.29 -4.44 14.57
CA SER A 923 10.50 -3.31 15.03
C SER A 923 11.05 -2.71 16.31
N LEU A 924 11.46 -3.58 17.26
CA LEU A 924 12.13 -3.12 18.47
C LEU A 924 13.35 -2.30 18.15
N THR A 925 14.22 -2.84 17.30
CA THR A 925 15.50 -2.24 16.95
C THR A 925 15.35 -0.90 16.25
N SER A 926 14.38 -0.76 15.35
CA SER A 926 14.22 0.45 14.55
C SER A 926 13.90 1.66 15.41
N GLY A 927 13.29 1.45 16.57
CA GLY A 927 13.11 2.53 17.52
C GLY A 927 14.13 2.51 18.62
N LEU A 928 14.80 1.38 18.78
CA LEU A 928 15.80 1.27 19.82
C LEU A 928 17.06 2.04 19.42
N LEU A 929 17.29 2.16 18.12
CA LEU A 929 18.42 2.87 17.54
C LEU A 929 18.24 4.37 17.51
N THR A 930 17.08 4.88 17.93
CA THR A 930 16.90 6.30 18.13
C THR A 930 17.50 6.75 19.45
N ILE A 931 17.67 5.83 20.40
CA ILE A 931 18.28 6.13 21.70
C ILE A 931 19.75 6.45 21.51
N GLY A 932 20.21 7.49 22.17
CA GLY A 932 21.40 8.19 21.75
C GLY A 932 21.61 9.42 22.58
N ASP A 933 21.72 10.59 21.96
CA ASP A 933 21.92 11.85 22.68
C ASP A 933 20.65 12.66 22.89
N ARG A 934 19.83 12.88 21.86
CA ARG A 934 18.65 13.71 22.04
C ARG A 934 17.49 12.94 22.66
N PHE A 935 17.29 11.69 22.28
CA PHE A 935 16.27 10.84 22.88
C PHE A 935 16.97 9.80 23.74
N GLY A 936 16.68 9.81 25.04
CA GLY A 936 17.25 8.84 25.93
C GLY A 936 18.67 9.10 26.37
N GLY A 937 19.19 10.29 26.14
CA GLY A 937 20.56 10.58 26.50
C GLY A 937 20.75 11.32 27.80
N ALA A 938 19.66 11.79 28.38
CA ALA A 938 19.75 12.60 29.60
C ALA A 938 19.99 11.77 30.85
N LEU A 939 19.86 10.44 30.76
CA LEU A 939 20.24 9.57 31.88
C LEU A 939 21.75 9.64 32.13
N ASP A 940 22.51 9.44 31.07
CA ASP A 940 23.97 9.42 31.17
C ASP A 940 24.55 10.82 31.16
N ALA A 941 23.86 11.79 30.56
CA ALA A 941 24.35 13.16 30.54
C ALA A 941 24.21 13.85 31.89
N ALA A 942 23.10 13.62 32.59
CA ALA A 942 22.92 14.21 33.92
C ALA A 942 23.80 13.54 34.97
N ALA A 943 24.17 12.28 34.75
CA ALA A 943 25.12 11.64 35.66
C ALA A 943 26.50 12.23 35.51
N LYS A 944 26.97 12.35 34.26
CA LYS A 944 28.32 12.85 33.99
C LYS A 944 28.45 14.33 34.33
N MET A 945 27.40 15.11 34.13
CA MET A 945 27.44 16.54 34.42
C MET A 945 27.49 16.80 35.91
N PHE A 946 26.63 16.13 36.67
CA PHE A 946 26.59 16.35 38.11
C PHE A 946 27.78 15.72 38.81
N SER A 947 28.30 14.59 38.29
CA SER A 947 29.50 14.00 38.87
C SER A 947 30.71 14.88 38.65
N LYS A 948 30.82 15.50 37.47
CA LYS A 948 31.93 16.39 37.18
C LYS A 948 31.88 17.64 38.05
N ALA A 949 30.68 18.13 38.34
CA ALA A 949 30.54 19.32 39.17
C ALA A 949 30.79 19.01 40.64
N PHE A 950 30.32 17.86 41.11
CA PHE A 950 30.48 17.52 42.51
C PHE A 950 31.93 17.18 42.83
N ASP A 951 32.61 16.50 41.91
CA ASP A 951 34.00 16.12 42.14
C ASP A 951 34.94 17.30 41.99
N SER A 952 34.54 18.34 41.25
CA SER A 952 35.38 19.51 41.10
C SER A 952 35.34 20.43 42.31
N GLY A 953 34.42 20.20 43.24
CA GLY A 953 34.37 20.95 44.47
C GLY A 953 33.59 22.24 44.41
N ILE A 954 33.00 22.57 43.29
CA ILE A 954 32.21 23.80 43.18
C ILE A 954 30.85 23.59 43.84
N ILE A 955 30.37 24.63 44.51
CA ILE A 955 29.12 24.60 45.26
C ILE A 955 27.97 24.62 44.26
N PRO A 956 26.75 24.23 44.64
CA PRO A 956 25.64 24.22 43.65
C PRO A 956 25.30 25.57 43.05
N MET A 957 25.54 26.67 43.77
CA MET A 957 25.31 27.98 43.16
C MET A 957 26.37 28.30 42.10
N GLU A 958 27.61 27.89 42.35
CA GLU A 958 28.67 28.11 41.38
C GLU A 958 28.56 27.19 40.18
N PHE A 959 27.87 26.05 40.32
CA PHE A 959 27.64 25.17 39.19
C PHE A 959 26.53 25.69 38.29
N VAL A 960 25.47 26.25 38.90
CA VAL A 960 24.38 26.85 38.13
C VAL A 960 24.89 28.07 37.38
N ASN A 961 25.70 28.90 38.03
CA ASN A 961 26.26 30.07 37.39
C ASN A 961 27.32 29.72 36.35
N LYS A 962 28.01 28.59 36.52
CA LYS A 962 28.97 28.17 35.50
C LYS A 962 28.28 27.76 34.22
N MET A 963 27.23 26.92 34.32
CA MET A 963 26.52 26.43 33.14
C MET A 963 25.77 27.53 32.42
N LYS A 964 25.35 28.57 33.14
CA LYS A 964 24.73 29.73 32.50
C LYS A 964 25.71 30.48 31.63
N LYS A 965 26.96 30.64 32.10
CA LYS A 965 27.96 31.39 31.36
C LYS A 965 28.50 30.59 30.17
N GLU A 966 28.51 29.27 30.25
CA GLU A 966 28.90 28.46 29.10
C GLU A 966 27.80 28.31 28.07
N GLY A 967 26.60 28.81 28.35
CA GLY A 967 25.49 28.61 27.43
C GLY A 967 25.04 27.17 27.39
N LYS A 968 24.99 26.51 28.53
CA LYS A 968 24.58 25.12 28.63
C LYS A 968 23.44 25.00 29.60
N LEU A 969 22.40 24.27 29.20
CA LEU A 969 21.33 23.94 30.13
C LEU A 969 21.76 22.77 31.00
N ILE A 970 21.31 22.77 32.25
CA ILE A 970 21.63 21.66 33.14
C ILE A 970 20.83 20.43 32.71
N MET A 971 21.54 19.36 32.39
CA MET A 971 20.88 18.12 32.01
C MET A 971 20.28 17.46 33.23
N GLY A 972 19.06 16.97 33.10
CA GLY A 972 18.37 16.41 34.23
C GLY A 972 17.66 17.41 35.10
N ILE A 973 17.58 18.67 34.68
CA ILE A 973 16.82 19.70 35.36
C ILE A 973 15.76 20.22 34.39
N GLY A 974 14.53 20.16 34.78
CA GLY A 974 13.51 20.70 33.96
C GLY A 974 12.43 19.77 33.60
N HIS A 975 11.21 20.23 33.71
CA HIS A 975 10.06 19.47 33.29
C HIS A 975 9.11 20.48 32.74
N ARG A 976 8.37 20.11 31.72
CA ARG A 976 7.47 21.02 31.10
C ARG A 976 6.07 21.13 31.62
N VAL A 977 5.67 20.20 32.46
CA VAL A 977 4.34 20.16 33.00
C VAL A 977 4.29 20.16 34.48
N LYS A 978 4.91 19.19 35.12
CA LYS A 978 4.87 19.12 36.58
C LYS A 978 6.02 19.92 37.15
N SER A 979 5.71 20.88 38.01
CA SER A 979 6.77 21.78 38.43
C SER A 979 7.13 21.72 39.91
N ILE A 980 6.33 22.36 40.76
CA ILE A 980 6.65 22.45 42.19
C ILE A 980 5.38 22.91 42.88
N ASN A 981 5.11 22.31 44.05
CA ASN A 981 3.79 22.00 44.58
C ASN A 981 2.96 21.17 43.60
N ASN A 982 3.64 20.45 42.71
CA ASN A 982 3.01 19.63 41.67
C ASN A 982 4.10 18.69 41.16
N PRO A 983 4.52 17.73 41.97
CA PRO A 983 5.76 17.02 41.67
C PRO A 983 5.54 15.88 40.67
N ASP A 984 6.62 15.56 39.96
CA ASP A 984 6.63 14.34 39.15
C ASP A 984 6.63 13.15 40.09
N MET A 985 5.69 12.23 39.88
CA MET A 985 5.52 11.16 40.84
C MET A 985 6.57 10.06 40.65
N ARG A 986 7.07 9.87 39.42
CA ARG A 986 8.18 8.93 39.22
C ARG A 986 9.44 9.40 39.92
N VAL A 987 9.65 10.71 39.98
CA VAL A 987 10.75 11.28 40.73
C VAL A 987 10.54 11.09 42.22
N GLN A 988 9.31 11.28 42.71
CA GLN A 988 9.06 11.19 44.14
C GLN A 988 9.04 9.73 44.63
N ILE A 989 8.66 8.79 43.75
CA ILE A 989 8.73 7.37 44.10
C ILE A 989 10.17 6.93 44.29
N LEU A 990 11.03 7.27 43.33
CA LEU A 990 12.42 6.83 43.37
C LEU A 990 13.23 7.56 44.42
N LYS A 991 12.97 8.85 44.64
CA LYS A 991 13.66 9.60 45.67
C LYS A 991 13.34 9.08 47.07
N ASP A 992 12.11 8.60 47.27
CA ASP A 992 11.74 8.01 48.55
C ASP A 992 12.52 6.74 48.84
N TYR A 993 12.68 5.88 47.83
CA TYR A 993 13.42 4.64 48.02
C TYR A 993 14.90 4.93 48.27
N VAL A 994 15.45 5.92 47.56
CA VAL A 994 16.83 6.30 47.73
C VAL A 994 17.08 6.92 49.10
N ARG A 995 16.11 7.67 49.65
CA ARG A 995 16.31 8.29 50.94
C ARG A 995 16.31 7.29 52.09
N GLN A 996 15.37 6.34 52.11
CA GLN A 996 15.39 5.35 53.19
C GLN A 996 16.52 4.34 53.04
N HIS A 997 16.71 3.81 51.85
CA HIS A 997 17.51 2.59 51.72
C HIS A 997 18.98 2.83 51.44
N PHE A 998 19.34 3.88 50.74
CA PHE A 998 20.74 4.09 50.40
C PHE A 998 21.49 4.59 51.63
N PRO A 999 22.69 4.08 51.90
CA PRO A 999 23.40 4.51 53.11
C PRO A 999 23.93 5.93 53.05
N ALA A 1000 24.31 6.40 51.86
CA ALA A 1000 24.78 7.77 51.69
C ALA A 1000 24.53 8.18 50.26
N THR A 1001 24.01 9.39 50.07
CA THR A 1001 23.74 9.96 48.74
C THR A 1001 24.35 11.35 48.68
N PRO A 1002 25.65 11.46 48.42
CA PRO A 1002 26.26 12.80 48.35
C PRO A 1002 25.95 13.54 47.06
N LEU A 1003 25.85 12.85 45.93
CA LEU A 1003 25.50 13.51 44.68
C LEU A 1003 24.01 13.83 44.59
N LEU A 1004 23.15 13.01 45.19
CA LEU A 1004 21.73 13.33 45.21
C LEU A 1004 21.47 14.58 46.03
N ASP A 1005 22.14 14.74 47.17
CA ASP A 1005 22.03 15.97 47.94
C ASP A 1005 22.59 17.16 47.19
N TYR A 1006 23.62 16.95 46.38
CA TYR A 1006 24.11 18.01 45.50
C TYR A 1006 23.09 18.36 44.43
N ALA A 1007 22.45 17.35 43.83
CA ALA A 1007 21.50 17.58 42.76
C ALA A 1007 20.19 18.15 43.29
N LEU A 1008 19.86 17.86 44.54
CA LEU A 1008 18.69 18.45 45.17
C LEU A 1008 18.94 19.86 45.68
N GLU A 1009 20.20 20.29 45.73
CA GLU A 1009 20.52 21.68 46.03
C GLU A 1009 20.61 22.53 44.79
N VAL A 1010 20.96 21.92 43.65
CA VAL A 1010 20.84 22.60 42.36
C VAL A 1010 19.38 22.84 42.02
N GLU A 1011 18.52 21.88 42.37
CA GLU A 1011 17.08 22.03 42.17
C GLU A 1011 16.50 23.15 43.01
N LYS A 1012 17.00 23.37 44.22
CA LYS A 1012 16.52 24.49 45.02
C LYS A 1012 16.96 25.83 44.47
N ILE A 1013 17.97 25.86 43.61
CA ILE A 1013 18.42 27.09 42.96
C ILE A 1013 17.66 27.35 41.67
N THR A 1014 17.53 26.33 40.83
CA THR A 1014 16.86 26.50 39.54
C THR A 1014 15.35 26.62 39.68
N THR A 1015 14.77 26.23 40.81
CA THR A 1015 13.35 26.45 41.05
C THR A 1015 13.04 27.81 41.63
N SER A 1016 14.06 28.62 41.91
CA SER A 1016 13.87 30.03 42.18
C SER A 1016 13.92 30.87 40.91
N LYS A 1017 14.15 30.25 39.76
CA LYS A 1017 14.10 30.93 38.47
C LYS A 1017 12.78 30.68 37.77
N LYS A 1018 12.49 29.42 37.48
CA LYS A 1018 11.22 28.92 37.01
C LYS A 1018 10.77 27.81 37.95
N PRO A 1019 9.47 27.70 38.24
CA PRO A 1019 9.00 26.53 38.99
C PRO A 1019 9.21 25.20 38.27
N ASN A 1020 9.30 25.22 36.94
CA ASN A 1020 9.41 24.02 36.13
C ASN A 1020 10.73 23.29 36.30
N LEU A 1021 11.78 23.97 36.74
CA LEU A 1021 13.14 23.46 36.65
C LEU A 1021 13.47 22.54 37.82
N ILE A 1022 12.89 21.35 37.79
CA ILE A 1022 13.07 20.35 38.83
C ILE A 1022 13.86 19.18 38.28
N LEU A 1023 14.22 18.26 39.17
CA LEU A 1023 14.92 17.04 38.76
C LEU A 1023 13.98 16.16 37.95
N ASN A 1024 14.46 15.73 36.79
CA ASN A 1024 13.72 14.78 35.99
C ASN A 1024 13.83 13.39 36.59
N VAL A 1025 13.07 12.46 36.00
CA VAL A 1025 13.37 11.06 36.19
C VAL A 1025 14.64 10.71 35.41
N ASP A 1026 14.94 11.46 34.35
CA ASP A 1026 16.22 11.33 33.66
C ASP A 1026 17.37 11.75 34.54
N GLY A 1027 17.17 12.78 35.34
CA GLY A 1027 18.22 13.34 36.16
C GLY A 1027 18.27 12.86 37.59
N LEU A 1028 17.22 12.20 38.06
CA LEU A 1028 17.32 11.59 39.39
C LEU A 1028 17.87 10.18 39.30
N ILE A 1029 17.52 9.43 38.25
CA ILE A 1029 18.12 8.12 38.04
C ILE A 1029 19.61 8.27 37.77
N GLY A 1030 19.99 9.32 37.04
CA GLY A 1030 21.39 9.54 36.75
C GLY A 1030 22.24 9.81 37.98
N VAL A 1031 21.72 10.59 38.91
CA VAL A 1031 22.53 10.94 40.08
C VAL A 1031 22.36 9.95 41.23
N ALA A 1032 21.32 9.12 41.22
CA ALA A 1032 21.18 8.10 42.24
C ALA A 1032 21.80 6.77 41.84
N PHE A 1033 22.04 6.57 40.54
CA PHE A 1033 22.83 5.43 40.09
C PHE A 1033 24.31 5.64 40.33
N VAL A 1034 24.79 6.89 40.21
CA VAL A 1034 26.15 7.20 40.60
C VAL A 1034 26.33 7.02 42.10
N ASP A 1035 25.35 7.48 42.89
CA ASP A 1035 25.36 7.25 44.33
C ASP A 1035 25.17 5.79 44.69
N MET A 1036 24.51 5.01 43.83
CA MET A 1036 24.42 3.58 44.09
C MET A 1036 25.74 2.91 43.78
N LEU A 1037 26.47 3.39 42.78
CA LEU A 1037 27.72 2.73 42.41
C LEU A 1037 28.82 3.02 43.43
N ARG A 1038 29.06 4.28 43.72
CA ARG A 1038 30.22 4.64 44.52
C ARG A 1038 29.96 4.70 46.02
N ASN A 1039 28.76 4.36 46.47
CA ASN A 1039 28.46 4.43 47.90
C ASN A 1039 27.65 3.24 48.36
N CYS A 1040 27.83 2.08 47.71
CA CYS A 1040 27.24 0.84 48.20
C CYS A 1040 28.25 -0.17 48.71
N GLY A 1041 29.55 0.06 48.50
CA GLY A 1041 30.59 -0.77 49.04
C GLY A 1041 31.12 -1.82 48.09
N SER A 1042 30.39 -2.13 47.02
CA SER A 1042 30.86 -3.13 46.06
C SER A 1042 31.96 -2.58 45.15
N PHE A 1043 31.91 -1.30 44.84
CA PHE A 1043 32.78 -0.68 43.84
C PHE A 1043 33.80 0.22 44.51
N THR A 1044 34.97 0.34 43.90
CA THR A 1044 35.91 1.38 44.27
C THR A 1044 35.56 2.67 43.53
N ARG A 1045 36.32 3.72 43.78
CA ARG A 1045 36.00 5.00 43.15
C ARG A 1045 36.37 5.03 41.68
N GLU A 1046 37.54 4.49 41.31
CA GLU A 1046 37.93 4.45 39.92
C GLU A 1046 37.14 3.41 39.14
N GLU A 1047 36.53 2.45 39.83
CA GLU A 1047 35.79 1.41 39.14
C GLU A 1047 34.36 1.85 38.88
N ALA A 1048 33.76 2.55 39.83
CA ALA A 1048 32.43 3.12 39.63
C ALA A 1048 32.44 4.22 38.60
N ASP A 1049 33.54 4.97 38.51
CA ASP A 1049 33.67 6.01 37.50
C ASP A 1049 33.83 5.43 36.10
N GLU A 1050 34.31 4.20 35.98
CA GLU A 1050 34.45 3.56 34.67
C GLU A 1050 33.10 3.24 34.07
N TYR A 1051 32.15 2.79 34.90
CA TYR A 1051 30.83 2.39 34.43
C TYR A 1051 30.02 3.57 33.92
N ILE A 1052 30.21 4.75 34.51
CA ILE A 1052 29.55 5.94 34.02
C ILE A 1052 30.13 6.35 32.68
N ASP A 1053 31.45 6.20 32.51
CA ASP A 1053 32.09 6.57 31.25
C ASP A 1053 31.74 5.59 30.13
N ILE A 1054 31.76 4.29 30.39
CA ILE A 1054 31.53 3.33 29.30
C ILE A 1054 30.06 3.16 28.99
N GLY A 1055 29.16 3.72 29.80
CA GLY A 1055 27.76 3.79 29.43
C GLY A 1055 26.82 2.83 30.12
N ALA A 1056 26.96 2.65 31.43
CA ALA A 1056 26.05 1.78 32.16
C ALA A 1056 24.66 2.38 32.33
N LEU A 1057 24.54 3.71 32.40
CA LEU A 1057 23.23 4.35 32.41
C LEU A 1057 22.63 4.50 31.03
N ASN A 1058 23.42 4.34 29.98
CA ASN A 1058 22.82 4.16 28.67
C ASN A 1058 22.07 2.84 28.61
N GLY A 1059 22.63 1.79 29.19
CA GLY A 1059 21.98 0.49 29.18
C GLY A 1059 20.77 0.38 30.08
N ILE A 1060 20.68 1.24 31.11
CA ILE A 1060 19.51 1.24 31.97
C ILE A 1060 18.28 1.75 31.22
N PHE A 1061 18.44 2.82 30.45
CA PHE A 1061 17.33 3.31 29.63
C PHE A 1061 17.03 2.32 28.51
N VAL A 1062 18.06 1.79 27.86
CA VAL A 1062 17.87 0.90 26.72
C VAL A 1062 17.22 -0.42 27.12
N LEU A 1063 17.64 -1.01 28.24
CA LEU A 1063 16.94 -2.19 28.74
C LEU A 1063 15.56 -1.84 29.28
N GLY A 1064 15.43 -0.67 29.91
CA GLY A 1064 14.13 -0.24 30.39
C GLY A 1064 13.16 0.06 29.28
N ARG A 1065 13.57 0.86 28.29
CA ARG A 1065 12.65 1.26 27.23
C ARG A 1065 12.39 0.15 26.22
N SER A 1066 13.21 -0.90 26.20
CA SER A 1066 12.89 -2.07 25.38
C SER A 1066 11.64 -2.78 25.87
N MET A 1067 11.34 -2.66 27.16
CA MET A 1067 10.14 -3.24 27.73
C MET A 1067 8.88 -2.62 27.16
N GLY A 1068 8.88 -1.31 26.95
CA GLY A 1068 7.72 -0.65 26.39
C GLY A 1068 7.71 -0.61 24.87
N PHE A 1069 8.88 -0.75 24.24
CA PHE A 1069 8.92 -0.80 22.79
C PHE A 1069 8.41 -2.13 22.25
N ILE A 1070 8.68 -3.23 22.96
CA ILE A 1070 8.08 -4.51 22.58
C ILE A 1070 6.58 -4.47 22.82
N GLY A 1071 6.14 -3.82 23.89
CA GLY A 1071 4.71 -3.62 24.11
C GLY A 1071 4.07 -2.74 23.07
N HIS A 1072 4.83 -1.80 22.50
CA HIS A 1072 4.33 -1.01 21.39
C HIS A 1072 4.30 -1.81 20.10
N TYR A 1073 5.20 -2.79 19.95
CA TYR A 1073 5.11 -3.69 18.81
C TYR A 1073 3.88 -4.58 18.92
N LEU A 1074 3.70 -5.19 20.08
CA LEU A 1074 2.60 -6.13 20.30
C LEU A 1074 1.25 -5.43 20.28
N ASP A 1075 1.23 -4.12 20.52
CA ASP A 1075 -0.01 -3.36 20.44
C ASP A 1075 -0.45 -3.19 18.99
N GLN A 1076 0.46 -2.80 18.11
CA GLN A 1076 0.11 -2.57 16.71
C GLN A 1076 -0.15 -3.86 15.94
N LYS A 1077 0.33 -5.00 16.44
CA LYS A 1077 -0.10 -6.29 15.91
C LYS A 1077 -1.46 -6.70 16.44
N ARG A 1078 -1.79 -6.27 17.66
CA ARG A 1078 -3.09 -6.57 18.25
C ARG A 1078 -4.19 -5.80 17.53
N LEU A 1079 -3.96 -4.50 17.32
CA LEU A 1079 -4.91 -3.59 16.68
C LEU A 1079 -4.95 -3.74 15.17
N LYS A 1080 -4.03 -4.52 14.59
CA LYS A 1080 -3.96 -4.82 13.15
C LYS A 1080 -3.87 -3.55 12.31
N GLN A 1081 -3.00 -2.64 12.73
CA GLN A 1081 -2.83 -1.38 12.02
C GLN A 1081 -2.05 -1.60 10.72
N GLY A 1082 -2.49 -0.92 9.67
CA GLY A 1082 -1.87 -1.03 8.37
C GLY A 1082 -0.68 -0.11 8.21
N LEU A 1083 -0.11 -0.13 7.00
CA LEU A 1083 1.11 0.58 6.70
C LEU A 1083 0.92 2.09 6.79
N TYR A 1084 1.89 2.77 7.40
CA TYR A 1084 1.83 4.20 7.60
C TYR A 1084 2.58 4.94 6.51
N ARG A 1085 1.91 5.90 5.90
CA ARG A 1085 2.55 6.88 5.04
C ARG A 1085 2.28 8.24 5.65
N HIS A 1086 3.33 9.05 5.78
CA HIS A 1086 3.17 10.36 6.39
C HIS A 1086 2.41 11.29 5.45
N PRO A 1087 1.54 12.15 5.99
CA PRO A 1087 0.79 13.08 5.13
C PRO A 1087 1.70 14.10 4.46
N TRP A 1088 1.33 14.44 3.22
CA TRP A 1088 2.12 15.39 2.45
C TRP A 1088 1.96 16.83 2.95
N ASP A 1089 0.86 17.12 3.65
CA ASP A 1089 0.64 18.45 4.17
C ASP A 1089 1.43 18.73 5.44
N ASP A 1090 2.02 17.69 6.03
CA ASP A 1090 2.83 17.85 7.22
C ASP A 1090 4.32 17.98 6.86
N ILE A 1091 4.67 17.79 5.59
CA ILE A 1091 6.04 17.90 5.11
C ILE A 1091 6.16 19.15 4.27
N SER A 1092 7.24 19.90 4.48
CA SER A 1092 7.51 21.15 3.75
C SER A 1092 8.61 20.89 2.74
N TYR A 1093 8.24 20.85 1.45
CA TYR A 1093 9.19 20.54 0.39
C TYR A 1093 9.88 21.82 -0.05
N VAL A 1094 11.19 21.91 0.21
CA VAL A 1094 11.96 23.12 -0.09
C VAL A 1094 13.11 22.83 -1.05
N LEU A 1095 12.86 21.91 -2.00
CA LEU A 1095 13.79 21.46 -3.05
C LEU A 1095 14.38 22.61 -3.86
N PRO A 1096 15.58 22.44 -4.43
CA PRO A 1096 16.14 23.49 -5.29
C PRO A 1096 15.37 23.64 -6.59
N GLU A 1097 15.68 24.72 -7.30
CA GLU A 1097 14.90 25.09 -8.48
C GLU A 1097 15.17 24.16 -9.65
N HIS A 1098 16.44 24.02 -10.05
CA HIS A 1098 16.78 23.01 -11.05
C HIS A 1098 18.13 22.34 -10.78
N MET A 1099 18.70 22.48 -9.59
CA MET A 1099 20.01 21.90 -9.29
C MET A 1099 19.88 20.43 -8.92
N SER B 2 -26.78 -2.66 -22.53
CA SER B 2 -27.05 -1.84 -23.70
C SER B 2 -27.12 -2.71 -24.95
N ALA B 3 -28.33 -2.94 -25.43
CA ALA B 3 -28.53 -3.78 -26.61
C ALA B 3 -28.15 -3.00 -27.85
N LYS B 4 -27.07 -3.41 -28.50
CA LYS B 4 -26.56 -2.75 -29.68
C LYS B 4 -26.78 -3.66 -30.88
N ALA B 5 -27.43 -3.13 -31.91
CA ALA B 5 -27.71 -3.93 -33.10
C ALA B 5 -26.44 -4.19 -33.89
N ILE B 6 -26.23 -5.45 -34.23
CA ILE B 6 -25.11 -5.87 -35.05
C ILE B 6 -25.62 -6.05 -36.47
N SER B 7 -24.69 -6.10 -37.41
CA SER B 7 -25.04 -6.19 -38.81
C SER B 7 -25.50 -7.60 -39.17
N GLU B 8 -26.06 -7.73 -40.37
CA GLU B 8 -26.51 -9.04 -40.83
C GLU B 8 -25.33 -9.97 -41.09
N GLN B 9 -24.22 -9.44 -41.60
CA GLN B 9 -23.01 -10.23 -41.81
C GLN B 9 -22.41 -10.70 -40.48
N THR B 10 -22.36 -9.81 -39.49
CA THR B 10 -21.77 -10.16 -38.20
C THR B 10 -22.61 -11.19 -37.45
N GLY B 11 -23.93 -11.14 -37.64
CA GLY B 11 -24.77 -12.12 -36.98
C GLY B 11 -24.71 -13.48 -37.64
N LYS B 12 -24.59 -13.51 -38.97
CA LYS B 12 -24.51 -14.78 -39.68
C LYS B 12 -23.18 -15.48 -39.42
N GLU B 13 -22.08 -14.73 -39.38
CA GLU B 13 -20.79 -15.36 -39.10
C GLU B 13 -20.72 -15.85 -37.66
N LEU B 14 -21.42 -15.20 -36.74
CA LEU B 14 -21.53 -15.73 -35.39
C LEU B 14 -22.42 -16.96 -35.34
N LEU B 15 -23.45 -16.99 -36.17
CA LEU B 15 -24.35 -18.14 -36.21
C LEU B 15 -23.63 -19.35 -36.80
N TYR B 16 -22.94 -19.17 -37.91
CA TYR B 16 -22.30 -20.29 -38.59
C TYR B 16 -21.14 -20.86 -37.78
N LYS B 17 -20.43 -20.03 -37.04
CA LYS B 17 -19.36 -20.52 -36.18
C LYS B 17 -19.89 -21.25 -34.95
N PHE B 18 -21.02 -20.81 -34.40
CA PHE B 18 -21.38 -21.18 -33.04
C PHE B 18 -22.71 -21.90 -32.85
N ILE B 19 -23.50 -22.10 -33.89
CA ILE B 19 -24.75 -22.82 -33.69
C ILE B 19 -24.44 -24.31 -33.59
N CYS B 20 -25.29 -25.04 -32.90
CA CYS B 20 -25.15 -26.47 -32.71
C CYS B 20 -26.45 -27.13 -33.13
N THR B 21 -26.50 -27.58 -34.37
CA THR B 21 -27.69 -28.20 -34.94
C THR B 21 -27.31 -29.56 -35.49
N THR B 22 -28.11 -30.58 -35.17
CA THR B 22 -27.85 -31.91 -35.74
C THR B 22 -28.18 -31.96 -37.23
N SER B 23 -28.99 -31.02 -37.72
CA SER B 23 -29.14 -30.82 -39.14
C SER B 23 -28.03 -29.90 -39.63
N ALA B 24 -27.57 -30.14 -40.86
CA ALA B 24 -26.51 -29.31 -41.43
C ALA B 24 -27.08 -27.99 -41.90
N ILE B 25 -26.51 -26.88 -41.43
CA ILE B 25 -26.89 -25.57 -41.94
C ILE B 25 -26.29 -25.40 -43.33
N GLN B 26 -27.09 -24.91 -44.27
CA GLN B 26 -26.64 -24.79 -45.65
C GLN B 26 -26.24 -23.35 -45.94
N ASN B 27 -25.42 -23.21 -46.99
CA ASN B 27 -24.76 -21.96 -47.38
C ASN B 27 -23.99 -21.33 -46.22
N ARG B 28 -23.25 -22.15 -45.48
CA ARG B 28 -22.44 -21.63 -44.39
C ARG B 28 -21.26 -20.85 -44.93
N PHE B 29 -21.06 -19.66 -44.37
CA PHE B 29 -19.99 -18.70 -44.70
C PHE B 29 -20.01 -18.27 -46.16
N LYS B 30 -21.16 -18.39 -46.83
CA LYS B 30 -21.31 -17.93 -48.20
C LYS B 30 -21.80 -16.49 -48.23
N TYR B 31 -21.02 -15.63 -47.60
CA TYR B 31 -21.29 -14.20 -47.58
C TYR B 31 -20.06 -13.46 -48.12
N ALA B 32 -20.31 -12.42 -48.91
CA ALA B 32 -19.25 -11.60 -49.48
C ALA B 32 -19.63 -10.14 -49.30
N ARG B 33 -18.75 -9.37 -48.66
CA ARG B 33 -19.03 -7.99 -48.29
C ARG B 33 -18.54 -7.05 -49.39
N VAL B 34 -19.40 -6.14 -49.83
CA VAL B 34 -19.11 -5.26 -50.95
C VAL B 34 -19.18 -3.82 -50.46
N THR B 35 -18.08 -3.10 -50.63
CA THR B 35 -17.91 -1.70 -50.32
C THR B 35 -17.54 -0.94 -51.59
N PRO B 36 -17.77 0.38 -51.66
CA PRO B 36 -17.32 1.13 -52.85
C PRO B 36 -15.83 1.36 -52.94
N ASP B 37 -15.04 0.87 -51.99
CA ASP B 37 -13.58 0.95 -52.02
C ASP B 37 -12.98 -0.44 -51.92
N THR B 38 -13.49 -1.37 -52.73
CA THR B 38 -12.98 -2.73 -52.76
C THR B 38 -12.51 -3.08 -54.16
N ASP B 39 -11.71 -4.13 -54.27
CA ASP B 39 -11.26 -4.65 -55.55
C ASP B 39 -11.99 -5.95 -55.84
N TRP B 40 -12.59 -6.05 -57.02
CA TRP B 40 -13.36 -7.24 -57.34
C TRP B 40 -12.47 -8.44 -57.62
N ALA B 41 -11.19 -8.21 -57.95
CA ALA B 41 -10.26 -9.32 -58.09
C ALA B 41 -9.98 -9.99 -56.74
N ARG B 42 -10.08 -9.23 -55.65
CA ARG B 42 -9.89 -9.82 -54.33
C ARG B 42 -11.09 -10.66 -53.92
N LEU B 43 -12.30 -10.22 -54.28
CA LEU B 43 -13.50 -10.97 -53.91
C LEU B 43 -13.61 -12.27 -54.68
N LEU B 44 -13.28 -12.25 -55.97
CA LEU B 44 -13.37 -13.46 -56.79
C LEU B 44 -12.27 -14.46 -56.47
N GLN B 45 -11.21 -14.03 -55.79
CA GLN B 45 -10.17 -14.93 -55.32
C GLN B 45 -10.41 -15.43 -53.91
N ASP B 46 -10.94 -14.56 -53.02
CA ASP B 46 -11.21 -14.99 -51.65
C ASP B 46 -12.38 -15.96 -51.59
N HIS B 47 -13.45 -15.68 -52.34
CA HIS B 47 -14.61 -16.55 -52.37
C HIS B 47 -14.79 -17.06 -53.80
N PRO B 48 -14.69 -18.37 -54.02
CA PRO B 48 -14.81 -18.91 -55.38
C PRO B 48 -16.22 -19.34 -55.79
N TRP B 49 -17.24 -19.03 -55.00
CA TRP B 49 -18.61 -19.43 -55.30
C TRP B 49 -19.39 -18.36 -56.06
N LEU B 50 -18.73 -17.30 -56.51
CA LEU B 50 -19.44 -16.18 -57.14
C LEU B 50 -19.93 -16.53 -58.54
N LEU B 51 -19.10 -17.21 -59.35
CA LEU B 51 -19.49 -17.49 -60.72
C LEU B 51 -20.49 -18.63 -60.82
N SER B 52 -20.41 -19.58 -59.88
CA SER B 52 -21.02 -20.90 -60.08
C SER B 52 -22.54 -20.88 -60.01
N GLN B 53 -23.12 -19.95 -59.25
CA GLN B 53 -24.55 -19.91 -59.04
C GLN B 53 -25.02 -18.47 -59.07
N ASN B 54 -26.35 -18.29 -59.03
CA ASN B 54 -26.95 -16.97 -59.02
C ASN B 54 -26.76 -16.32 -57.66
N LEU B 55 -26.97 -15.01 -57.61
CA LEU B 55 -26.64 -14.24 -56.43
C LEU B 55 -27.79 -13.30 -56.09
N VAL B 56 -27.85 -12.91 -54.83
CA VAL B 56 -28.75 -11.86 -54.36
C VAL B 56 -27.89 -10.88 -53.55
N VAL B 57 -28.26 -9.61 -53.60
CA VAL B 57 -27.46 -8.54 -53.01
C VAL B 57 -28.37 -7.60 -52.21
N LYS B 58 -27.92 -7.23 -51.02
CA LYS B 58 -28.67 -6.47 -50.03
C LYS B 58 -27.72 -5.50 -49.35
N PRO B 59 -28.17 -4.29 -49.01
CA PRO B 59 -27.30 -3.37 -48.26
C PRO B 59 -27.23 -3.76 -46.78
N ASP B 60 -26.00 -3.81 -46.28
CA ASP B 60 -25.75 -4.22 -44.90
C ASP B 60 -25.55 -2.96 -44.05
N GLN B 61 -26.61 -2.16 -43.99
CA GLN B 61 -26.60 -0.83 -43.38
C GLN B 61 -27.59 -0.70 -42.23
N LEU B 62 -27.96 -1.82 -41.62
CA LEU B 62 -29.06 -1.92 -40.65
C LEU B 62 -30.36 -1.35 -41.19
N ILE B 63 -30.66 -1.60 -42.45
CA ILE B 63 -31.91 -1.18 -43.05
C ILE B 63 -32.92 -2.31 -42.95
N LYS B 64 -34.08 -2.02 -42.41
CA LYS B 64 -35.19 -2.96 -42.37
C LYS B 64 -36.10 -2.66 -43.55
N ARG B 65 -36.81 -3.70 -44.02
CA ARG B 65 -37.72 -3.63 -45.18
C ARG B 65 -37.01 -3.22 -46.46
N ARG B 66 -35.86 -3.86 -46.74
CA ARG B 66 -35.10 -3.54 -47.94
C ARG B 66 -35.79 -4.04 -49.20
N GLY B 67 -36.55 -5.13 -49.11
CA GLY B 67 -37.20 -5.68 -50.28
C GLY B 67 -38.36 -4.86 -50.80
N LYS B 68 -38.89 -3.95 -49.99
CA LYS B 68 -40.01 -3.12 -50.41
C LYS B 68 -39.57 -1.72 -50.84
N LEU B 69 -38.29 -1.38 -50.67
CA LEU B 69 -37.71 -0.16 -51.22
C LEU B 69 -36.92 -0.42 -52.50
N GLY B 70 -36.98 -1.63 -53.05
CA GLY B 70 -36.22 -1.95 -54.24
C GLY B 70 -34.74 -2.08 -54.02
N LEU B 71 -34.32 -2.49 -52.82
CA LEU B 71 -32.91 -2.60 -52.48
C LEU B 71 -32.43 -4.04 -52.43
N VAL B 72 -33.24 -5.00 -52.89
CA VAL B 72 -32.86 -6.40 -52.92
C VAL B 72 -32.94 -6.86 -54.37
N GLY B 73 -31.80 -7.26 -54.94
CA GLY B 73 -31.77 -7.77 -56.30
C GLY B 73 -31.82 -9.29 -56.35
N VAL B 74 -33.00 -9.85 -56.60
CA VAL B 74 -33.27 -11.27 -56.42
C VAL B 74 -32.95 -12.01 -57.71
N ASN B 75 -32.16 -13.09 -57.58
CA ASN B 75 -31.78 -14.01 -58.66
C ASN B 75 -31.04 -13.26 -59.78
N LEU B 76 -29.86 -12.76 -59.41
CA LEU B 76 -28.99 -12.03 -60.31
C LEU B 76 -27.70 -12.81 -60.51
N THR B 77 -27.29 -12.97 -61.77
CA THR B 77 -25.97 -13.48 -62.08
C THR B 77 -24.94 -12.42 -61.70
N LEU B 78 -23.66 -12.82 -61.57
CA LEU B 78 -22.55 -11.95 -61.20
C LEU B 78 -22.45 -10.73 -62.10
N ASP B 79 -22.67 -10.91 -63.40
CA ASP B 79 -22.72 -9.77 -64.31
C ASP B 79 -23.94 -8.89 -64.07
N GLY B 80 -25.06 -9.48 -63.66
CA GLY B 80 -26.22 -8.68 -63.30
C GLY B 80 -26.04 -7.97 -61.97
N VAL B 81 -25.21 -8.53 -61.09
CA VAL B 81 -24.83 -7.83 -59.85
C VAL B 81 -23.95 -6.62 -60.13
N LYS B 82 -23.04 -6.71 -61.10
CA LYS B 82 -22.19 -5.57 -61.46
C LYS B 82 -23.03 -4.40 -61.97
N SER B 83 -24.04 -4.69 -62.79
CA SER B 83 -24.90 -3.63 -63.30
C SER B 83 -25.89 -3.14 -62.26
N TRP B 84 -26.18 -3.93 -61.23
CA TRP B 84 -27.20 -3.55 -60.25
C TRP B 84 -26.69 -2.48 -59.30
N LEU B 85 -25.45 -2.63 -58.82
CA LEU B 85 -24.95 -1.73 -57.79
C LEU B 85 -24.45 -0.40 -58.33
N LYS B 86 -24.23 -0.29 -59.65
CA LYS B 86 -23.74 0.98 -60.20
C LYS B 86 -24.69 2.18 -60.01
N PRO B 87 -26.02 2.08 -60.14
CA PRO B 87 -26.86 3.19 -59.69
C PRO B 87 -27.23 3.15 -58.22
N ARG B 88 -26.66 2.26 -57.41
CA ARG B 88 -27.07 2.17 -56.01
C ARG B 88 -25.90 2.26 -55.03
N LEU B 89 -24.75 1.67 -55.34
CA LEU B 89 -23.64 1.66 -54.40
C LEU B 89 -22.97 3.03 -54.29
N GLY B 90 -23.10 3.67 -53.12
CA GLY B 90 -22.41 4.90 -52.83
C GLY B 90 -23.26 6.15 -52.82
N GLN B 91 -24.51 6.11 -53.26
CA GLN B 91 -25.35 7.30 -53.22
C GLN B 91 -26.50 7.13 -52.24
N GLU B 92 -27.41 8.11 -52.28
CA GLU B 92 -28.39 8.33 -51.23
C GLU B 92 -29.62 7.44 -51.42
N ALA B 93 -30.29 7.16 -50.30
CA ALA B 93 -31.65 6.65 -50.27
C ALA B 93 -32.25 7.05 -48.93
N THR B 94 -33.58 7.02 -48.86
CA THR B 94 -34.28 7.48 -47.67
C THR B 94 -35.15 6.35 -47.16
N VAL B 95 -34.96 5.97 -45.90
CA VAL B 95 -35.74 4.94 -45.24
C VAL B 95 -36.48 5.62 -44.09
N GLY B 96 -37.73 5.96 -44.31
CA GLY B 96 -38.51 6.69 -43.31
C GLY B 96 -38.13 8.17 -43.32
N LYS B 97 -37.39 8.60 -42.30
CA LYS B 97 -36.94 9.98 -42.19
C LYS B 97 -35.45 10.15 -42.39
N ALA B 98 -34.63 9.23 -41.88
CA ALA B 98 -33.20 9.33 -42.00
C ALA B 98 -32.74 8.99 -43.41
N THR B 99 -31.66 9.64 -43.83
CA THR B 99 -31.15 9.53 -45.19
C THR B 99 -29.64 9.44 -45.13
N GLY B 100 -29.08 8.41 -45.77
CA GLY B 100 -27.65 8.21 -45.74
C GLY B 100 -27.14 7.54 -47.00
N PHE B 101 -25.84 7.31 -47.02
CA PHE B 101 -25.19 6.66 -48.15
C PHE B 101 -25.39 5.15 -48.10
N LEU B 102 -25.13 4.49 -49.21
CA LEU B 102 -25.26 3.05 -49.34
C LEU B 102 -23.87 2.51 -49.66
N LYS B 103 -23.13 2.12 -48.62
CA LYS B 103 -21.70 1.86 -48.73
C LYS B 103 -21.29 0.51 -48.18
N ASN B 104 -22.23 -0.41 -47.97
CA ASN B 104 -21.91 -1.74 -47.49
C ASN B 104 -22.99 -2.68 -47.98
N PHE B 105 -22.61 -3.59 -48.88
CA PHE B 105 -23.54 -4.54 -49.47
C PHE B 105 -23.04 -5.94 -49.18
N LEU B 106 -23.95 -6.91 -49.23
CA LEU B 106 -23.63 -8.30 -48.91
C LEU B 106 -24.04 -9.17 -50.10
N ILE B 107 -23.14 -10.04 -50.54
CA ILE B 107 -23.42 -11.03 -51.57
C ILE B 107 -23.64 -12.37 -50.89
N GLU B 108 -24.78 -12.99 -51.16
CA GLU B 108 -25.03 -14.35 -50.73
C GLU B 108 -25.77 -15.06 -51.85
N PRO B 109 -25.63 -16.38 -51.96
CA PRO B 109 -26.24 -17.09 -53.11
C PRO B 109 -27.75 -17.10 -53.06
N PHE B 110 -28.34 -17.22 -54.26
CA PHE B 110 -29.78 -17.37 -54.37
C PHE B 110 -30.20 -18.74 -53.84
N VAL B 111 -31.36 -18.78 -53.21
CA VAL B 111 -31.94 -20.00 -52.67
C VAL B 111 -33.22 -20.29 -53.44
N PRO B 112 -33.34 -21.44 -54.10
CA PRO B 112 -34.60 -21.78 -54.79
C PRO B 112 -35.63 -22.28 -53.79
N HIS B 113 -36.70 -21.50 -53.61
CA HIS B 113 -37.73 -21.85 -52.64
C HIS B 113 -39.08 -21.34 -53.10
N SER B 114 -40.11 -21.75 -52.37
CA SER B 114 -41.46 -21.26 -52.55
C SER B 114 -41.95 -20.62 -51.25
N GLN B 115 -43.20 -20.16 -51.25
CA GLN B 115 -43.79 -19.58 -50.06
C GLN B 115 -44.19 -20.62 -49.03
N ALA B 116 -44.19 -21.90 -49.38
CA ALA B 116 -44.31 -22.98 -48.41
C ALA B 116 -42.98 -23.35 -47.78
N GLU B 117 -41.90 -22.69 -48.17
CA GLU B 117 -40.57 -22.97 -47.65
C GLU B 117 -40.08 -21.90 -46.68
N GLU B 118 -40.61 -20.68 -46.77
CA GLU B 118 -40.19 -19.57 -45.93
C GLU B 118 -40.80 -19.70 -44.54
N PHE B 119 -39.97 -19.60 -43.51
CA PHE B 119 -40.41 -19.59 -42.13
C PHE B 119 -40.00 -18.27 -41.47
N TYR B 120 -40.20 -18.19 -40.17
CA TYR B 120 -39.91 -16.97 -39.41
C TYR B 120 -39.63 -17.37 -37.98
N VAL B 121 -38.40 -17.21 -37.52
CA VAL B 121 -38.06 -17.44 -36.12
C VAL B 121 -37.53 -16.15 -35.53
N CYS B 122 -38.11 -15.75 -34.40
CA CYS B 122 -37.67 -14.55 -33.69
C CYS B 122 -37.53 -14.91 -32.22
N ILE B 123 -36.38 -14.59 -31.64
CA ILE B 123 -36.13 -14.77 -30.21
C ILE B 123 -35.76 -13.40 -29.67
N TYR B 124 -36.54 -12.89 -28.72
CA TYR B 124 -36.25 -11.59 -28.11
C TYR B 124 -36.40 -11.67 -26.61
N ALA B 125 -35.65 -10.82 -25.91
CA ALA B 125 -35.61 -10.82 -24.46
C ALA B 125 -36.64 -9.86 -23.88
N THR B 126 -37.40 -10.36 -22.92
CA THR B 126 -38.25 -9.54 -22.05
C THR B 126 -37.73 -9.67 -20.63
N ARG B 127 -38.41 -9.03 -19.68
CA ARG B 127 -37.96 -9.08 -18.28
C ARG B 127 -38.15 -10.46 -17.69
N GLU B 128 -39.25 -11.11 -18.03
CA GLU B 128 -39.63 -12.40 -17.48
C GLU B 128 -39.02 -13.58 -18.22
N GLY B 129 -38.27 -13.34 -19.28
CA GLY B 129 -37.65 -14.41 -20.03
C GLY B 129 -37.47 -14.00 -21.48
N ASP B 130 -37.23 -15.00 -22.32
CA ASP B 130 -37.00 -14.80 -23.75
C ASP B 130 -38.17 -15.42 -24.51
N TYR B 131 -38.85 -14.61 -25.31
CA TYR B 131 -39.93 -15.12 -26.14
C TYR B 131 -39.36 -15.69 -27.43
N VAL B 132 -39.76 -16.91 -27.76
CA VAL B 132 -39.35 -17.56 -29.00
C VAL B 132 -40.57 -17.55 -29.93
N LEU B 133 -40.43 -16.90 -31.08
CA LEU B 133 -41.54 -16.78 -32.00
C LEU B 133 -41.41 -17.73 -33.17
N PHE B 134 -42.54 -18.01 -33.80
CA PHE B 134 -42.57 -18.87 -34.99
C PHE B 134 -43.80 -18.50 -35.80
N HIS B 135 -43.67 -18.62 -37.12
CA HIS B 135 -44.79 -18.42 -38.04
C HIS B 135 -44.50 -19.22 -39.29
N HIS B 136 -45.54 -19.84 -39.85
CA HIS B 136 -45.34 -20.71 -41.00
C HIS B 136 -45.31 -19.95 -42.32
N GLU B 137 -46.10 -18.89 -42.46
CA GLU B 137 -46.12 -18.08 -43.66
C GLU B 137 -45.19 -16.88 -43.43
N GLY B 138 -43.90 -17.10 -43.60
CA GLY B 138 -42.91 -16.06 -43.43
C GLY B 138 -42.83 -15.15 -44.64
N GLY B 139 -41.98 -14.14 -44.51
CA GLY B 139 -41.80 -13.17 -45.58
C GLY B 139 -41.05 -11.92 -45.16
N ALA B 149 -48.99 -15.66 -35.21
CA ALA B 149 -47.65 -16.17 -34.96
C ALA B 149 -47.58 -16.86 -33.62
N GLN B 150 -46.83 -17.96 -33.57
CA GLN B 150 -46.67 -18.73 -32.34
C GLN B 150 -45.73 -17.99 -31.40
N LYS B 151 -46.00 -18.11 -30.10
CA LYS B 151 -45.19 -17.46 -29.09
C LYS B 151 -44.92 -18.45 -27.96
N LEU B 152 -43.69 -18.42 -27.46
CA LEU B 152 -43.26 -19.33 -26.41
C LEU B 152 -42.30 -18.61 -25.49
N LEU B 153 -42.68 -18.49 -24.23
CA LEU B 153 -41.85 -17.82 -23.23
C LEU B 153 -40.94 -18.88 -22.62
N VAL B 154 -39.65 -18.72 -22.83
CA VAL B 154 -38.65 -19.50 -22.11
C VAL B 154 -38.23 -18.66 -20.92
N GLY B 155 -38.27 -19.23 -19.73
CA GLY B 155 -38.01 -18.48 -18.51
C GLY B 155 -36.59 -18.01 -18.32
N VAL B 156 -36.29 -17.47 -17.15
CA VAL B 156 -34.99 -16.84 -16.94
C VAL B 156 -33.90 -17.89 -16.75
N ASP B 157 -34.13 -18.84 -15.85
CA ASP B 157 -33.23 -19.96 -15.66
C ASP B 157 -33.84 -21.24 -16.22
N GLU B 158 -34.58 -21.12 -17.31
CA GLU B 158 -35.22 -22.25 -17.95
C GLU B 158 -34.53 -22.56 -19.27
N LYS B 159 -34.55 -23.83 -19.64
CA LYS B 159 -34.02 -24.28 -20.92
C LYS B 159 -35.16 -24.45 -21.91
N LEU B 160 -34.81 -24.49 -23.19
CA LEU B 160 -35.79 -24.74 -24.26
C LEU B 160 -35.53 -26.14 -24.78
N ASN B 161 -36.41 -27.09 -24.41
CA ASN B 161 -36.30 -28.47 -24.86
C ASN B 161 -36.99 -28.64 -26.21
N PRO B 162 -36.49 -29.54 -27.06
CA PRO B 162 -37.13 -29.76 -28.37
C PRO B 162 -38.52 -30.37 -28.30
N GLU B 163 -38.87 -31.02 -27.18
CA GLU B 163 -40.23 -31.51 -26.99
C GLU B 163 -41.23 -30.37 -26.81
N ASP B 164 -40.80 -29.26 -26.19
CA ASP B 164 -41.66 -28.12 -25.95
C ASP B 164 -41.93 -27.31 -27.21
N ILE B 165 -41.01 -27.32 -28.17
CA ILE B 165 -41.19 -26.60 -29.43
C ILE B 165 -42.27 -27.25 -30.27
N LYS B 166 -42.35 -28.58 -30.25
CA LYS B 166 -43.30 -29.30 -31.11
C LYS B 166 -44.74 -29.09 -30.64
N LYS B 167 -44.94 -28.95 -29.32
CA LYS B 167 -46.29 -28.78 -28.79
C LYS B 167 -46.82 -27.37 -29.03
N HIS B 168 -45.95 -26.36 -29.01
CA HIS B 168 -46.39 -24.97 -29.05
C HIS B 168 -46.02 -24.24 -30.33
N LEU B 169 -44.74 -24.24 -30.69
CA LEU B 169 -44.29 -23.47 -31.84
C LEU B 169 -44.61 -24.14 -33.17
N LEU B 170 -44.68 -25.46 -33.20
CA LEU B 170 -44.68 -26.22 -34.44
C LEU B 170 -46.03 -26.90 -34.67
N VAL B 171 -47.12 -26.20 -34.37
CA VAL B 171 -48.43 -26.81 -34.57
C VAL B 171 -48.86 -26.73 -36.03
N HIS B 172 -48.35 -25.75 -36.78
CA HIS B 172 -48.69 -25.59 -38.17
C HIS B 172 -47.54 -25.90 -39.11
N ALA B 173 -46.40 -26.33 -38.59
CA ALA B 173 -45.33 -26.81 -39.44
C ALA B 173 -45.71 -28.19 -40.00
N PRO B 174 -45.30 -28.50 -41.23
CA PRO B 174 -45.61 -29.82 -41.79
C PRO B 174 -44.85 -30.93 -41.09
N GLU B 175 -45.36 -32.16 -41.26
CA GLU B 175 -44.91 -33.29 -40.47
C GLU B 175 -43.48 -33.68 -40.76
N ASP B 176 -43.04 -33.57 -42.01
CA ASP B 176 -41.67 -33.91 -42.37
C ASP B 176 -40.67 -32.84 -41.98
N LYS B 177 -41.14 -31.65 -41.58
CA LYS B 177 -40.26 -30.55 -41.25
C LYS B 177 -40.19 -30.27 -39.75
N LYS B 178 -40.83 -31.09 -38.92
CA LYS B 178 -40.82 -30.81 -37.48
C LYS B 178 -39.47 -31.12 -36.86
N GLU B 179 -38.83 -32.22 -37.26
CA GLU B 179 -37.59 -32.63 -36.63
C GLU B 179 -36.40 -31.79 -37.05
N ILE B 180 -36.48 -31.12 -38.20
CA ILE B 180 -35.38 -30.27 -38.65
C ILE B 180 -35.49 -28.84 -38.10
N LEU B 181 -36.71 -28.37 -37.83
CA LEU B 181 -36.88 -27.07 -37.18
C LEU B 181 -36.61 -27.14 -35.68
N ALA B 182 -37.16 -28.15 -35.01
CA ALA B 182 -37.06 -28.24 -33.56
C ALA B 182 -35.64 -28.49 -33.08
N SER B 183 -34.77 -29.01 -33.94
CA SER B 183 -33.35 -29.08 -33.64
C SER B 183 -32.59 -27.84 -34.05
N PHE B 184 -33.10 -27.08 -35.02
CA PHE B 184 -32.51 -25.78 -35.34
C PHE B 184 -32.88 -24.75 -34.30
N ILE B 185 -34.15 -24.72 -33.90
CA ILE B 185 -34.66 -23.72 -32.96
C ILE B 185 -34.05 -23.94 -31.58
N SER B 186 -33.87 -25.20 -31.18
CA SER B 186 -33.13 -25.52 -29.97
C SER B 186 -31.68 -25.08 -30.08
N GLY B 187 -31.04 -25.35 -31.22
CA GLY B 187 -29.69 -24.88 -31.47
C GLY B 187 -29.57 -23.39 -31.63
N LEU B 188 -30.58 -22.74 -32.23
CA LEU B 188 -30.62 -21.29 -32.31
C LEU B 188 -30.79 -20.63 -30.96
N PHE B 189 -31.58 -21.23 -30.07
CA PHE B 189 -31.84 -20.62 -28.77
C PHE B 189 -30.63 -20.67 -27.85
N ASN B 190 -29.87 -21.77 -27.84
CA ASN B 190 -28.67 -21.81 -27.02
C ASN B 190 -27.56 -20.93 -27.58
N PHE B 191 -27.56 -20.73 -28.90
CA PHE B 191 -26.68 -19.75 -29.51
C PHE B 191 -27.03 -18.34 -29.06
N TYR B 192 -28.32 -18.07 -28.88
CA TYR B 192 -28.78 -16.79 -28.34
C TYR B 192 -28.34 -16.59 -26.89
N GLU B 193 -28.47 -17.63 -26.06
CA GLU B 193 -28.09 -17.51 -24.66
C GLU B 193 -26.59 -17.46 -24.45
N ASP B 194 -25.81 -18.24 -25.20
CA ASP B 194 -24.38 -18.34 -24.93
C ASP B 194 -23.64 -17.10 -25.42
N LEU B 195 -24.13 -16.46 -26.48
CA LEU B 195 -23.48 -15.27 -27.02
C LEU B 195 -24.16 -13.97 -26.60
N TYR B 196 -25.13 -14.04 -25.69
CA TYR B 196 -25.75 -12.89 -25.02
C TYR B 196 -26.45 -11.94 -26.01
N PHE B 197 -27.36 -12.51 -26.79
CA PHE B 197 -28.23 -11.72 -27.65
C PHE B 197 -29.41 -11.20 -26.85
N THR B 198 -29.96 -10.07 -27.28
CA THR B 198 -31.24 -9.60 -26.79
C THR B 198 -32.30 -9.57 -27.87
N TYR B 199 -31.93 -9.86 -29.12
CA TYR B 199 -32.85 -9.91 -30.22
C TYR B 199 -32.22 -10.79 -31.29
N LEU B 200 -33.04 -11.61 -31.95
CA LEU B 200 -32.55 -12.50 -32.99
C LEU B 200 -33.72 -12.86 -33.89
N GLU B 201 -33.82 -12.22 -35.04
CA GLU B 201 -34.91 -12.47 -35.98
C GLU B 201 -34.35 -13.03 -37.28
N ILE B 202 -34.94 -14.12 -37.74
CA ILE B 202 -34.58 -14.72 -39.02
C ILE B 202 -35.84 -14.69 -39.88
N ASN B 203 -35.87 -13.81 -40.87
CA ASN B 203 -37.04 -13.66 -41.71
C ASN B 203 -36.67 -13.31 -43.13
N PRO B 204 -36.81 -14.24 -44.09
CA PRO B 204 -37.34 -15.59 -43.89
C PRO B 204 -36.27 -16.62 -43.59
N LEU B 205 -36.71 -17.74 -43.03
CA LEU B 205 -35.90 -18.93 -42.84
C LEU B 205 -36.40 -19.97 -43.83
N VAL B 206 -35.52 -20.47 -44.67
CA VAL B 206 -35.89 -21.43 -45.69
C VAL B 206 -35.35 -22.80 -45.31
N VAL B 207 -36.25 -23.76 -45.16
CA VAL B 207 -35.89 -25.13 -44.87
C VAL B 207 -36.45 -25.97 -46.02
N THR B 208 -35.60 -26.30 -46.98
CA THR B 208 -35.94 -27.23 -48.04
C THR B 208 -35.39 -28.60 -47.68
N LYS B 209 -35.41 -29.53 -48.64
CA LYS B 209 -34.84 -30.85 -48.43
C LYS B 209 -33.32 -30.83 -48.31
N ASP B 210 -32.67 -29.79 -48.83
CA ASP B 210 -31.21 -29.68 -48.74
C ASP B 210 -30.73 -29.32 -47.34
N GLY B 211 -31.54 -28.60 -46.57
CA GLY B 211 -31.16 -28.21 -45.24
C GLY B 211 -31.80 -26.89 -44.86
N VAL B 212 -31.13 -26.18 -43.95
CA VAL B 212 -31.64 -24.95 -43.37
C VAL B 212 -30.89 -23.77 -43.97
N TYR B 213 -31.62 -22.84 -44.60
CA TYR B 213 -31.05 -21.68 -45.26
C TYR B 213 -31.43 -20.44 -44.45
N VAL B 214 -30.44 -19.78 -43.85
CA VAL B 214 -30.66 -18.52 -43.14
C VAL B 214 -30.53 -17.40 -44.16
N LEU B 215 -31.68 -16.86 -44.61
CA LEU B 215 -31.66 -15.85 -45.65
C LEU B 215 -31.40 -14.45 -45.10
N ASP B 216 -32.14 -14.04 -44.09
CA ASP B 216 -31.88 -12.76 -43.43
C ASP B 216 -31.60 -13.03 -41.96
N LEU B 217 -31.10 -11.99 -41.29
CA LEU B 217 -30.79 -12.10 -39.88
C LEU B 217 -30.77 -10.69 -39.30
N ALA B 218 -31.74 -10.37 -38.47
CA ALA B 218 -31.71 -9.17 -37.66
C ALA B 218 -31.42 -9.56 -36.22
N ALA B 219 -30.48 -8.87 -35.59
CA ALA B 219 -30.05 -9.30 -34.27
C ALA B 219 -29.50 -8.11 -33.49
N LYS B 220 -29.56 -8.24 -32.17
CA LYS B 220 -28.97 -7.30 -31.23
C LYS B 220 -28.28 -8.12 -30.16
N VAL B 221 -27.15 -7.67 -29.69
CA VAL B 221 -26.47 -8.35 -28.60
C VAL B 221 -26.37 -7.38 -27.43
N ASP B 222 -26.26 -7.93 -26.23
CA ASP B 222 -26.10 -7.13 -25.02
C ASP B 222 -24.63 -6.74 -24.93
N ALA B 223 -24.31 -5.52 -25.37
CA ALA B 223 -22.92 -5.09 -25.51
C ALA B 223 -22.19 -4.90 -24.20
N THR B 224 -22.90 -4.88 -23.07
CA THR B 224 -22.27 -4.86 -21.75
C THR B 224 -21.70 -6.21 -21.35
N ALA B 225 -22.02 -7.27 -22.09
CA ALA B 225 -21.50 -8.60 -21.85
C ALA B 225 -20.21 -8.87 -22.59
N ASP B 226 -19.45 -7.82 -22.93
CA ASP B 226 -18.22 -8.01 -23.67
C ASP B 226 -17.14 -8.69 -22.82
N TYR B 227 -17.19 -8.49 -21.50
CA TYR B 227 -16.26 -9.17 -20.62
C TYR B 227 -16.55 -10.67 -20.51
N ILE B 228 -17.75 -11.10 -20.85
CA ILE B 228 -18.08 -12.52 -20.87
C ILE B 228 -17.77 -13.13 -22.23
N CYS B 229 -18.25 -12.48 -23.29
CA CYS B 229 -18.22 -13.03 -24.65
C CYS B 229 -17.12 -12.41 -25.49
N LYS B 230 -15.96 -12.15 -24.88
CA LYS B 230 -14.87 -11.49 -25.60
C LYS B 230 -14.25 -12.41 -26.65
N VAL B 231 -14.13 -13.69 -26.36
CA VAL B 231 -13.50 -14.61 -27.29
C VAL B 231 -14.48 -15.18 -28.31
N LYS B 232 -15.78 -15.16 -28.03
CA LYS B 232 -16.75 -15.67 -28.99
C LYS B 232 -17.16 -14.59 -29.97
N TRP B 233 -17.37 -13.36 -29.50
CA TRP B 233 -17.68 -12.26 -30.40
C TRP B 233 -16.49 -11.86 -31.25
N GLY B 234 -15.28 -11.96 -30.70
CA GLY B 234 -14.13 -11.39 -31.36
C GLY B 234 -14.17 -9.87 -31.26
N ASP B 235 -13.60 -9.21 -32.27
CA ASP B 235 -13.66 -7.76 -32.37
C ASP B 235 -14.95 -7.39 -33.08
N ILE B 236 -16.06 -7.49 -32.33
CA ILE B 236 -17.38 -7.28 -32.92
C ILE B 236 -17.62 -5.79 -33.13
N GLU B 237 -18.17 -5.45 -34.29
CA GLU B 237 -18.40 -4.07 -34.70
C GLU B 237 -19.88 -3.79 -34.70
N PHE B 238 -20.29 -2.77 -33.94
CA PHE B 238 -21.68 -2.35 -33.89
C PHE B 238 -21.85 -1.18 -34.84
N PRO B 239 -22.55 -1.35 -35.96
CA PRO B 239 -22.69 -0.24 -36.90
C PRO B 239 -23.66 0.81 -36.37
N PRO B 240 -23.46 2.07 -36.73
CA PRO B 240 -24.46 3.10 -36.40
C PRO B 240 -25.72 2.90 -37.22
N PRO B 241 -26.85 3.46 -36.79
CA PRO B 241 -28.08 3.32 -37.58
C PRO B 241 -27.98 4.07 -38.89
N PHE B 242 -28.82 3.64 -39.84
CA PHE B 242 -28.84 4.25 -41.17
C PHE B 242 -29.33 5.69 -41.06
N GLY B 243 -28.51 6.62 -41.57
CA GLY B 243 -28.73 8.03 -41.42
C GLY B 243 -27.61 8.75 -40.71
N ARG B 244 -26.89 8.05 -39.83
CA ARG B 244 -25.73 8.60 -39.17
C ARG B 244 -24.48 7.80 -39.52
N GLU B 245 -23.36 8.51 -39.59
CA GLU B 245 -22.09 7.95 -39.98
C GLU B 245 -21.28 7.57 -38.75
N ALA B 246 -20.25 6.76 -38.95
CA ALA B 246 -19.39 6.34 -37.87
C ALA B 246 -18.14 7.21 -37.84
N TYR B 247 -17.88 7.82 -36.69
CA TYR B 247 -16.79 8.75 -36.55
C TYR B 247 -15.71 8.17 -35.64
N PRO B 248 -14.42 8.42 -35.92
CA PRO B 248 -13.37 7.81 -35.10
C PRO B 248 -13.24 8.43 -33.72
N GLU B 249 -13.79 9.63 -33.52
CA GLU B 249 -13.83 10.23 -32.19
C GLU B 249 -14.92 9.62 -31.32
N GLU B 250 -16.01 9.14 -31.93
CA GLU B 250 -17.03 8.39 -31.19
C GLU B 250 -16.48 7.07 -30.69
N ALA B 251 -15.73 6.36 -31.53
CA ALA B 251 -15.17 5.07 -31.15
C ALA B 251 -14.00 5.20 -30.21
N TYR B 252 -13.33 6.35 -30.19
CA TYR B 252 -12.31 6.60 -29.18
C TYR B 252 -12.93 6.71 -27.80
N ILE B 253 -14.10 7.36 -27.71
CA ILE B 253 -14.76 7.55 -26.43
C ILE B 253 -15.41 6.25 -25.96
N ALA B 254 -15.98 5.47 -26.89
CA ALA B 254 -16.50 4.15 -26.58
C ALA B 254 -15.41 3.17 -26.16
N ASP B 255 -14.16 3.40 -26.57
CA ASP B 255 -13.02 2.64 -26.10
C ASP B 255 -12.67 2.98 -24.65
N LEU B 256 -12.84 4.24 -24.25
CA LEU B 256 -12.58 4.63 -22.87
C LEU B 256 -13.68 4.19 -21.93
N ASP B 257 -14.91 4.09 -22.42
CA ASP B 257 -16.06 3.72 -21.60
C ASP B 257 -15.93 2.27 -21.14
N ALA B 258 -15.45 1.40 -22.00
CA ALA B 258 -15.41 -0.03 -21.72
C ALA B 258 -14.29 -0.43 -20.78
N LYS B 259 -13.39 0.49 -20.43
CA LYS B 259 -12.21 0.17 -19.63
C LYS B 259 -12.26 0.77 -18.23
N SER B 260 -13.45 1.14 -17.75
CA SER B 260 -13.65 1.53 -16.36
C SER B 260 -15.12 1.40 -16.03
N GLY B 261 -15.43 1.55 -14.73
CA GLY B 261 -16.81 1.58 -14.29
C GLY B 261 -17.52 2.87 -14.57
N ALA B 262 -16.78 3.93 -14.85
CA ALA B 262 -17.36 5.20 -15.25
C ALA B 262 -17.91 5.12 -16.67
N SER B 263 -18.96 5.91 -16.92
CA SER B 263 -19.63 5.94 -18.21
C SER B 263 -19.16 7.16 -18.98
N LEU B 264 -18.79 6.96 -20.25
CA LEU B 264 -18.38 8.05 -21.13
C LEU B 264 -19.01 7.77 -22.49
N LYS B 265 -20.12 8.46 -22.79
CA LYS B 265 -20.84 8.27 -24.03
C LYS B 265 -20.64 9.47 -24.94
N LEU B 266 -20.56 9.22 -26.24
CA LEU B 266 -20.50 10.28 -27.24
C LEU B 266 -21.23 9.80 -28.49
N THR B 267 -22.09 10.65 -29.03
CA THR B 267 -22.82 10.38 -30.27
C THR B 267 -22.94 11.67 -31.05
N LEU B 268 -22.31 11.72 -32.22
CA LEU B 268 -22.31 12.92 -33.05
C LEU B 268 -23.57 12.92 -33.90
N LEU B 269 -24.44 13.90 -33.66
CA LEU B 269 -25.70 13.99 -34.39
C LEU B 269 -25.56 14.88 -35.62
N ASN B 270 -24.77 15.93 -35.53
CA ASN B 270 -24.57 16.90 -36.59
C ASN B 270 -23.22 17.59 -36.38
N PRO B 271 -22.14 17.10 -37.01
CA PRO B 271 -20.80 17.64 -36.69
C PRO B 271 -20.58 19.09 -37.12
N LYS B 272 -21.43 19.65 -37.99
CA LYS B 272 -21.40 21.07 -38.29
C LYS B 272 -22.35 21.86 -37.41
N GLY B 273 -22.95 21.24 -36.40
CA GLY B 273 -23.83 21.96 -35.51
C GLY B 273 -23.07 22.87 -34.57
N ARG B 274 -23.75 23.90 -34.08
CA ARG B 274 -23.12 24.93 -33.28
C ARG B 274 -23.28 24.72 -31.79
N ILE B 275 -24.25 23.92 -31.35
CA ILE B 275 -24.53 23.70 -29.94
C ILE B 275 -23.89 22.37 -29.54
N TRP B 276 -22.81 22.43 -28.77
CA TRP B 276 -22.12 21.25 -28.28
C TRP B 276 -22.41 21.11 -26.79
N THR B 277 -22.64 19.88 -26.34
CA THR B 277 -22.96 19.62 -24.95
C THR B 277 -21.89 18.72 -24.34
N MET B 278 -21.44 19.07 -23.14
CA MET B 278 -20.62 18.20 -22.33
C MET B 278 -21.28 18.15 -20.94
N VAL B 279 -22.27 17.28 -20.80
CA VAL B 279 -23.15 17.26 -19.65
C VAL B 279 -22.87 16.00 -18.84
N ALA B 280 -22.85 16.14 -17.51
CA ALA B 280 -22.56 15.03 -16.63
C ALA B 280 -23.83 14.30 -16.26
N GLY B 281 -23.84 12.99 -16.47
CA GLY B 281 -24.98 12.16 -16.12
C GLY B 281 -25.77 11.77 -17.35
N GLY B 282 -26.21 10.51 -17.39
CA GLY B 282 -26.96 10.01 -18.52
C GLY B 282 -28.43 10.31 -18.50
N GLY B 283 -28.92 10.96 -17.45
CA GLY B 283 -30.30 11.42 -17.42
C GLY B 283 -30.33 12.92 -17.36
N ALA B 284 -29.24 13.51 -16.87
CA ALA B 284 -29.10 14.96 -16.87
C ALA B 284 -28.83 15.49 -18.27
N SER B 285 -28.11 14.71 -19.08
CA SER B 285 -27.81 15.10 -20.45
C SER B 285 -29.02 14.95 -21.35
N VAL B 286 -29.93 14.03 -21.02
CA VAL B 286 -31.19 13.92 -21.75
C VAL B 286 -32.08 15.12 -21.47
N VAL B 287 -32.06 15.62 -20.23
CA VAL B 287 -32.84 16.79 -19.86
C VAL B 287 -32.31 18.05 -20.54
N TYR B 288 -30.98 18.17 -20.68
CA TYR B 288 -30.42 19.28 -21.41
C TYR B 288 -30.72 19.20 -22.91
N SER B 289 -30.69 18.00 -23.47
CA SER B 289 -31.02 17.81 -24.88
C SER B 289 -32.50 18.00 -25.16
N ASP B 290 -33.37 17.74 -24.16
CA ASP B 290 -34.78 18.07 -24.30
C ASP B 290 -34.99 19.57 -24.37
N THR B 291 -34.22 20.34 -23.60
CA THR B 291 -34.43 21.78 -23.53
C THR B 291 -33.89 22.49 -24.76
N ILE B 292 -32.76 22.00 -25.29
CA ILE B 292 -32.20 22.53 -26.53
C ILE B 292 -33.16 22.27 -27.69
N CYS B 293 -33.71 21.06 -27.76
CA CYS B 293 -34.63 20.71 -28.83
C CYS B 293 -35.99 21.39 -28.65
N ASP B 294 -36.34 21.75 -27.41
CA ASP B 294 -37.60 22.46 -27.19
C ASP B 294 -37.51 23.90 -27.67
N LEU B 295 -36.33 24.50 -27.58
CA LEU B 295 -36.12 25.91 -27.91
C LEU B 295 -35.70 26.11 -29.35
N GLY B 296 -36.02 25.18 -30.25
CA GLY B 296 -35.70 25.34 -31.65
C GLY B 296 -34.25 25.11 -32.00
N GLY B 297 -33.52 24.36 -31.19
CA GLY B 297 -32.14 24.06 -31.50
C GLY B 297 -31.94 22.60 -31.84
N VAL B 298 -32.93 22.01 -32.54
CA VAL B 298 -32.84 20.60 -32.92
C VAL B 298 -31.76 20.40 -33.97
N ASN B 299 -31.78 21.22 -35.03
CA ASN B 299 -30.88 21.03 -36.16
C ASN B 299 -29.48 21.49 -35.84
N GLU B 300 -29.33 22.40 -34.88
CA GLU B 300 -28.03 22.92 -34.49
C GLU B 300 -27.43 22.19 -33.30
N LEU B 301 -28.13 21.23 -32.72
CA LEU B 301 -27.57 20.43 -31.64
C LEU B 301 -26.56 19.46 -32.25
N ALA B 302 -25.30 19.58 -31.83
CA ALA B 302 -24.25 18.92 -32.58
C ALA B 302 -23.95 17.52 -32.07
N ASN B 303 -24.09 17.28 -30.78
CA ASN B 303 -23.79 15.97 -30.23
C ASN B 303 -24.74 15.64 -29.10
N TYR B 304 -24.97 14.36 -28.90
CA TYR B 304 -25.39 13.84 -27.60
C TYR B 304 -24.17 13.21 -26.97
N GLY B 305 -23.98 13.45 -25.68
CA GLY B 305 -22.90 12.80 -24.96
C GLY B 305 -23.05 13.04 -23.49
N GLU B 306 -22.48 12.13 -22.70
CA GLU B 306 -22.51 12.27 -21.26
C GLU B 306 -21.27 11.62 -20.66
N TYR B 307 -20.95 12.02 -19.44
CA TYR B 307 -19.87 11.45 -18.67
C TYR B 307 -20.37 11.29 -17.24
N SER B 308 -20.26 10.10 -16.68
CA SER B 308 -20.86 9.86 -15.37
C SER B 308 -20.11 8.72 -14.70
N GLY B 309 -20.63 8.28 -13.55
CA GLY B 309 -20.02 7.20 -12.80
C GLY B 309 -18.72 7.56 -12.13
N ALA B 310 -18.54 8.82 -11.76
CA ALA B 310 -17.33 9.45 -11.22
C ALA B 310 -16.10 9.15 -12.09
N PRO B 311 -15.98 9.74 -13.27
CA PRO B 311 -14.75 9.57 -14.04
C PRO B 311 -13.61 10.34 -13.40
N SER B 312 -12.39 9.91 -13.69
CA SER B 312 -11.22 10.56 -13.12
C SER B 312 -10.93 11.86 -13.87
N GLU B 313 -9.86 12.53 -13.45
CA GLU B 313 -9.45 13.76 -14.13
C GLU B 313 -8.87 13.45 -15.51
N GLN B 314 -8.16 12.34 -15.65
CA GLN B 314 -7.61 11.96 -16.94
C GLN B 314 -8.68 11.47 -17.90
N GLN B 315 -9.69 10.75 -17.40
CA GLN B 315 -10.79 10.31 -18.26
C GLN B 315 -11.65 11.48 -18.70
N THR B 316 -11.81 12.49 -17.86
CA THR B 316 -12.59 13.67 -18.24
C THR B 316 -11.77 14.58 -19.15
N TYR B 317 -10.44 14.57 -19.00
CA TYR B 317 -9.57 15.29 -19.94
C TYR B 317 -9.65 14.69 -21.32
N ASP B 318 -9.63 13.35 -21.41
CA ASP B 318 -9.69 12.68 -22.70
C ASP B 318 -11.06 12.84 -23.34
N TYR B 319 -12.11 12.94 -22.52
CA TYR B 319 -13.45 13.18 -23.06
C TYR B 319 -13.60 14.62 -23.52
N ALA B 320 -13.00 15.57 -22.80
CA ALA B 320 -13.14 16.98 -23.16
C ALA B 320 -12.31 17.34 -24.38
N LYS B 321 -11.08 16.82 -24.47
CA LYS B 321 -10.20 17.11 -25.60
C LYS B 321 -10.70 16.48 -26.90
N THR B 322 -11.57 15.47 -26.82
CA THR B 322 -12.24 14.96 -27.99
C THR B 322 -13.35 15.89 -28.45
N ILE B 323 -14.09 16.47 -27.50
CA ILE B 323 -15.18 17.37 -27.82
C ILE B 323 -14.63 18.69 -28.36
N LEU B 324 -13.59 19.23 -27.72
CA LEU B 324 -13.02 20.51 -28.13
C LEU B 324 -12.28 20.40 -29.45
N SER B 325 -11.74 19.22 -29.78
CA SER B 325 -11.18 19.03 -31.11
C SER B 325 -12.26 18.85 -32.17
N LEU B 326 -13.43 18.37 -31.79
CA LEU B 326 -14.52 18.17 -32.72
C LEU B 326 -15.28 19.44 -33.03
N MET B 327 -15.39 20.33 -32.06
CA MET B 327 -16.11 21.59 -32.23
C MET B 327 -15.23 22.69 -32.78
N THR B 328 -13.94 22.43 -32.98
CA THR B 328 -13.01 23.38 -33.56
C THR B 328 -12.41 22.81 -34.84
N ARG B 329 -13.24 22.24 -35.71
CA ARG B 329 -12.81 21.79 -37.02
C ARG B 329 -13.12 22.81 -38.11
N GLU B 330 -14.39 23.22 -38.22
CA GLU B 330 -14.78 24.29 -39.12
C GLU B 330 -15.48 25.39 -38.34
N LYS B 331 -15.49 26.58 -38.92
CA LYS B 331 -15.94 27.80 -38.27
C LYS B 331 -17.41 28.07 -38.59
N HIS B 332 -18.16 28.47 -37.56
CA HIS B 332 -19.53 28.89 -37.71
C HIS B 332 -19.58 30.42 -37.72
N PRO B 333 -20.41 31.02 -38.59
CA PRO B 333 -20.49 32.49 -38.65
C PRO B 333 -21.08 33.13 -37.40
N ASP B 334 -22.08 32.48 -36.80
CA ASP B 334 -22.69 33.03 -35.59
C ASP B 334 -21.88 32.72 -34.34
N GLY B 335 -20.87 31.86 -34.44
CA GLY B 335 -20.18 31.35 -33.29
C GLY B 335 -20.67 29.97 -32.91
N LYS B 336 -20.13 29.44 -31.82
CA LYS B 336 -20.49 28.13 -31.32
C LYS B 336 -20.73 28.20 -29.82
N ILE B 337 -21.50 27.23 -29.34
CA ILE B 337 -21.93 27.18 -27.94
C ILE B 337 -21.53 25.84 -27.35
N LEU B 338 -20.82 25.87 -26.23
CA LEU B 338 -20.47 24.64 -25.52
C LEU B 338 -21.17 24.68 -24.17
N ILE B 339 -22.14 23.78 -23.97
CA ILE B 339 -22.89 23.63 -22.73
C ILE B 339 -22.18 22.60 -21.87
N ILE B 340 -21.49 23.06 -20.83
CA ILE B 340 -20.91 22.15 -19.84
C ILE B 340 -21.87 22.16 -18.65
N GLY B 341 -22.86 21.29 -18.70
CA GLY B 341 -23.90 21.32 -17.70
C GLY B 341 -23.85 20.15 -16.74
N GLY B 342 -25.02 19.76 -16.24
CA GLY B 342 -25.11 18.68 -15.28
C GLY B 342 -25.98 19.05 -14.11
N SER B 343 -26.48 18.06 -13.40
CA SER B 343 -27.26 18.31 -12.20
C SER B 343 -26.32 18.33 -11.00
N ILE B 344 -26.88 18.28 -9.79
CA ILE B 344 -26.07 18.17 -8.60
C ILE B 344 -25.57 16.73 -8.50
N ALA B 345 -24.25 16.55 -8.48
CA ALA B 345 -23.68 15.23 -8.47
C ALA B 345 -23.77 14.62 -7.07
N ASN B 346 -23.82 13.29 -7.02
CA ASN B 346 -23.83 12.60 -5.74
C ASN B 346 -22.43 12.18 -5.32
N PHE B 347 -21.71 11.51 -6.20
CA PHE B 347 -20.37 11.04 -5.88
C PHE B 347 -19.32 11.43 -6.91
N THR B 348 -19.71 12.03 -8.03
CA THR B 348 -18.73 12.50 -9.01
C THR B 348 -18.06 13.77 -8.50
N ASN B 349 -16.76 13.70 -8.27
CA ASN B 349 -16.00 14.81 -7.70
C ASN B 349 -15.86 15.92 -8.73
N VAL B 350 -16.60 17.01 -8.51
CA VAL B 350 -16.70 18.09 -9.49
C VAL B 350 -15.37 18.84 -9.62
N ALA B 351 -14.58 18.90 -8.54
CA ALA B 351 -13.28 19.56 -8.59
C ALA B 351 -12.32 18.84 -9.52
N ALA B 352 -12.17 17.53 -9.35
CA ALA B 352 -11.28 16.75 -10.21
C ALA B 352 -11.86 16.60 -11.61
N THR B 353 -13.18 16.66 -11.75
CA THR B 353 -13.80 16.59 -13.07
C THR B 353 -13.54 17.87 -13.86
N PHE B 354 -13.77 19.04 -13.27
CA PHE B 354 -13.52 20.29 -13.98
C PHE B 354 -12.03 20.60 -14.14
N LYS B 355 -11.17 20.02 -13.30
CA LYS B 355 -9.73 20.18 -13.52
C LYS B 355 -9.25 19.45 -14.76
N GLY B 356 -9.97 18.41 -15.20
CA GLY B 356 -9.67 17.80 -16.48
C GLY B 356 -10.24 18.55 -17.65
N ILE B 357 -11.35 19.27 -17.45
CA ILE B 357 -11.95 20.04 -18.54
C ILE B 357 -11.14 21.30 -18.82
N VAL B 358 -10.71 22.00 -17.76
CA VAL B 358 -9.97 23.25 -17.96
C VAL B 358 -8.58 22.98 -18.49
N ARG B 359 -8.06 21.78 -18.25
CA ARG B 359 -6.79 21.38 -18.85
C ARG B 359 -6.93 21.18 -20.35
N ALA B 360 -8.10 20.71 -20.80
CA ALA B 360 -8.37 20.60 -22.22
C ALA B 360 -8.71 21.93 -22.87
N ILE B 361 -9.32 22.86 -22.13
CA ILE B 361 -9.57 24.19 -22.66
C ILE B 361 -8.26 24.97 -22.79
N ARG B 362 -7.37 24.82 -21.82
CA ARG B 362 -6.05 25.44 -21.91
C ARG B 362 -5.20 24.82 -23.02
N ASP B 363 -5.43 23.55 -23.34
CA ASP B 363 -4.77 22.92 -24.47
C ASP B 363 -5.45 23.23 -25.80
N TYR B 364 -6.64 23.84 -25.77
CA TYR B 364 -7.36 24.16 -26.99
C TYR B 364 -7.81 25.62 -27.04
N GLN B 365 -7.17 26.50 -26.26
CA GLN B 365 -7.61 27.90 -26.19
C GLN B 365 -7.36 28.63 -27.50
N GLY B 366 -6.42 28.16 -28.32
CA GLY B 366 -6.17 28.71 -29.63
C GLY B 366 -7.36 28.68 -30.57
N PRO B 367 -7.81 27.49 -30.98
CA PRO B 367 -8.94 27.42 -31.92
C PRO B 367 -10.28 27.79 -31.31
N LEU B 368 -10.42 27.76 -29.97
CA LEU B 368 -11.67 28.18 -29.35
C LEU B 368 -11.89 29.69 -29.43
N LYS B 369 -10.83 30.48 -29.58
CA LYS B 369 -11.00 31.90 -29.89
C LYS B 369 -11.41 32.13 -31.33
N GLU B 370 -10.92 31.31 -32.25
CA GLU B 370 -11.20 31.51 -33.67
C GLU B 370 -12.65 31.22 -34.02
N HIS B 371 -13.27 30.25 -33.33
CA HIS B 371 -14.61 29.80 -33.67
C HIS B 371 -15.70 30.50 -32.87
N GLU B 372 -15.31 31.48 -32.05
CA GLU B 372 -16.21 32.24 -31.16
C GLU B 372 -17.05 31.32 -30.28
N VAL B 373 -16.37 30.51 -29.48
CA VAL B 373 -17.04 29.54 -28.63
C VAL B 373 -17.34 30.17 -27.28
N THR B 374 -18.62 30.26 -26.93
CA THR B 374 -19.06 30.75 -25.63
C THR B 374 -19.50 29.57 -24.78
N ILE B 375 -18.97 29.50 -23.56
CA ILE B 375 -19.14 28.33 -22.70
C ILE B 375 -20.06 28.70 -21.54
N PHE B 376 -21.11 27.90 -21.35
CA PHE B 376 -22.06 28.09 -20.25
C PHE B 376 -21.95 26.89 -19.32
N VAL B 377 -21.68 27.16 -18.05
CA VAL B 377 -21.44 26.12 -17.05
C VAL B 377 -22.48 26.23 -15.95
N ARG B 378 -23.17 25.12 -15.68
CA ARG B 378 -24.02 24.98 -14.50
C ARG B 378 -23.74 23.60 -13.92
N ARG B 379 -23.37 23.54 -12.65
CA ARG B 379 -22.99 22.28 -12.04
C ARG B 379 -22.99 22.41 -10.53
N GLY B 380 -23.54 21.39 -9.85
CA GLY B 380 -23.38 21.23 -8.43
C GLY B 380 -22.82 19.84 -8.14
N GLY B 381 -22.41 19.64 -6.90
CA GLY B 381 -21.93 18.33 -6.49
C GLY B 381 -20.82 18.37 -5.46
N PRO B 382 -20.13 17.25 -5.27
CA PRO B 382 -19.00 17.21 -4.34
C PRO B 382 -17.83 18.06 -4.81
N ASN B 383 -17.38 18.95 -3.93
CA ASN B 383 -16.25 19.86 -4.15
C ASN B 383 -16.49 20.76 -5.36
N TYR B 384 -17.73 21.21 -5.54
CA TYR B 384 -18.05 21.95 -6.74
C TYR B 384 -17.63 23.41 -6.68
N GLN B 385 -17.38 23.96 -5.49
CA GLN B 385 -16.91 25.33 -5.38
C GLN B 385 -15.49 25.46 -5.93
N GLU B 386 -14.67 24.43 -5.73
CA GLU B 386 -13.35 24.41 -6.36
C GLU B 386 -13.46 24.19 -7.86
N GLY B 387 -14.44 23.40 -8.30
CA GLY B 387 -14.64 23.18 -9.72
C GLY B 387 -15.13 24.42 -10.45
N LEU B 388 -16.09 25.12 -9.86
CA LEU B 388 -16.57 26.35 -10.47
C LEU B 388 -15.59 27.50 -10.33
N ARG B 389 -14.66 27.42 -9.37
CA ARG B 389 -13.61 28.43 -9.29
C ARG B 389 -12.65 28.33 -10.46
N VAL B 390 -12.11 27.13 -10.70
CA VAL B 390 -11.11 26.95 -11.74
C VAL B 390 -11.72 27.03 -13.14
N MET B 391 -13.04 26.84 -13.26
CA MET B 391 -13.69 27.02 -14.54
C MET B 391 -13.92 28.49 -14.84
N GLY B 392 -13.93 29.35 -13.82
CA GLY B 392 -13.99 30.78 -14.05
C GLY B 392 -12.65 31.45 -14.20
N GLU B 393 -11.59 30.87 -13.62
CA GLU B 393 -10.24 31.38 -13.86
C GLU B 393 -9.81 31.18 -15.29
N VAL B 394 -10.15 30.02 -15.88
CA VAL B 394 -9.75 29.73 -17.25
C VAL B 394 -10.53 30.60 -18.25
N GLY B 395 -11.64 31.20 -17.83
CA GLY B 395 -12.35 32.12 -18.69
C GLY B 395 -11.58 33.41 -18.93
N LYS B 396 -10.92 33.92 -17.90
CA LYS B 396 -10.27 35.23 -18.01
C LYS B 396 -8.82 35.10 -18.47
N THR B 397 -8.12 34.02 -18.10
CA THR B 397 -6.73 33.87 -18.50
C THR B 397 -6.58 33.34 -19.92
N THR B 398 -7.64 32.84 -20.54
CA THR B 398 -7.58 32.40 -21.92
C THR B 398 -8.42 33.23 -22.86
N GLY B 399 -9.25 34.14 -22.35
CA GLY B 399 -10.05 34.99 -23.20
C GLY B 399 -11.31 34.36 -23.75
N ILE B 400 -11.59 33.10 -23.41
CA ILE B 400 -12.84 32.47 -23.80
C ILE B 400 -13.95 32.92 -22.85
N PRO B 401 -15.07 33.44 -23.35
CA PRO B 401 -16.14 33.85 -22.44
C PRO B 401 -16.84 32.66 -21.80
N ILE B 402 -16.56 32.41 -20.53
CA ILE B 402 -17.09 31.26 -19.81
C ILE B 402 -17.99 31.78 -18.69
N HIS B 403 -19.28 31.42 -18.77
CA HIS B 403 -20.28 31.85 -17.81
C HIS B 403 -20.54 30.70 -16.86
N VAL B 404 -20.19 30.89 -15.59
CA VAL B 404 -20.16 29.81 -14.62
C VAL B 404 -21.29 30.01 -13.61
N PHE B 405 -22.11 28.98 -13.44
CA PHE B 405 -23.24 28.98 -12.54
C PHE B 405 -23.18 27.72 -11.69
N GLY B 406 -24.09 27.63 -10.73
CA GLY B 406 -24.09 26.49 -9.83
C GLY B 406 -25.46 26.00 -9.41
N THR B 407 -25.60 25.65 -8.14
CA THR B 407 -26.83 25.07 -7.63
C THR B 407 -27.96 26.10 -7.55
N GLU B 408 -27.61 27.36 -7.28
CA GLU B 408 -28.62 28.41 -7.13
C GLU B 408 -29.32 28.71 -8.45
N THR B 409 -28.64 28.45 -9.57
CA THR B 409 -29.26 28.56 -10.87
C THR B 409 -30.09 27.32 -11.14
N HIS B 410 -31.20 27.49 -11.86
CA HIS B 410 -31.94 26.33 -12.31
C HIS B 410 -31.13 25.55 -13.33
N MET B 411 -31.54 24.30 -13.56
CA MET B 411 -30.71 23.34 -14.29
C MET B 411 -30.57 23.73 -15.76
N THR B 412 -31.68 23.84 -16.47
CA THR B 412 -31.68 24.14 -17.88
C THR B 412 -31.87 25.63 -18.17
N ALA B 413 -31.42 26.49 -17.26
CA ALA B 413 -31.44 27.92 -17.53
C ALA B 413 -30.31 28.32 -18.46
N ILE B 414 -29.21 27.58 -18.46
CA ILE B 414 -28.08 27.92 -19.33
C ILE B 414 -28.34 27.54 -20.77
N VAL B 415 -29.38 26.74 -21.03
CA VAL B 415 -29.79 26.51 -22.40
C VAL B 415 -30.49 27.75 -22.97
N GLY B 416 -31.36 28.36 -22.18
CA GLY B 416 -32.05 29.55 -22.65
C GLY B 416 -31.13 30.76 -22.74
N MET B 417 -30.14 30.85 -21.86
CA MET B 417 -29.17 31.94 -21.94
C MET B 417 -28.24 31.76 -23.13
N ALA B 418 -27.88 30.53 -23.45
CA ALA B 418 -27.01 30.29 -24.60
C ALA B 418 -27.73 30.54 -25.90
N LEU B 419 -28.94 30.01 -26.04
CA LEU B 419 -29.68 30.14 -27.29
C LEU B 419 -30.28 31.54 -27.47
N GLY B 420 -30.27 32.37 -26.42
CA GLY B 420 -30.71 33.74 -26.55
C GLY B 420 -32.18 33.93 -26.24
N HIS B 421 -32.75 33.03 -25.44
CA HIS B 421 -34.14 33.12 -25.05
C HIS B 421 -34.35 33.84 -23.73
N ARG B 422 -33.31 33.96 -22.92
CA ARG B 422 -33.39 34.66 -21.64
C ARG B 422 -32.03 35.30 -21.38
N PRO B 423 -31.99 36.44 -20.68
CA PRO B 423 -30.71 37.13 -20.47
C PRO B 423 -29.85 36.40 -19.46
N ILE B 424 -28.57 36.76 -19.44
CA ILE B 424 -27.61 36.26 -18.47
C ILE B 424 -27.59 37.22 -17.29
N PRO B 425 -28.01 36.80 -16.09
CA PRO B 425 -27.88 37.67 -14.93
C PRO B 425 -26.41 37.81 -14.50
N ASN B 426 -26.00 39.04 -14.19
CA ASN B 426 -24.59 39.29 -13.92
C ASN B 426 -24.23 39.03 -12.46
N GLN B 427 -25.22 39.07 -11.57
CA GLN B 427 -24.93 38.93 -10.14
C GLN B 427 -24.70 37.48 -9.67
N PRO B 428 -25.53 36.48 -10.01
CA PRO B 428 -25.29 35.13 -9.46
C PRO B 428 -24.26 34.28 -10.21
N PRO B 429 -23.34 34.83 -11.03
CA PRO B 429 -22.01 34.21 -11.08
C PRO B 429 -21.18 34.57 -9.86
N THR B 430 -20.21 33.69 -9.59
CA THR B 430 -19.38 33.69 -8.37
C THR B 430 -20.25 33.71 -7.12
N ALA B 431 -21.01 32.63 -6.93
CA ALA B 431 -21.90 32.50 -5.79
C ALA B 431 -22.01 31.05 -5.35
N GLY B 487 -43.44 -11.17 -1.77
CA GLY B 487 -43.94 -10.44 -0.61
C GLY B 487 -43.02 -9.33 -0.16
N LYS B 488 -42.89 -8.29 -0.97
CA LYS B 488 -42.06 -7.15 -0.64
C LYS B 488 -42.70 -6.32 0.46
N SER B 489 -41.86 -5.72 1.29
CA SER B 489 -42.31 -4.88 2.39
C SER B 489 -42.50 -3.43 1.92
N THR B 490 -43.29 -2.69 2.68
CA THR B 490 -43.55 -1.27 2.42
C THR B 490 -42.48 -0.38 3.05
N THR B 491 -42.17 -0.58 4.33
CA THR B 491 -41.16 0.21 5.00
C THR B 491 -39.83 -0.50 4.79
N LEU B 492 -39.00 0.04 3.90
CA LEU B 492 -37.69 -0.53 3.66
C LEU B 492 -36.66 -0.04 4.66
N PHE B 493 -36.76 1.23 5.02
CA PHE B 493 -35.76 1.89 5.86
C PHE B 493 -36.44 2.57 7.02
N SER B 494 -35.75 2.58 8.16
CA SER B 494 -36.21 3.25 9.36
C SER B 494 -34.99 3.81 10.08
N ARG B 495 -35.22 4.42 11.25
CA ARG B 495 -34.14 4.99 12.04
C ARG B 495 -33.30 3.93 12.72
N HIS B 496 -33.75 2.67 12.73
CA HIS B 496 -33.01 1.56 13.31
C HIS B 496 -32.42 0.64 12.25
N THR B 497 -32.39 1.08 11.00
CA THR B 497 -31.90 0.25 9.91
C THR B 497 -30.38 0.19 9.94
N LYS B 498 -29.84 -1.02 9.97
CA LYS B 498 -28.40 -1.25 9.91
C LYS B 498 -28.07 -1.84 8.55
N ALA B 499 -26.88 -1.55 8.04
CA ALA B 499 -26.48 -1.95 6.70
C ALA B 499 -25.07 -2.51 6.69
N ILE B 500 -24.81 -3.38 5.72
CA ILE B 500 -23.48 -3.91 5.45
C ILE B 500 -23.06 -3.42 4.07
N VAL B 501 -21.88 -2.82 3.99
CA VAL B 501 -21.37 -2.26 2.75
C VAL B 501 -20.35 -3.23 2.16
N TRP B 502 -20.51 -3.58 0.89
CA TRP B 502 -19.59 -4.48 0.22
C TRP B 502 -18.54 -3.67 -0.51
N GLY B 503 -17.36 -3.53 0.09
CA GLY B 503 -16.25 -2.86 -0.57
C GLY B 503 -15.65 -1.71 0.22
N MET B 504 -14.41 -1.35 -0.11
CA MET B 504 -13.74 -0.18 0.47
C MET B 504 -14.22 1.10 -0.19
N GLN B 505 -15.39 1.54 0.28
CA GLN B 505 -15.93 2.84 -0.07
C GLN B 505 -16.03 3.59 1.26
N THR B 506 -14.91 4.18 1.66
CA THR B 506 -14.83 4.80 2.98
C THR B 506 -15.47 6.17 2.98
N ARG B 507 -15.39 6.90 1.86
CA ARG B 507 -16.06 8.18 1.76
C ARG B 507 -17.57 8.00 1.65
N ALA B 508 -18.01 6.87 1.10
CA ALA B 508 -19.44 6.58 1.07
C ALA B 508 -19.96 6.27 2.46
N VAL B 509 -19.25 5.40 3.20
CA VAL B 509 -19.65 5.00 4.55
C VAL B 509 -19.58 6.18 5.52
N GLN B 510 -18.58 7.05 5.38
CA GLN B 510 -18.53 8.26 6.20
C GLN B 510 -19.67 9.21 5.86
N GLY B 511 -20.11 9.23 4.60
CA GLY B 511 -21.22 10.08 4.23
C GLY B 511 -22.55 9.63 4.84
N MET B 512 -22.76 8.31 4.92
CA MET B 512 -23.91 7.80 5.67
C MET B 512 -23.80 8.10 7.15
N LEU B 513 -22.59 8.02 7.70
CA LEU B 513 -22.40 8.27 9.12
C LEU B 513 -22.53 9.75 9.46
N ASP B 514 -22.19 10.65 8.54
CA ASP B 514 -22.45 12.06 8.73
C ASP B 514 -23.94 12.36 8.59
N PHE B 515 -24.62 11.59 7.74
CA PHE B 515 -26.07 11.71 7.60
C PHE B 515 -26.79 11.33 8.87
N ASP B 516 -26.33 10.27 9.54
CA ASP B 516 -27.02 9.75 10.72
C ASP B 516 -26.88 10.67 11.91
N TYR B 517 -25.71 11.28 12.09
CA TYR B 517 -25.50 12.18 13.21
C TYR B 517 -26.36 13.42 13.08
N VAL B 518 -26.47 13.94 11.86
CA VAL B 518 -27.29 15.09 11.55
C VAL B 518 -28.78 14.74 11.59
N CYS B 519 -29.12 13.48 11.39
CA CYS B 519 -30.50 13.01 11.50
C CYS B 519 -30.87 12.62 12.92
N SER B 520 -29.96 12.84 13.88
CA SER B 520 -30.13 12.53 15.30
C SER B 520 -30.42 11.05 15.53
N ARG B 521 -29.77 10.20 14.75
CA ARG B 521 -29.91 8.76 14.94
C ARG B 521 -29.10 8.32 16.16
N ASP B 522 -29.56 7.25 16.79
CA ASP B 522 -28.84 6.72 17.94
C ASP B 522 -27.57 5.99 17.54
N GLU B 523 -27.65 5.19 16.48
CA GLU B 523 -26.56 4.33 16.02
C GLU B 523 -26.27 4.61 14.55
N PRO B 524 -25.05 4.34 14.08
CA PRO B 524 -24.76 4.52 12.66
C PRO B 524 -25.49 3.51 11.78
N SER B 525 -25.59 3.87 10.49
CA SER B 525 -26.24 2.98 9.53
C SER B 525 -25.39 1.76 9.23
N VAL B 526 -24.10 1.94 9.06
CA VAL B 526 -23.22 0.86 8.63
C VAL B 526 -22.82 0.06 9.85
N ALA B 527 -23.11 -1.23 9.84
CA ALA B 527 -22.70 -2.12 10.91
C ALA B 527 -21.38 -2.80 10.60
N ALA B 528 -21.18 -3.24 9.36
CA ALA B 528 -19.97 -3.93 8.97
C ALA B 528 -19.63 -3.57 7.53
N MET B 529 -18.40 -3.88 7.14
CA MET B 529 -17.95 -3.73 5.77
C MET B 529 -17.33 -5.05 5.32
N VAL B 530 -17.51 -5.39 4.05
CA VAL B 530 -17.04 -6.66 3.51
C VAL B 530 -16.08 -6.36 2.36
N TYR B 531 -14.84 -6.81 2.48
CA TYR B 531 -13.85 -6.66 1.43
C TYR B 531 -13.07 -7.95 1.34
N PRO B 532 -13.20 -8.71 0.25
CA PRO B 532 -12.59 -10.04 0.19
C PRO B 532 -11.10 -10.06 -0.04
N PHE B 533 -10.44 -8.91 -0.17
CA PHE B 533 -9.03 -8.85 -0.50
C PHE B 533 -8.17 -8.37 0.65
N THR B 534 -8.70 -8.43 1.88
CA THR B 534 -7.93 -8.09 3.07
C THR B 534 -8.52 -8.86 4.23
N GLY B 535 -7.74 -8.98 5.30
CA GLY B 535 -8.18 -9.72 6.47
C GLY B 535 -9.20 -8.94 7.28
N ASP B 536 -9.72 -9.61 8.31
CA ASP B 536 -10.69 -8.96 9.19
C ASP B 536 -9.99 -7.96 10.08
N HIS B 537 -10.45 -6.72 10.06
CA HIS B 537 -9.94 -5.68 10.92
C HIS B 537 -11.08 -4.71 11.22
N LYS B 538 -10.75 -3.59 11.85
CA LYS B 538 -11.70 -2.52 12.11
C LYS B 538 -11.13 -1.24 11.55
N GLN B 539 -11.99 -0.42 10.94
CA GLN B 539 -11.52 0.83 10.38
C GLN B 539 -12.17 1.99 11.12
N LYS B 540 -11.37 3.03 11.37
CA LYS B 540 -11.76 4.18 12.17
C LYS B 540 -12.63 5.11 11.33
N PHE B 541 -13.80 5.43 11.85
CA PHE B 541 -14.73 6.39 11.27
C PHE B 541 -15.07 7.45 12.32
N TYR B 542 -16.08 8.26 12.03
CA TYR B 542 -16.59 9.31 12.90
C TYR B 542 -18.06 9.15 13.25
N TRP B 543 -18.36 9.32 14.52
CA TRP B 543 -19.71 9.64 14.96
C TRP B 543 -19.75 11.11 15.34
N GLY B 544 -19.86 11.95 14.32
CA GLY B 544 -19.83 13.39 14.55
C GLY B 544 -18.42 13.89 14.75
N HIS B 545 -18.09 14.24 15.98
CA HIS B 545 -16.72 14.57 16.37
C HIS B 545 -16.05 13.45 17.14
N LYS B 546 -16.72 12.32 17.33
CA LYS B 546 -16.21 11.20 18.09
C LYS B 546 -15.86 10.07 17.14
N GLU B 547 -14.66 9.52 17.30
CA GLU B 547 -14.20 8.43 16.45
C GLU B 547 -14.77 7.08 16.90
N ILE B 548 -15.22 6.29 15.94
CA ILE B 548 -15.73 4.96 16.17
C ILE B 548 -14.99 4.00 15.25
N LEU B 549 -15.18 2.70 15.49
CA LEU B 549 -14.56 1.64 14.69
C LEU B 549 -15.65 0.76 14.12
N ILE B 550 -15.64 0.58 12.80
CA ILE B 550 -16.57 -0.28 12.10
C ILE B 550 -15.81 -1.50 11.62
N PRO B 551 -16.27 -2.72 11.93
CA PRO B 551 -15.53 -3.91 11.54
C PRO B 551 -15.54 -4.18 10.04
N VAL B 552 -14.38 -4.56 9.53
CA VAL B 552 -14.19 -4.98 8.15
C VAL B 552 -14.04 -6.49 8.13
N PHE B 553 -14.72 -7.15 7.20
CA PHE B 553 -14.73 -8.59 7.13
C PHE B 553 -14.21 -9.07 5.78
N LYS B 554 -13.44 -10.15 5.80
CA LYS B 554 -13.02 -10.79 4.56
C LYS B 554 -14.18 -11.56 3.93
N ASN B 555 -14.98 -12.23 4.76
CA ASN B 555 -16.06 -13.07 4.29
C ASN B 555 -17.39 -12.41 4.59
N MET B 556 -18.36 -12.65 3.70
CA MET B 556 -19.71 -12.17 3.94
C MET B 556 -20.38 -12.93 5.08
N ALA B 557 -20.07 -14.22 5.22
CA ALA B 557 -20.70 -15.05 6.24
C ALA B 557 -20.30 -14.61 7.64
N ASP B 558 -19.07 -14.10 7.80
CA ASP B 558 -18.64 -13.59 9.09
C ASP B 558 -19.39 -12.31 9.46
N ALA B 559 -19.68 -11.47 8.47
CA ALA B 559 -20.41 -10.24 8.73
C ALA B 559 -21.88 -10.51 9.05
N MET B 560 -22.47 -11.48 8.37
CA MET B 560 -23.88 -11.77 8.58
C MET B 560 -24.10 -12.50 9.90
N ARG B 561 -23.10 -13.28 10.33
CA ARG B 561 -23.23 -14.03 11.58
C ARG B 561 -23.05 -13.13 12.79
N LYS B 562 -22.07 -12.23 12.74
CA LYS B 562 -21.82 -11.36 13.88
C LYS B 562 -22.84 -10.22 13.96
N HIS B 563 -23.52 -9.91 12.87
CA HIS B 563 -24.48 -8.80 12.80
C HIS B 563 -25.80 -9.31 12.26
N PRO B 564 -26.64 -9.91 13.12
CA PRO B 564 -27.97 -10.34 12.66
C PRO B 564 -28.99 -9.22 12.58
N GLU B 565 -28.64 -8.01 13.02
CA GLU B 565 -29.53 -6.86 12.97
C GLU B 565 -29.51 -6.15 11.64
N VAL B 566 -28.76 -6.64 10.67
CA VAL B 566 -28.57 -6.01 9.38
C VAL B 566 -29.63 -6.52 8.43
N ASP B 567 -30.39 -5.62 7.82
CA ASP B 567 -31.38 -5.99 6.83
C ASP B 567 -31.15 -5.34 5.47
N VAL B 568 -30.07 -4.58 5.29
CA VAL B 568 -29.75 -3.92 4.03
C VAL B 568 -28.32 -4.27 3.66
N LEU B 569 -28.10 -4.65 2.41
CA LEU B 569 -26.77 -4.73 1.83
C LEU B 569 -26.63 -3.65 0.78
N ILE B 570 -25.55 -2.89 0.84
CA ILE B 570 -25.22 -1.91 -0.18
C ILE B 570 -24.02 -2.43 -0.93
N ASN B 571 -24.22 -2.78 -2.20
CA ASN B 571 -23.28 -3.58 -2.96
C ASN B 571 -22.50 -2.65 -3.90
N PHE B 572 -21.27 -2.33 -3.49
CA PHE B 572 -20.38 -1.50 -4.29
C PHE B 572 -19.43 -2.32 -5.13
N ALA B 573 -19.76 -3.59 -5.37
CA ALA B 573 -18.96 -4.43 -6.23
C ALA B 573 -19.09 -3.98 -7.68
N SER B 574 -18.10 -4.33 -8.50
CA SER B 574 -18.06 -3.91 -9.88
C SER B 574 -19.09 -4.65 -10.71
N LEU B 575 -19.14 -4.32 -12.01
CA LEU B 575 -20.11 -4.94 -12.90
C LEU B 575 -19.84 -6.43 -13.09
N ARG B 576 -18.59 -6.85 -12.95
CA ARG B 576 -18.21 -8.24 -13.06
C ARG B 576 -18.10 -8.91 -11.70
N SER B 577 -18.48 -8.22 -10.63
CA SER B 577 -18.55 -8.81 -9.30
C SER B 577 -19.90 -8.66 -8.64
N ALA B 578 -20.81 -7.83 -9.15
CA ALA B 578 -22.06 -7.56 -8.45
C ALA B 578 -23.11 -8.63 -8.71
N TYR B 579 -22.86 -9.59 -9.60
CA TYR B 579 -23.79 -10.69 -9.75
C TYR B 579 -23.55 -11.75 -8.67
N ASP B 580 -22.29 -12.15 -8.50
CA ASP B 580 -21.95 -13.16 -7.51
C ASP B 580 -22.09 -12.63 -6.10
N SER B 581 -21.81 -11.35 -5.88
CA SER B 581 -21.94 -10.77 -4.56
C SER B 581 -23.39 -10.57 -4.16
N THR B 582 -24.31 -10.52 -5.13
CA THR B 582 -25.72 -10.39 -4.85
C THR B 582 -26.40 -11.75 -4.75
N MET B 583 -25.94 -12.73 -5.53
CA MET B 583 -26.40 -14.11 -5.31
C MET B 583 -25.94 -14.66 -3.97
N GLU B 584 -24.74 -14.27 -3.52
CA GLU B 584 -24.23 -14.80 -2.26
C GLU B 584 -24.99 -14.21 -1.06
N THR B 585 -25.44 -12.97 -1.16
CA THR B 585 -26.12 -12.31 -0.06
C THR B 585 -27.61 -12.60 0.01
N MET B 586 -28.15 -13.33 -0.97
CA MET B 586 -29.52 -13.77 -0.88
C MET B 586 -29.65 -15.16 -0.28
N ASN B 587 -28.53 -15.76 0.07
CA ASN B 587 -28.52 -16.94 0.92
C ASN B 587 -28.74 -16.59 2.39
N TYR B 588 -28.65 -15.32 2.74
CA TYR B 588 -28.84 -14.84 4.11
C TYR B 588 -30.19 -14.16 4.18
N ALA B 589 -31.12 -14.75 4.93
CA ALA B 589 -32.50 -14.30 4.93
C ALA B 589 -32.73 -13.02 5.72
N GLN B 590 -31.71 -12.53 6.42
CA GLN B 590 -31.87 -11.27 7.13
C GLN B 590 -31.90 -10.08 6.18
N ILE B 591 -31.21 -10.18 5.04
CA ILE B 591 -31.08 -9.07 4.10
C ILE B 591 -32.38 -8.96 3.32
N ARG B 592 -33.15 -7.91 3.59
CA ARG B 592 -34.43 -7.69 2.92
C ARG B 592 -34.35 -6.68 1.79
N THR B 593 -33.28 -5.89 1.73
CA THR B 593 -33.08 -4.88 0.71
C THR B 593 -31.63 -4.93 0.25
N ILE B 594 -31.43 -4.94 -1.06
CA ILE B 594 -30.10 -4.89 -1.66
C ILE B 594 -30.04 -3.70 -2.60
N ALA B 595 -28.99 -2.91 -2.49
CA ALA B 595 -28.72 -1.83 -3.42
C ALA B 595 -27.48 -2.18 -4.22
N ILE B 596 -27.64 -2.23 -5.55
CA ILE B 596 -26.54 -2.54 -6.46
C ILE B 596 -26.16 -1.27 -7.17
N ILE B 597 -24.92 -0.82 -6.96
CA ILE B 597 -24.49 0.47 -7.47
C ILE B 597 -23.97 0.36 -8.90
N ALA B 598 -23.40 -0.79 -9.28
CA ALA B 598 -22.60 -0.93 -10.49
C ALA B 598 -23.42 -0.76 -11.75
N GLN B 599 -22.82 -0.08 -12.72
CA GLN B 599 -23.40 0.13 -14.05
C GLN B 599 -22.63 -0.70 -15.05
N GLY B 600 -23.34 -1.41 -15.91
CA GLY B 600 -22.74 -2.28 -16.88
C GLY B 600 -22.92 -3.75 -16.67
N ILE B 601 -23.74 -4.15 -15.71
CA ILE B 601 -24.10 -5.56 -15.55
C ILE B 601 -24.95 -5.98 -16.74
N PRO B 602 -24.70 -7.15 -17.34
CA PRO B 602 -25.52 -7.60 -18.48
C PRO B 602 -26.97 -7.85 -18.09
N GLU B 603 -27.85 -7.66 -19.07
CA GLU B 603 -29.28 -7.76 -18.81
C GLU B 603 -29.70 -9.19 -18.51
N ALA B 604 -28.99 -10.18 -19.04
CA ALA B 604 -29.31 -11.56 -18.72
C ALA B 604 -28.92 -11.91 -17.29
N LEU B 605 -27.84 -11.33 -16.79
CA LEU B 605 -27.43 -11.57 -15.41
C LEU B 605 -28.29 -10.81 -14.42
N THR B 606 -28.83 -9.66 -14.83
CA THR B 606 -29.70 -8.88 -13.97
C THR B 606 -31.04 -9.57 -13.80
N ARG B 607 -31.54 -10.21 -14.84
CA ARG B 607 -32.83 -10.90 -14.77
C ARG B 607 -32.79 -12.13 -13.88
N LYS B 608 -31.62 -12.71 -13.65
CA LYS B 608 -31.49 -13.76 -12.65
C LYS B 608 -31.48 -13.20 -11.24
N LEU B 609 -30.95 -11.99 -11.06
CA LEU B 609 -31.07 -11.30 -9.78
C LEU B 609 -32.53 -10.95 -9.50
N ILE B 610 -33.27 -10.55 -10.53
CA ILE B 610 -34.67 -10.19 -10.36
C ILE B 610 -35.51 -11.43 -10.06
N LYS B 611 -35.17 -12.55 -10.70
CA LYS B 611 -35.92 -13.80 -10.50
C LYS B 611 -35.78 -14.31 -9.08
N LYS B 612 -34.55 -14.31 -8.54
CA LYS B 612 -34.35 -14.80 -7.19
C LYS B 612 -34.86 -13.82 -6.15
N ALA B 613 -34.86 -12.52 -6.46
CA ALA B 613 -35.45 -11.53 -5.57
C ALA B 613 -36.95 -11.66 -5.49
N ASP B 614 -37.59 -12.14 -6.55
CA ASP B 614 -39.02 -12.40 -6.49
C ASP B 614 -39.31 -13.62 -5.62
N GLN B 615 -38.45 -14.64 -5.69
CA GLN B 615 -38.63 -15.82 -4.86
C GLN B 615 -38.34 -15.53 -3.39
N LYS B 616 -37.20 -14.87 -3.13
CA LYS B 616 -36.77 -14.65 -1.76
C LYS B 616 -37.48 -13.50 -1.08
N GLY B 617 -38.29 -12.74 -1.80
CA GLY B 617 -38.96 -11.58 -1.22
C GLY B 617 -38.01 -10.47 -0.84
N VAL B 618 -37.02 -10.20 -1.68
CA VAL B 618 -35.98 -9.22 -1.42
C VAL B 618 -36.18 -8.06 -2.39
N THR B 619 -36.26 -6.84 -1.85
CA THR B 619 -36.28 -5.66 -2.69
C THR B 619 -34.88 -5.36 -3.19
N ILE B 620 -34.74 -5.14 -4.49
CA ILE B 620 -33.45 -4.82 -5.08
C ILE B 620 -33.58 -3.44 -5.69
N ILE B 621 -32.73 -2.52 -5.26
CA ILE B 621 -32.73 -1.15 -5.75
C ILE B 621 -31.51 -1.02 -6.65
N GLY B 622 -31.74 -1.05 -7.95
CA GLY B 622 -30.66 -1.03 -8.89
C GLY B 622 -30.81 -2.14 -9.91
N PRO B 623 -29.74 -2.42 -10.67
CA PRO B 623 -28.39 -1.85 -10.66
C PRO B 623 -28.29 -0.49 -11.35
N ALA B 624 -27.07 0.02 -11.47
CA ALA B 624 -26.76 1.33 -12.04
C ALA B 624 -27.49 2.45 -11.32
N THR B 625 -27.55 2.39 -10.00
CA THR B 625 -28.24 3.39 -9.19
C THR B 625 -27.28 4.01 -8.18
N VAL B 626 -27.69 5.15 -7.65
CA VAL B 626 -26.99 5.74 -6.52
C VAL B 626 -27.59 5.25 -5.21
N GLY B 627 -28.79 4.68 -5.25
CA GLY B 627 -29.46 4.17 -4.09
C GLY B 627 -30.74 4.92 -3.83
N GLY B 628 -30.80 5.55 -2.67
CA GLY B 628 -31.98 6.29 -2.30
C GLY B 628 -31.75 6.88 -0.93
N ILE B 629 -32.59 7.85 -0.60
CA ILE B 629 -32.45 8.58 0.66
C ILE B 629 -33.81 8.64 1.33
N LYS B 630 -33.84 8.35 2.63
CA LYS B 630 -35.02 8.59 3.46
C LYS B 630 -34.57 9.58 4.52
N PRO B 631 -34.95 10.85 4.42
CA PRO B 631 -34.54 11.83 5.42
C PRO B 631 -35.08 11.52 6.81
N GLY B 632 -34.20 11.59 7.79
CA GLY B 632 -34.49 11.18 9.14
C GLY B 632 -34.15 9.75 9.46
N CYS B 633 -34.10 8.87 8.47
CA CYS B 633 -33.98 7.44 8.72
C CYS B 633 -32.70 6.83 8.15
N PHE B 634 -32.46 6.96 6.85
CA PHE B 634 -31.43 6.15 6.19
C PHE B 634 -31.15 6.73 4.81
N LYS B 635 -29.90 6.67 4.38
CA LYS B 635 -29.52 6.97 3.01
C LYS B 635 -28.61 5.87 2.52
N ILE B 636 -28.60 5.64 1.21
CA ILE B 636 -27.84 4.54 0.63
C ILE B 636 -26.60 5.12 -0.02
N GLY B 637 -25.44 4.78 0.54
CA GLY B 637 -24.17 5.10 -0.05
C GLY B 637 -23.87 6.57 -0.19
N ASN B 638 -23.90 7.05 -1.43
CA ASN B 638 -23.56 8.41 -1.77
C ASN B 638 -24.77 9.24 -2.14
N THR B 639 -25.98 8.81 -1.78
CA THR B 639 -27.19 9.47 -2.22
C THR B 639 -27.35 10.82 -1.54
N GLY B 640 -27.59 11.86 -2.32
CA GLY B 640 -27.66 13.19 -1.78
C GLY B 640 -26.33 13.90 -1.67
N GLY B 641 -25.24 13.18 -1.82
CA GLY B 641 -23.93 13.79 -1.89
C GLY B 641 -23.26 13.99 -0.56
N MET B 642 -22.46 15.06 -0.48
CA MET B 642 -21.80 15.43 0.76
C MET B 642 -22.81 16.03 1.74
N LEU B 643 -22.34 16.32 2.94
CA LEU B 643 -23.21 16.95 3.94
C LEU B 643 -23.49 18.41 3.62
N ASP B 644 -22.77 19.00 2.68
CA ASP B 644 -23.09 20.33 2.20
C ASP B 644 -24.46 20.36 1.52
N ASN B 645 -24.78 19.29 0.77
CA ASN B 645 -26.04 19.18 0.06
C ASN B 645 -27.14 18.54 0.89
N ILE B 646 -26.79 17.76 1.92
CA ILE B 646 -27.79 17.24 2.84
C ILE B 646 -28.45 18.38 3.60
N LEU B 647 -27.65 19.35 4.05
CA LEU B 647 -28.16 20.52 4.75
C LEU B 647 -28.78 21.57 3.84
N ALA B 648 -28.27 21.70 2.61
CA ALA B 648 -28.84 22.67 1.68
C ALA B 648 -30.23 22.23 1.20
N SER B 649 -30.40 20.94 0.96
CA SER B 649 -31.69 20.38 0.58
C SER B 649 -32.53 19.97 1.78
N LYS B 650 -32.01 20.19 2.99
CA LYS B 650 -32.69 19.90 4.27
C LYS B 650 -33.12 18.45 4.36
N LEU B 651 -32.21 17.55 4.01
CA LEU B 651 -32.51 16.13 3.96
C LEU B 651 -32.26 15.44 5.29
N TYR B 652 -32.24 16.20 6.40
CA TYR B 652 -32.09 15.63 7.73
C TYR B 652 -33.42 15.40 8.43
N ARG B 653 -34.52 15.90 7.87
CA ARG B 653 -35.83 15.71 8.44
C ARG B 653 -36.80 15.40 7.31
N PRO B 654 -37.85 14.63 7.57
CA PRO B 654 -38.76 14.26 6.48
C PRO B 654 -39.67 15.41 6.08
N GLY B 655 -40.13 15.34 4.84
CA GLY B 655 -41.17 16.21 4.36
C GLY B 655 -42.42 15.41 4.08
N SER B 656 -43.15 15.75 3.03
CA SER B 656 -44.33 15.00 2.65
C SER B 656 -44.23 14.34 1.28
N VAL B 657 -43.33 14.78 0.43
CA VAL B 657 -43.17 14.22 -0.91
C VAL B 657 -42.24 13.02 -0.87
N ALA B 658 -42.68 11.93 -1.47
CA ALA B 658 -41.81 10.82 -1.79
C ALA B 658 -41.63 10.79 -3.29
N TYR B 659 -40.40 10.65 -3.76
CA TYR B 659 -40.18 10.53 -5.18
C TYR B 659 -39.57 9.18 -5.54
N VAL B 660 -39.83 8.78 -6.79
CA VAL B 660 -39.16 7.67 -7.43
C VAL B 660 -38.65 8.17 -8.78
N SER B 661 -37.47 7.69 -9.18
CA SER B 661 -36.80 8.27 -10.34
C SER B 661 -35.91 7.22 -10.98
N ARG B 662 -35.78 7.32 -12.30
CA ARG B 662 -34.90 6.41 -13.04
C ARG B 662 -33.44 6.69 -12.75
N SER B 663 -33.04 7.95 -12.85
CA SER B 663 -31.64 8.33 -12.72
C SER B 663 -31.32 8.89 -11.35
N GLY B 664 -30.07 8.69 -10.92
CA GLY B 664 -29.64 9.06 -9.60
C GLY B 664 -28.98 10.41 -9.47
N GLY B 665 -28.59 11.05 -10.56
CA GLY B 665 -28.08 12.39 -10.46
C GLY B 665 -29.20 13.40 -10.59
N MET B 666 -30.32 12.97 -11.16
CA MET B 666 -31.49 13.81 -11.26
C MET B 666 -32.39 13.64 -10.05
N SER B 667 -32.11 12.64 -9.22
CA SER B 667 -32.70 12.56 -7.90
C SER B 667 -32.13 13.63 -6.99
N ASN B 668 -30.84 13.90 -7.10
CA ASN B 668 -30.22 14.99 -6.36
C ASN B 668 -30.67 16.35 -6.87
N GLU B 669 -31.12 16.43 -8.12
CA GLU B 669 -31.88 17.60 -8.56
C GLU B 669 -33.30 17.56 -8.03
N LEU B 670 -33.87 16.37 -7.87
CA LEU B 670 -35.22 16.25 -7.30
C LEU B 670 -35.21 16.48 -5.80
N ASN B 671 -34.08 16.22 -5.14
CA ASN B 671 -33.91 16.65 -3.76
C ASN B 671 -33.98 18.18 -3.66
N ASN B 672 -33.37 18.86 -4.62
CA ASN B 672 -33.27 20.31 -4.64
C ASN B 672 -34.58 20.98 -5.00
N ILE B 673 -35.32 20.42 -5.95
CA ILE B 673 -36.58 21.01 -6.39
C ILE B 673 -37.65 20.86 -5.32
N ILE B 674 -37.71 19.71 -4.66
CA ILE B 674 -38.68 19.46 -3.61
C ILE B 674 -38.33 20.22 -2.33
N SER B 675 -37.06 20.47 -2.05
CA SER B 675 -36.69 21.23 -0.85
C SER B 675 -37.14 22.68 -0.92
N ARG B 676 -36.96 23.33 -2.06
CA ARG B 676 -37.22 24.76 -2.17
C ARG B 676 -38.68 25.11 -2.44
N THR B 677 -39.51 24.14 -2.82
CA THR B 677 -40.93 24.39 -3.08
C THR B 677 -41.87 23.72 -2.09
N THR B 678 -41.36 22.85 -1.22
CA THR B 678 -42.17 21.94 -0.42
C THR B 678 -41.41 21.76 0.90
N ASP B 679 -42.08 21.25 1.95
CA ASP B 679 -41.46 21.01 3.24
C ASP B 679 -40.44 19.87 3.23
N GLY B 680 -40.17 19.24 2.10
CA GLY B 680 -39.03 18.34 1.98
C GLY B 680 -39.40 17.04 1.33
N VAL B 681 -38.44 16.12 1.36
CA VAL B 681 -38.57 14.78 0.79
C VAL B 681 -38.88 13.82 1.92
N TYR B 682 -39.90 12.98 1.73
CA TYR B 682 -40.13 11.91 2.70
C TYR B 682 -39.17 10.76 2.46
N GLU B 683 -39.15 10.25 1.23
CA GLU B 683 -38.26 9.17 0.84
C GLU B 683 -38.07 9.24 -0.67
N GLY B 684 -36.83 9.28 -1.13
CA GLY B 684 -36.54 9.23 -2.54
C GLY B 684 -35.78 7.96 -2.89
N VAL B 685 -36.14 7.36 -4.02
CA VAL B 685 -35.48 6.16 -4.52
C VAL B 685 -35.14 6.37 -5.98
N ALA B 686 -33.87 6.16 -6.32
CA ALA B 686 -33.41 6.09 -7.71
C ALA B 686 -33.32 4.62 -8.09
N ILE B 687 -34.13 4.20 -9.07
CA ILE B 687 -34.23 2.78 -9.38
C ILE B 687 -33.18 2.29 -10.36
N GLY B 688 -32.41 3.19 -10.97
CA GLY B 688 -31.36 2.79 -11.87
C GLY B 688 -31.75 2.94 -13.33
N GLY B 689 -30.75 3.14 -14.16
CA GLY B 689 -30.94 3.33 -15.58
C GLY B 689 -30.88 2.08 -16.43
N ASP B 690 -30.87 0.89 -15.82
CA ASP B 690 -30.76 -0.34 -16.58
C ASP B 690 -32.10 -0.67 -17.25
N ARG B 691 -32.05 -1.62 -18.19
CA ARG B 691 -33.25 -2.03 -18.92
C ARG B 691 -34.26 -2.70 -18.01
N TYR B 692 -33.77 -3.59 -17.13
CA TYR B 692 -34.60 -4.31 -16.17
C TYR B 692 -34.09 -3.92 -14.79
N PRO B 693 -34.68 -2.91 -14.16
CA PRO B 693 -34.29 -2.58 -12.79
C PRO B 693 -34.79 -3.65 -11.83
N GLY B 694 -34.12 -3.76 -10.68
CA GLY B 694 -34.56 -4.69 -9.67
C GLY B 694 -35.93 -4.37 -9.13
N SER B 695 -36.24 -3.09 -8.98
CA SER B 695 -37.54 -2.63 -8.57
C SER B 695 -38.01 -1.55 -9.52
N THR B 696 -39.29 -1.60 -9.88
CA THR B 696 -39.85 -0.70 -10.87
C THR B 696 -40.43 0.54 -10.18
N PHE B 697 -41.19 1.35 -10.92
CA PHE B 697 -41.89 2.47 -10.30
C PHE B 697 -43.00 2.00 -9.38
N MET B 698 -43.83 1.07 -9.85
CA MET B 698 -44.93 0.55 -9.02
C MET B 698 -44.44 -0.31 -7.87
N ASP B 699 -43.17 -0.70 -7.84
CA ASP B 699 -42.66 -1.33 -6.63
C ASP B 699 -42.46 -0.30 -5.53
N HIS B 700 -42.39 0.98 -5.88
CA HIS B 700 -42.19 2.08 -4.94
C HIS B 700 -43.38 3.02 -4.86
N VAL B 701 -44.09 3.26 -5.95
CA VAL B 701 -45.30 4.09 -5.91
C VAL B 701 -46.38 3.41 -5.08
N LEU B 702 -46.44 2.08 -5.11
CA LEU B 702 -47.36 1.36 -4.25
C LEU B 702 -46.94 1.44 -2.78
N ARG B 703 -45.63 1.45 -2.53
CA ARG B 703 -45.12 1.65 -1.17
C ARG B 703 -45.46 3.03 -0.65
N TYR B 704 -45.30 4.04 -1.50
CA TYR B 704 -45.57 5.42 -1.10
C TYR B 704 -47.07 5.66 -0.93
N GLN B 705 -47.89 4.95 -1.69
CA GLN B 705 -49.33 5.06 -1.51
C GLN B 705 -49.78 4.41 -0.22
N ASP B 706 -49.10 3.34 0.20
CA ASP B 706 -49.40 2.63 1.44
C ASP B 706 -48.60 3.15 2.62
N THR B 707 -48.05 4.36 2.51
CA THR B 707 -47.31 5.01 3.58
C THR B 707 -48.07 6.24 4.03
N PRO B 708 -48.44 6.37 5.31
CA PRO B 708 -49.18 7.56 5.74
C PRO B 708 -48.33 8.83 5.77
N GLY B 709 -47.02 8.71 5.83
CA GLY B 709 -46.17 9.88 5.86
C GLY B 709 -46.07 10.61 4.54
N VAL B 710 -46.36 9.93 3.44
CA VAL B 710 -46.36 10.54 2.11
C VAL B 710 -47.72 11.14 1.85
N LYS B 711 -47.75 12.35 1.32
CA LYS B 711 -48.99 13.00 0.93
C LYS B 711 -49.09 13.24 -0.57
N MET B 712 -47.96 13.27 -1.27
CA MET B 712 -47.94 13.36 -2.73
C MET B 712 -46.66 12.74 -3.26
N ILE B 713 -46.73 12.23 -4.50
CA ILE B 713 -45.69 11.39 -5.08
C ILE B 713 -45.17 12.08 -6.33
N VAL B 714 -43.87 12.04 -6.55
CA VAL B 714 -43.24 12.59 -7.75
C VAL B 714 -42.53 11.47 -8.49
N VAL B 715 -42.82 11.32 -9.77
CA VAL B 715 -42.16 10.30 -10.59
C VAL B 715 -41.34 11.01 -11.66
N LEU B 716 -40.10 10.58 -11.85
CA LEU B 716 -39.27 11.09 -12.94
C LEU B 716 -38.92 9.93 -13.85
N GLY B 717 -39.67 9.76 -14.93
CA GLY B 717 -39.46 8.67 -15.86
C GLY B 717 -38.40 8.98 -16.89
N GLU B 718 -38.31 8.08 -17.88
CA GLU B 718 -37.41 8.25 -19.01
C GLU B 718 -38.11 7.78 -20.27
N ILE B 719 -37.31 7.59 -21.33
CA ILE B 719 -37.80 6.99 -22.56
C ILE B 719 -37.51 5.50 -22.54
N GLY B 720 -38.36 4.73 -23.20
CA GLY B 720 -38.07 3.30 -23.28
C GLY B 720 -38.66 2.53 -22.11
N GLY B 721 -39.35 1.46 -22.45
CA GLY B 721 -40.12 0.71 -21.48
C GLY B 721 -41.51 1.29 -21.30
N THR B 722 -42.39 0.45 -20.79
CA THR B 722 -43.78 0.83 -20.55
C THR B 722 -44.11 0.76 -19.08
N GLU B 723 -43.16 1.21 -18.23
CA GLU B 723 -43.36 1.18 -16.80
C GLU B 723 -44.37 2.23 -16.33
N GLU B 724 -44.36 3.41 -16.93
CA GLU B 724 -45.23 4.50 -16.51
C GLU B 724 -46.68 4.29 -16.91
N TYR B 725 -46.97 3.29 -17.75
CA TYR B 725 -48.33 2.90 -18.06
C TYR B 725 -48.95 2.06 -16.95
N LYS B 726 -48.14 1.50 -16.06
CA LYS B 726 -48.68 0.81 -14.89
C LYS B 726 -49.20 1.81 -13.88
N ILE B 727 -48.57 2.99 -13.81
CA ILE B 727 -49.06 4.07 -12.96
C ILE B 727 -50.40 4.58 -13.48
N CYS B 728 -50.56 4.65 -14.80
CA CYS B 728 -51.84 5.02 -15.40
C CYS B 728 -52.92 4.00 -15.11
N ARG B 729 -52.57 2.71 -15.14
CA ARG B 729 -53.57 1.68 -14.87
C ARG B 729 -53.89 1.59 -13.38
N GLY B 730 -52.89 1.85 -12.53
CA GLY B 730 -53.12 1.82 -11.10
C GLY B 730 -54.01 2.93 -10.58
N ILE B 731 -54.14 4.01 -11.35
CA ILE B 731 -55.03 5.09 -10.97
C ILE B 731 -56.46 4.78 -11.38
N LYS B 732 -56.64 4.23 -12.58
CA LYS B 732 -57.98 3.96 -13.11
C LYS B 732 -58.68 2.86 -12.34
N GLU B 733 -57.91 1.96 -11.73
CA GLU B 733 -58.46 0.93 -10.86
C GLU B 733 -58.61 1.41 -9.42
N GLY B 734 -58.26 2.66 -9.14
CA GLY B 734 -58.43 3.22 -7.81
C GLY B 734 -57.37 2.84 -6.82
N ARG B 735 -56.30 2.19 -7.27
CA ARG B 735 -55.26 1.75 -6.36
C ARG B 735 -54.37 2.89 -5.89
N LEU B 736 -54.07 3.86 -6.75
CA LEU B 736 -53.33 5.04 -6.37
C LEU B 736 -54.28 6.21 -6.24
N THR B 737 -54.33 6.81 -5.05
CA THR B 737 -55.22 7.93 -4.76
C THR B 737 -54.51 9.23 -4.40
N LYS B 738 -53.26 9.17 -3.94
CA LYS B 738 -52.48 10.36 -3.63
C LYS B 738 -52.15 11.12 -4.92
N PRO B 739 -51.96 12.44 -4.83
CA PRO B 739 -51.57 13.21 -6.03
C PRO B 739 -50.19 12.82 -6.52
N ILE B 740 -50.09 12.59 -7.82
CA ILE B 740 -48.86 12.14 -8.48
C ILE B 740 -48.47 13.19 -9.50
N VAL B 741 -47.21 13.63 -9.44
CA VAL B 741 -46.62 14.54 -10.42
C VAL B 741 -45.57 13.75 -11.19
N CYS B 742 -45.68 13.71 -12.52
CA CYS B 742 -44.75 12.90 -13.28
C CYS B 742 -44.26 13.68 -14.50
N TRP B 743 -43.05 13.33 -14.92
CA TRP B 743 -42.47 13.85 -16.15
C TRP B 743 -41.51 12.81 -16.69
N CYS B 744 -41.70 12.39 -17.94
CA CYS B 744 -40.79 11.45 -18.58
C CYS B 744 -39.81 12.21 -19.47
N ILE B 745 -38.53 12.06 -19.17
CA ILE B 745 -37.50 12.73 -19.96
C ILE B 745 -37.18 11.90 -21.20
N GLY B 746 -36.70 12.57 -22.24
CA GLY B 746 -36.50 11.90 -23.51
C GLY B 746 -37.46 12.38 -24.57
N THR B 747 -37.94 13.60 -24.42
CA THR B 747 -38.82 14.21 -25.41
C THR B 747 -38.07 14.57 -26.70
N CYS B 748 -36.76 14.81 -26.61
CA CYS B 748 -35.94 15.19 -27.76
C CYS B 748 -35.79 14.08 -28.78
N ALA B 749 -35.96 12.82 -28.38
CA ALA B 749 -35.62 11.70 -29.26
C ALA B 749 -36.62 11.51 -30.39
N THR B 750 -37.80 12.13 -30.32
CA THR B 750 -38.69 12.11 -31.47
C THR B 750 -38.36 13.19 -32.48
N MET B 751 -37.51 14.15 -32.12
CA MET B 751 -37.13 15.22 -33.03
C MET B 751 -35.87 14.92 -33.81
N PHE B 752 -35.18 13.83 -33.50
CA PHE B 752 -33.98 13.44 -34.22
C PHE B 752 -34.35 12.62 -35.45
N SER B 753 -33.41 12.56 -36.40
CA SER B 753 -33.66 11.88 -37.67
C SER B 753 -33.73 10.37 -37.50
N SER B 754 -32.64 9.77 -37.05
CA SER B 754 -32.61 8.36 -36.72
C SER B 754 -32.48 8.20 -35.21
N GLU B 755 -32.62 6.95 -34.75
CA GLU B 755 -32.67 6.66 -33.33
C GLU B 755 -31.32 6.89 -32.67
N VAL B 756 -31.34 7.33 -31.42
CA VAL B 756 -30.14 7.60 -30.65
C VAL B 756 -30.24 6.84 -29.32
N GLN B 757 -29.13 6.22 -28.93
CA GLN B 757 -29.07 5.45 -27.71
C GLN B 757 -28.45 6.33 -26.63
N PHE B 758 -29.22 6.59 -25.56
CA PHE B 758 -28.79 7.51 -24.53
C PHE B 758 -27.82 6.82 -23.56
N GLY B 759 -27.50 7.50 -22.47
CA GLY B 759 -26.46 7.00 -21.58
C GLY B 759 -26.91 5.83 -20.73
N HIS B 760 -28.22 5.66 -20.59
CA HIS B 760 -28.76 4.57 -19.80
C HIS B 760 -29.10 3.37 -20.67
N ALA B 761 -28.98 2.18 -20.08
CA ALA B 761 -29.14 0.95 -20.85
C ALA B 761 -30.58 0.72 -21.28
N GLY B 762 -31.55 1.28 -20.55
CA GLY B 762 -32.94 1.11 -20.89
C GLY B 762 -33.57 2.28 -21.60
N ALA B 763 -32.79 3.24 -22.07
CA ALA B 763 -33.31 4.47 -22.68
C ALA B 763 -33.41 4.31 -24.19
N CYS B 764 -34.19 3.32 -24.61
CA CYS B 764 -34.39 3.04 -26.02
C CYS B 764 -35.86 2.77 -26.27
N ALA B 765 -36.49 3.60 -27.10
CA ALA B 765 -37.90 3.46 -27.40
C ALA B 765 -38.07 2.45 -28.53
N ASN B 766 -38.33 1.19 -28.17
CA ASN B 766 -38.54 0.15 -29.16
C ASN B 766 -39.88 0.27 -29.87
N GLN B 767 -40.90 0.83 -29.21
CA GLN B 767 -42.23 1.01 -29.78
C GLN B 767 -42.59 2.49 -29.75
N ALA B 768 -43.74 2.81 -30.32
CA ALA B 768 -44.23 4.17 -30.29
C ALA B 768 -44.79 4.57 -28.93
N SER B 769 -45.25 3.60 -28.14
CA SER B 769 -45.77 3.91 -26.81
C SER B 769 -44.65 4.15 -25.82
N GLU B 770 -43.47 3.59 -26.05
CA GLU B 770 -42.35 3.74 -25.12
C GLU B 770 -41.68 5.09 -25.21
N THR B 771 -42.06 5.95 -26.16
CA THR B 771 -41.49 7.29 -26.24
C THR B 771 -41.98 8.13 -25.07
N ALA B 772 -41.11 9.03 -24.60
CA ALA B 772 -41.45 9.88 -23.47
C ALA B 772 -42.49 10.93 -23.83
N VAL B 773 -42.64 11.24 -25.11
CA VAL B 773 -43.71 12.13 -25.55
C VAL B 773 -45.06 11.45 -25.42
N ALA B 774 -45.13 10.18 -25.79
CA ALA B 774 -46.38 9.45 -25.71
C ALA B 774 -46.72 9.09 -24.27
N LYS B 775 -45.70 8.87 -23.43
CA LYS B 775 -45.96 8.54 -22.03
C LYS B 775 -46.42 9.74 -21.23
N ASN B 776 -45.80 10.90 -21.45
CA ASN B 776 -46.24 12.15 -20.81
C ASN B 776 -47.65 12.53 -21.23
N GLN B 777 -48.03 12.22 -22.45
CA GLN B 777 -49.40 12.48 -22.88
C GLN B 777 -50.37 11.52 -22.21
N ALA B 778 -49.98 10.26 -22.04
CA ALA B 778 -50.87 9.24 -21.51
C ALA B 778 -51.15 9.42 -20.02
N LEU B 779 -50.21 10.01 -19.29
CA LEU B 779 -50.44 10.29 -17.87
C LEU B 779 -51.38 11.47 -17.66
N LYS B 780 -51.61 12.29 -18.67
CA LYS B 780 -52.47 13.46 -18.48
C LYS B 780 -53.95 13.10 -18.38
N GLU B 781 -54.42 12.08 -19.12
CA GLU B 781 -55.81 11.66 -18.93
C GLU B 781 -55.95 10.83 -17.67
N ALA B 782 -54.85 10.32 -17.14
CA ALA B 782 -54.85 9.54 -15.93
C ALA B 782 -54.91 10.40 -14.68
N GLY B 783 -55.00 11.71 -14.82
CA GLY B 783 -55.06 12.57 -13.65
C GLY B 783 -53.72 12.82 -12.99
N VAL B 784 -52.64 12.47 -13.64
CA VAL B 784 -51.31 12.80 -13.18
C VAL B 784 -51.02 14.22 -13.60
N PHE B 785 -50.45 15.01 -12.69
CA PHE B 785 -50.09 16.40 -12.98
C PHE B 785 -48.78 16.36 -13.74
N VAL B 786 -48.81 16.72 -15.01
CA VAL B 786 -47.64 16.66 -15.89
C VAL B 786 -47.33 18.06 -16.36
N PRO B 787 -46.10 18.57 -16.18
CA PRO B 787 -45.74 19.88 -16.73
C PRO B 787 -45.56 19.85 -18.24
N ARG B 788 -45.35 21.01 -18.87
CA ARG B 788 -45.02 20.96 -20.30
C ARG B 788 -43.57 20.56 -20.51
N SER B 789 -42.67 20.86 -19.56
CA SER B 789 -41.27 20.50 -19.71
C SER B 789 -40.68 20.30 -18.32
N PHE B 790 -39.40 19.94 -18.26
CA PHE B 790 -38.74 19.75 -16.98
C PHE B 790 -38.54 21.07 -16.26
N ASP B 791 -38.38 22.16 -16.99
CA ASP B 791 -38.14 23.45 -16.37
C ASP B 791 -39.39 24.04 -15.71
N GLU B 792 -40.55 23.43 -15.89
CA GLU B 792 -41.73 23.77 -15.11
C GLU B 792 -42.22 22.60 -14.24
N LEU B 793 -41.32 21.68 -13.91
CA LEU B 793 -41.64 20.63 -12.94
C LEU B 793 -41.75 21.17 -11.53
N GLY B 794 -40.88 22.11 -11.16
CA GLY B 794 -40.96 22.70 -9.83
C GLY B 794 -42.15 23.62 -9.65
N GLU B 795 -42.66 24.17 -10.75
CA GLU B 795 -43.85 24.99 -10.68
C GLU B 795 -45.07 24.16 -10.35
N ILE B 796 -45.10 22.90 -10.79
CA ILE B 796 -46.28 22.07 -10.60
C ILE B 796 -46.13 21.14 -9.38
N ILE B 797 -44.90 20.85 -8.96
CA ILE B 797 -44.68 20.26 -7.63
C ILE B 797 -45.16 21.23 -6.56
N GLN B 798 -44.85 22.52 -6.73
CA GLN B 798 -45.27 23.55 -5.79
C GLN B 798 -46.78 23.75 -5.80
N SER B 799 -47.40 23.76 -6.99
CA SER B 799 -48.82 24.11 -7.09
C SER B 799 -49.72 23.03 -6.50
N VAL B 800 -49.32 21.76 -6.62
CA VAL B 800 -50.03 20.69 -5.92
C VAL B 800 -49.81 20.79 -4.42
N TYR B 801 -48.60 21.19 -4.01
CA TYR B 801 -48.31 21.42 -2.60
C TYR B 801 -49.10 22.57 -2.00
N GLU B 802 -49.24 23.68 -2.73
CA GLU B 802 -50.01 24.80 -2.18
C GLU B 802 -51.50 24.51 -2.16
N ASP B 803 -51.97 23.47 -2.84
CA ASP B 803 -53.32 22.98 -2.63
C ASP B 803 -53.42 22.06 -1.43
N LEU B 804 -52.46 21.16 -1.23
CA LEU B 804 -52.51 20.23 -0.11
C LEU B 804 -52.27 20.90 1.23
N VAL B 805 -51.70 22.11 1.23
CA VAL B 805 -51.63 22.90 2.45
C VAL B 805 -52.90 23.71 2.64
N ALA B 806 -53.51 24.15 1.53
CA ALA B 806 -54.73 24.97 1.61
C ALA B 806 -55.92 24.14 2.08
N ASN B 807 -56.01 22.88 1.67
CA ASN B 807 -57.06 22.02 2.18
C ASN B 807 -56.69 21.34 3.50
N GLY B 808 -55.51 21.63 4.04
CA GLY B 808 -55.16 21.07 5.33
C GLY B 808 -54.71 19.63 5.30
N VAL B 809 -54.42 19.10 4.12
CA VAL B 809 -53.86 17.75 4.03
C VAL B 809 -52.44 17.75 4.59
N ILE B 810 -51.66 18.76 4.25
CA ILE B 810 -50.26 18.85 4.67
C ILE B 810 -50.16 19.97 5.69
N VAL B 811 -49.71 19.63 6.89
CA VAL B 811 -49.31 20.62 7.89
C VAL B 811 -47.78 20.53 8.04
N PRO B 812 -47.03 21.55 7.64
CA PRO B 812 -45.57 21.46 7.74
C PRO B 812 -45.11 21.53 9.19
N ALA B 813 -44.20 20.63 9.56
CA ALA B 813 -43.72 20.58 10.92
C ALA B 813 -42.73 21.73 11.15
N GLN B 814 -42.53 22.04 12.44
CA GLN B 814 -41.64 23.11 12.86
C GLN B 814 -40.20 22.73 12.58
N GLU B 815 -39.43 23.67 12.05
CA GLU B 815 -38.05 23.41 11.67
C GLU B 815 -37.17 23.33 12.91
N VAL B 816 -36.51 22.20 13.09
CA VAL B 816 -35.60 21.97 14.21
C VAL B 816 -34.17 21.95 13.67
N PRO B 817 -33.22 22.64 14.31
CA PRO B 817 -31.85 22.63 13.80
C PRO B 817 -31.20 21.28 13.99
N PRO B 818 -30.33 20.87 13.08
CA PRO B 818 -29.72 19.54 13.18
C PRO B 818 -28.50 19.54 14.09
N PRO B 819 -28.02 18.36 14.49
CA PRO B 819 -26.74 18.25 15.19
C PRO B 819 -25.52 18.44 14.30
N THR B 820 -25.03 19.69 14.21
CA THR B 820 -23.92 20.03 13.33
C THR B 820 -22.64 19.27 13.66
N VAL B 821 -21.85 18.99 12.62
CA VAL B 821 -20.60 18.23 12.74
C VAL B 821 -19.46 19.23 12.59
N PRO B 822 -18.25 18.92 13.06
CA PRO B 822 -17.11 19.75 12.72
C PRO B 822 -16.69 19.56 11.28
N MET B 823 -15.99 20.56 10.77
CA MET B 823 -15.54 20.56 9.38
C MET B 823 -14.40 19.57 9.21
N ASP B 824 -14.24 19.05 8.01
CA ASP B 824 -13.10 18.17 7.77
C ASP B 824 -11.82 18.99 7.72
N TYR B 825 -10.71 18.40 8.16
CA TYR B 825 -9.45 19.12 8.15
C TYR B 825 -8.97 19.36 6.73
N SER B 826 -9.06 18.33 5.88
CA SER B 826 -8.60 18.44 4.50
C SER B 826 -9.44 19.43 3.71
N TRP B 827 -10.74 19.49 4.01
CA TRP B 827 -11.60 20.48 3.38
C TRP B 827 -11.33 21.88 3.91
N ALA B 828 -11.00 22.01 5.20
CA ALA B 828 -10.68 23.33 5.73
C ALA B 828 -9.28 23.77 5.32
N ARG B 829 -8.37 22.82 5.12
CA ARG B 829 -7.02 23.16 4.69
C ARG B 829 -6.96 23.55 3.21
N GLU B 830 -7.79 22.89 2.39
CA GLU B 830 -7.73 23.10 0.94
C GLU B 830 -8.17 24.50 0.56
N LEU B 831 -9.17 25.04 1.24
CA LEU B 831 -9.66 26.38 0.92
C LEU B 831 -9.23 27.41 1.95
N GLY B 832 -8.27 27.07 2.80
CA GLY B 832 -7.49 28.06 3.52
C GLY B 832 -8.15 28.75 4.69
N LEU B 833 -8.99 28.05 5.45
CA LEU B 833 -9.50 28.66 6.68
C LEU B 833 -8.55 28.43 7.84
N ILE B 834 -7.84 27.32 7.85
CA ILE B 834 -6.92 27.02 8.93
C ILE B 834 -5.50 26.97 8.39
N ARG B 835 -4.56 27.12 9.30
CA ARG B 835 -3.15 26.95 9.01
C ARG B 835 -2.58 25.97 10.02
N LYS B 836 -1.75 25.05 9.55
CA LYS B 836 -1.10 24.09 10.42
C LYS B 836 0.37 24.06 10.03
N PRO B 837 1.28 24.20 10.97
CA PRO B 837 2.71 24.18 10.62
C PRO B 837 3.16 22.78 10.21
N ALA B 838 3.94 22.74 9.14
CA ALA B 838 4.54 21.49 8.72
C ALA B 838 5.67 21.13 9.68
N SER B 839 5.63 19.92 10.20
CA SER B 839 6.62 19.49 11.18
C SER B 839 7.83 18.84 10.54
N PHE B 840 7.90 18.76 9.22
CA PHE B 840 9.02 18.19 8.51
C PHE B 840 9.46 19.09 7.38
N MET B 841 10.73 18.98 7.01
CA MET B 841 11.28 19.63 5.84
C MET B 841 12.04 18.60 5.02
N THR B 842 12.06 18.79 3.71
CA THR B 842 12.79 17.90 2.84
C THR B 842 13.29 18.68 1.63
N SER B 843 14.38 18.20 1.05
CA SER B 843 14.98 18.88 -0.08
C SER B 843 15.49 17.96 -1.18
N ILE B 844 15.41 16.65 -1.03
CA ILE B 844 16.19 15.81 -1.92
C ILE B 844 15.29 15.25 -3.01
N CYS B 845 14.00 15.14 -2.73
CA CYS B 845 13.11 14.39 -3.60
C CYS B 845 11.68 14.89 -3.46
N ASP B 846 10.98 14.95 -4.57
CA ASP B 846 9.59 15.39 -4.64
C ASP B 846 8.81 14.30 -5.37
N GLU B 847 7.78 13.78 -4.72
CA GLU B 847 7.05 12.66 -5.29
C GLU B 847 5.54 12.91 -5.42
N ARG B 848 5.03 14.04 -4.93
CA ARG B 848 3.62 14.36 -5.12
C ARG B 848 3.41 15.27 -6.33
N GLY B 849 4.05 14.89 -7.42
CA GLY B 849 3.86 15.60 -8.67
C GLY B 849 3.43 14.66 -9.77
N GLN B 850 3.50 15.13 -11.01
CA GLN B 850 3.20 14.24 -12.14
C GLN B 850 4.41 13.38 -12.49
N GLU B 851 5.54 13.61 -11.83
CA GLU B 851 6.80 12.98 -12.18
C GLU B 851 7.71 13.03 -10.97
N LEU B 852 8.49 11.97 -10.77
CA LEU B 852 9.43 11.93 -9.66
C LEU B 852 10.59 12.89 -9.93
N ILE B 853 10.97 13.64 -8.90
CA ILE B 853 11.92 14.73 -9.03
C ILE B 853 13.04 14.50 -8.04
N TYR B 854 14.29 14.47 -8.52
CA TYR B 854 15.46 14.34 -7.66
C TYR B 854 16.13 15.71 -7.56
N ALA B 855 15.84 16.43 -6.47
CA ALA B 855 16.44 17.73 -6.13
C ALA B 855 16.25 18.77 -7.23
N GLY B 856 15.02 18.96 -7.68
CA GLY B 856 14.72 19.89 -8.73
C GLY B 856 14.80 19.32 -10.13
N MET B 857 15.43 18.17 -10.30
CA MET B 857 15.57 17.56 -11.62
C MET B 857 14.63 16.38 -11.76
N PRO B 858 13.81 16.33 -12.81
CA PRO B 858 12.87 15.22 -12.98
C PRO B 858 13.58 13.92 -13.31
N ILE B 859 12.84 12.81 -13.13
CA ILE B 859 13.43 11.50 -13.32
C ILE B 859 13.72 11.19 -14.79
N THR B 860 13.00 11.81 -15.73
CA THR B 860 13.31 11.58 -17.12
C THR B 860 14.55 12.33 -17.57
N GLU B 861 14.78 13.53 -17.04
CA GLU B 861 15.97 14.30 -17.38
C GLU B 861 17.21 13.75 -16.70
N VAL B 862 17.05 13.00 -15.62
CA VAL B 862 18.15 12.25 -15.02
C VAL B 862 18.69 11.21 -15.99
N PHE B 863 17.80 10.48 -16.65
CA PHE B 863 18.21 9.44 -17.59
C PHE B 863 18.50 10.00 -18.97
N LYS B 864 17.90 11.13 -19.31
CA LYS B 864 18.14 11.77 -20.61
C LYS B 864 19.56 12.30 -20.69
N GLU B 865 20.06 12.86 -19.59
CA GLU B 865 21.35 13.52 -19.56
C GLU B 865 22.48 12.59 -19.15
N GLU B 866 22.19 11.29 -19.01
CA GLU B 866 23.19 10.22 -18.90
C GLU B 866 24.11 10.39 -17.70
N MET B 867 23.55 10.90 -16.61
CA MET B 867 24.21 10.84 -15.32
C MET B 867 23.89 9.47 -14.73
N GLY B 868 24.82 8.93 -13.98
CA GLY B 868 24.70 7.57 -13.50
C GLY B 868 24.24 7.50 -12.07
N ILE B 869 24.75 6.48 -11.38
CA ILE B 869 24.51 6.34 -9.95
C ILE B 869 25.22 7.45 -9.18
N GLY B 870 26.41 7.83 -9.62
CA GLY B 870 27.09 8.97 -9.02
C GLY B 870 26.44 10.30 -9.32
N GLY B 871 25.72 10.39 -10.43
CA GLY B 871 24.95 11.57 -10.77
C GLY B 871 23.75 11.79 -9.89
N VAL B 872 22.99 10.72 -9.61
CA VAL B 872 21.85 10.84 -8.70
C VAL B 872 22.31 10.89 -7.25
N LEU B 873 23.52 10.43 -6.97
CA LEU B 873 24.10 10.62 -5.65
C LEU B 873 24.49 12.07 -5.43
N GLY B 874 24.82 12.79 -6.49
CA GLY B 874 25.03 14.22 -6.33
C GLY B 874 23.74 14.99 -6.20
N LEU B 875 22.63 14.40 -6.64
CA LEU B 875 21.33 15.05 -6.52
C LEU B 875 20.71 14.76 -5.17
N LEU B 876 20.74 13.50 -4.75
CA LEU B 876 20.10 13.14 -3.49
C LEU B 876 20.91 13.58 -2.28
N TRP B 877 22.24 13.66 -2.39
CA TRP B 877 23.06 13.95 -1.22
C TRP B 877 23.52 15.39 -1.17
N PHE B 878 23.87 15.98 -2.32
CA PHE B 878 24.39 17.34 -2.36
C PHE B 878 23.44 18.35 -2.99
N GLN B 879 22.34 17.88 -3.58
CA GLN B 879 21.39 18.67 -4.38
C GLN B 879 22.07 19.45 -5.49
N LYS B 880 23.02 18.82 -6.17
CA LYS B 880 23.78 19.52 -7.19
C LYS B 880 23.99 18.65 -8.41
N ARG B 881 23.90 19.30 -9.58
CA ARG B 881 24.33 18.72 -10.84
C ARG B 881 25.85 18.77 -10.88
N LEU B 882 26.48 17.65 -10.57
CA LEU B 882 27.93 17.60 -10.55
C LEU B 882 28.46 17.37 -11.97
N PRO B 883 29.72 17.75 -12.23
CA PRO B 883 30.31 17.42 -13.52
C PRO B 883 30.50 15.92 -13.69
N LYS B 884 30.71 15.52 -14.95
CA LYS B 884 30.73 14.09 -15.27
C LYS B 884 31.94 13.38 -14.70
N TYR B 885 33.05 14.08 -14.44
CA TYR B 885 34.15 13.45 -13.74
C TYR B 885 33.86 13.30 -12.26
N SER B 886 33.09 14.21 -11.67
CA SER B 886 32.72 14.09 -10.27
C SER B 886 31.71 12.98 -10.05
N CYS B 887 30.79 12.78 -11.00
CA CYS B 887 29.83 11.70 -10.89
C CYS B 887 30.49 10.35 -11.08
N GLN B 888 31.50 10.28 -11.96
CA GLN B 888 32.17 9.02 -12.23
C GLN B 888 33.22 8.68 -11.19
N PHE B 889 33.85 9.68 -10.56
CA PHE B 889 34.75 9.43 -9.44
C PHE B 889 33.98 8.88 -8.23
N ILE B 890 32.76 9.34 -8.02
CA ILE B 890 31.92 8.82 -6.95
C ILE B 890 31.61 7.34 -7.17
N GLU B 891 31.32 6.95 -8.41
CA GLU B 891 31.08 5.55 -8.73
C GLU B 891 32.32 4.70 -8.56
N MET B 892 33.50 5.24 -8.86
CA MET B 892 34.74 4.51 -8.64
C MET B 892 35.02 4.31 -7.17
N CYS B 893 34.63 5.26 -6.32
CA CYS B 893 34.79 5.11 -4.88
C CYS B 893 33.84 4.07 -4.31
N LEU B 894 32.68 3.88 -4.94
CA LEU B 894 31.74 2.86 -4.50
C LEU B 894 32.13 1.48 -4.99
N MET B 895 33.08 1.39 -5.91
CA MET B 895 33.54 0.13 -6.48
C MET B 895 34.79 -0.39 -5.81
N VAL B 896 35.63 0.49 -5.28
CA VAL B 896 36.79 0.04 -4.52
C VAL B 896 36.46 -0.21 -3.06
N THR B 897 35.43 0.44 -2.52
CA THR B 897 34.95 0.19 -1.18
C THR B 897 33.83 -0.83 -1.15
N ALA B 898 33.63 -1.57 -2.24
CA ALA B 898 32.48 -2.46 -2.35
C ALA B 898 32.61 -3.66 -1.43
N ASP B 899 33.77 -4.32 -1.43
CA ASP B 899 34.02 -5.37 -0.47
C ASP B 899 35.52 -5.47 -0.22
N HIS B 900 35.88 -6.00 0.94
CA HIS B 900 37.25 -6.33 1.26
C HIS B 900 37.30 -7.65 2.02
N GLY B 901 36.54 -8.63 1.54
CA GLY B 901 36.60 -9.97 2.06
C GLY B 901 35.76 -10.16 3.31
N PRO B 902 35.67 -11.40 3.77
CA PRO B 902 34.83 -11.72 4.93
C PRO B 902 35.52 -11.61 6.28
N ALA B 903 36.81 -11.33 6.31
CA ALA B 903 37.54 -11.28 7.57
C ALA B 903 37.29 -9.99 8.34
N VAL B 904 36.84 -8.92 7.67
CA VAL B 904 36.62 -7.65 8.34
C VAL B 904 35.42 -7.77 9.25
N SER B 905 35.26 -6.77 10.12
CA SER B 905 34.34 -6.88 11.25
C SER B 905 32.89 -6.82 10.80
N GLY B 906 32.58 -6.02 9.79
CA GLY B 906 31.20 -5.92 9.35
C GLY B 906 30.79 -7.08 8.46
N ALA B 907 31.70 -7.56 7.62
CA ALA B 907 31.38 -8.71 6.79
C ALA B 907 31.32 -9.98 7.61
N HIS B 908 32.03 -10.03 8.73
CA HIS B 908 31.86 -11.10 9.69
C HIS B 908 30.44 -11.13 10.24
N ASN B 909 29.96 -9.98 10.73
CA ASN B 909 28.67 -9.90 11.39
C ASN B 909 27.51 -10.18 10.45
N THR B 910 27.63 -9.78 9.17
CA THR B 910 26.62 -10.10 8.17
C THR B 910 26.56 -11.59 7.90
N ILE B 911 27.72 -12.26 7.91
CA ILE B 911 27.77 -13.70 7.69
C ILE B 911 27.18 -14.45 8.89
N ILE B 912 27.47 -14.00 10.11
CA ILE B 912 26.91 -14.65 11.30
C ILE B 912 25.41 -14.49 11.34
N CYS B 913 24.90 -13.33 10.95
CA CYS B 913 23.47 -13.09 10.95
C CYS B 913 22.77 -13.81 9.80
N ALA B 914 23.44 -13.96 8.65
CA ALA B 914 22.86 -14.71 7.54
C ALA B 914 22.87 -16.21 7.80
N ARG B 915 23.87 -16.69 8.52
CA ARG B 915 23.93 -18.10 8.89
C ARG B 915 22.97 -18.44 10.01
N ALA B 916 22.43 -17.45 10.70
CA ALA B 916 21.38 -17.64 11.69
C ALA B 916 19.99 -17.65 11.08
N GLY B 917 19.90 -17.61 9.75
CA GLY B 917 18.62 -17.69 9.10
C GLY B 917 17.86 -16.40 9.03
N LYS B 918 18.53 -15.28 9.16
CA LYS B 918 17.84 -14.00 9.13
C LYS B 918 17.71 -13.51 7.69
N ASP B 919 16.88 -12.50 7.50
CA ASP B 919 16.58 -11.99 6.17
C ASP B 919 17.73 -11.12 5.66
N LEU B 920 17.56 -10.59 4.44
CA LEU B 920 18.61 -9.76 3.85
C LEU B 920 18.79 -8.48 4.63
N VAL B 921 17.68 -7.88 5.05
CA VAL B 921 17.73 -6.56 5.66
C VAL B 921 18.35 -6.64 7.04
N SER B 922 18.02 -7.69 7.81
CA SER B 922 18.59 -7.86 9.15
C SER B 922 20.07 -8.23 9.08
N SER B 923 20.46 -9.02 8.08
CA SER B 923 21.84 -9.48 8.00
C SER B 923 22.77 -8.37 7.55
N LEU B 924 22.34 -7.57 6.56
CA LEU B 924 23.11 -6.42 6.11
C LEU B 924 23.30 -5.43 7.23
N THR B 925 22.21 -5.11 7.93
CA THR B 925 22.19 -4.18 9.06
C THR B 925 23.10 -4.61 10.21
N SER B 926 23.11 -5.89 10.54
CA SER B 926 23.93 -6.41 11.64
C SER B 926 25.41 -6.18 11.39
N GLY B 927 25.83 -6.19 10.13
CA GLY B 927 27.19 -5.88 9.80
C GLY B 927 27.41 -4.43 9.43
N LEU B 928 26.32 -3.76 9.04
CA LEU B 928 26.41 -2.35 8.70
C LEU B 928 26.63 -1.52 9.96
N LEU B 929 26.05 -1.94 11.07
CA LEU B 929 26.13 -1.25 12.35
C LEU B 929 27.51 -1.31 12.99
N THR B 930 28.40 -2.14 12.46
CA THR B 930 29.79 -2.17 12.86
C THR B 930 30.56 -0.99 12.29
N ILE B 931 30.12 -0.42 11.16
CA ILE B 931 30.76 0.73 10.54
C ILE B 931 30.59 1.94 11.44
N GLY B 932 31.66 2.72 11.59
CA GLY B 932 31.82 3.54 12.77
C GLY B 932 33.17 4.18 12.81
N ASP B 933 33.93 3.97 13.88
CA ASP B 933 35.26 4.56 14.02
C ASP B 933 36.39 3.60 13.65
N ARG B 934 36.38 2.39 14.21
CA ARG B 934 37.50 1.48 13.96
C ARG B 934 37.33 0.69 12.67
N PHE B 935 36.11 0.36 12.29
CA PHE B 935 35.85 -0.28 11.00
C PHE B 935 35.17 0.71 10.08
N GLY B 936 35.84 1.08 9.00
CA GLY B 936 35.26 2.00 8.06
C GLY B 936 35.25 3.45 8.47
N GLY B 937 36.02 3.81 9.49
CA GLY B 937 36.02 5.17 9.96
C GLY B 937 37.17 6.01 9.47
N ALA B 938 38.21 5.36 8.95
CA ALA B 938 39.38 6.06 8.45
C ALA B 938 39.13 6.78 7.14
N LEU B 939 37.99 6.52 6.50
CA LEU B 939 37.65 7.23 5.27
C LEU B 939 37.30 8.69 5.58
N ASP B 940 36.45 8.89 6.58
CA ASP B 940 36.08 10.23 7.00
C ASP B 940 37.12 10.84 7.92
N ALA B 941 37.88 10.00 8.63
CA ALA B 941 38.87 10.52 9.57
C ALA B 941 40.11 11.05 8.87
N ALA B 942 40.50 10.44 7.76
CA ALA B 942 41.63 10.96 6.98
C ALA B 942 41.28 12.25 6.26
N ALA B 943 40.03 12.42 5.86
CA ALA B 943 39.62 13.64 5.19
C ALA B 943 39.60 14.82 6.15
N LYS B 944 39.06 14.62 7.35
CA LYS B 944 38.99 15.69 8.34
C LYS B 944 40.37 16.06 8.86
N MET B 945 41.31 15.13 8.81
CA MET B 945 42.61 15.33 9.45
C MET B 945 43.58 16.00 8.50
N PHE B 946 43.55 15.61 7.23
CA PHE B 946 44.40 16.26 6.24
C PHE B 946 43.85 17.64 5.87
N SER B 947 42.53 17.82 5.93
CA SER B 947 41.96 19.14 5.65
C SER B 947 42.29 20.12 6.76
N LYS B 948 42.28 19.65 8.01
CA LYS B 948 42.63 20.50 9.14
C LYS B 948 44.10 20.89 9.09
N ALA B 949 44.95 20.01 8.58
CA ALA B 949 46.37 20.32 8.44
C ALA B 949 46.62 21.26 7.26
N PHE B 950 45.88 21.07 6.17
CA PHE B 950 46.10 21.88 4.98
C PHE B 950 45.54 23.28 5.15
N ASP B 951 44.41 23.41 5.85
CA ASP B 951 43.81 24.71 6.08
C ASP B 951 44.56 25.52 7.12
N SER B 952 45.34 24.85 7.98
CA SER B 952 46.08 25.56 9.01
C SER B 952 47.41 26.09 8.50
N GLY B 953 47.78 25.81 7.25
CA GLY B 953 48.95 26.40 6.65
C GLY B 953 50.26 25.70 6.95
N ILE B 954 50.24 24.65 7.77
CA ILE B 954 51.47 23.95 8.12
C ILE B 954 51.90 23.06 6.96
N ILE B 955 53.22 22.97 6.76
CA ILE B 955 53.82 22.24 5.65
C ILE B 955 53.70 20.74 5.95
N PRO B 956 53.84 19.86 4.96
CA PRO B 956 53.72 18.41 5.23
C PRO B 956 54.79 17.84 6.16
N MET B 957 55.93 18.51 6.33
CA MET B 957 56.87 18.04 7.33
C MET B 957 56.43 18.42 8.74
N GLU B 958 55.87 19.62 8.90
CA GLU B 958 55.42 20.07 10.22
C GLU B 958 54.10 19.45 10.63
N PHE B 959 53.42 18.73 9.73
CA PHE B 959 52.24 17.95 10.09
C PHE B 959 52.64 16.56 10.55
N VAL B 960 53.68 15.99 9.95
CA VAL B 960 54.19 14.68 10.36
C VAL B 960 54.81 14.78 11.74
N ASN B 961 55.55 15.86 12.01
CA ASN B 961 56.13 16.09 13.33
C ASN B 961 55.07 16.40 14.37
N LYS B 962 54.00 17.09 13.98
CA LYS B 962 52.96 17.47 14.92
C LYS B 962 52.23 16.27 15.50
N MET B 963 51.85 15.31 14.65
CA MET B 963 51.08 14.18 15.14
C MET B 963 51.96 13.15 15.81
N LYS B 964 53.28 13.23 15.58
CA LYS B 964 54.20 12.39 16.35
C LYS B 964 54.24 12.82 17.80
N LYS B 965 54.21 14.12 18.07
CA LYS B 965 54.28 14.61 19.44
C LYS B 965 52.97 14.41 20.18
N GLU B 966 51.85 14.42 19.46
CA GLU B 966 50.55 14.22 20.08
C GLU B 966 50.21 12.76 20.27
N GLY B 967 51.07 11.84 19.87
CA GLY B 967 50.77 10.43 19.96
C GLY B 967 49.65 10.00 19.05
N LYS B 968 49.59 10.55 17.85
CA LYS B 968 48.55 10.23 16.88
C LYS B 968 49.18 9.70 15.61
N LEU B 969 48.71 8.53 15.18
CA LEU B 969 49.08 8.02 13.87
C LEU B 969 48.28 8.79 12.82
N ILE B 970 48.89 9.00 11.65
CA ILE B 970 48.19 9.70 10.60
C ILE B 970 47.15 8.78 9.97
N MET B 971 45.90 9.23 9.97
CA MET B 971 44.81 8.47 9.40
C MET B 971 44.91 8.48 7.88
N GLY B 972 44.74 7.30 7.28
CA GLY B 972 44.91 7.18 5.86
C GLY B 972 46.33 7.05 5.39
N ILE B 973 47.28 6.88 6.30
CA ILE B 973 48.67 6.59 5.97
C ILE B 973 49.02 5.24 6.57
N GLY B 974 49.48 4.32 5.73
CA GLY B 974 50.00 3.07 6.24
C GLY B 974 49.16 1.86 5.91
N HIS B 975 49.75 1.00 5.12
CA HIS B 975 49.16 -0.22 4.66
C HIS B 975 50.04 -1.30 5.14
N ARG B 976 49.44 -2.36 5.64
CA ARG B 976 50.10 -3.54 6.18
C ARG B 976 51.08 -4.28 5.33
N VAL B 977 50.73 -4.57 4.09
CA VAL B 977 51.63 -5.31 3.22
C VAL B 977 52.17 -4.52 2.07
N LYS B 978 51.33 -3.78 1.39
CA LYS B 978 51.75 -3.03 0.22
C LYS B 978 52.46 -1.75 0.64
N SER B 979 53.39 -1.32 -0.20
CA SER B 979 54.41 -0.37 0.20
C SER B 979 54.72 0.53 -0.99
N ILE B 980 55.73 1.38 -0.83
CA ILE B 980 56.32 2.04 -1.99
C ILE B 980 57.16 1.00 -2.72
N ASN B 981 57.08 1.04 -4.06
CA ASN B 981 57.56 0.06 -5.05
C ASN B 981 56.79 -1.26 -5.02
N ASN B 982 55.78 -1.40 -4.14
CA ASN B 982 54.77 -2.45 -4.24
C ASN B 982 53.41 -1.79 -4.04
N PRO B 983 52.94 -1.05 -5.02
CA PRO B 983 51.85 -0.09 -4.76
C PRO B 983 50.50 -0.76 -4.63
N ASP B 984 49.64 -0.14 -3.81
CA ASP B 984 48.25 -0.55 -3.72
C ASP B 984 47.56 -0.20 -5.02
N MET B 985 46.90 -1.19 -5.62
CA MET B 985 46.36 -1.00 -6.96
C MET B 985 45.07 -0.19 -6.95
N ARG B 986 44.26 -0.29 -5.90
CA ARG B 986 43.07 0.54 -5.80
C ARG B 986 43.43 2.00 -5.62
N VAL B 987 44.56 2.27 -4.97
CA VAL B 987 45.06 3.63 -4.86
C VAL B 987 45.55 4.13 -6.21
N GLN B 988 46.26 3.29 -6.97
CA GLN B 988 46.80 3.73 -8.25
C GLN B 988 45.71 3.90 -9.32
N ILE B 989 44.63 3.13 -9.24
CA ILE B 989 43.50 3.30 -10.16
C ILE B 989 42.84 4.66 -9.93
N LEU B 990 42.55 4.97 -8.67
CA LEU B 990 41.81 6.18 -8.33
C LEU B 990 42.68 7.42 -8.40
N LYS B 991 43.97 7.32 -8.09
CA LYS B 991 44.84 8.47 -8.21
C LYS B 991 45.06 8.87 -9.66
N ASP B 992 45.03 7.91 -10.57
CA ASP B 992 45.17 8.25 -11.98
C ASP B 992 43.90 8.88 -12.54
N TYR B 993 42.73 8.53 -12.00
CA TYR B 993 41.53 9.23 -12.42
C TYR B 993 41.53 10.65 -11.91
N VAL B 994 41.96 10.85 -10.66
CA VAL B 994 41.97 12.16 -10.03
C VAL B 994 43.01 13.08 -10.69
N ARG B 995 44.16 12.55 -11.06
CA ARG B 995 45.16 13.42 -11.68
C ARG B 995 44.80 13.82 -13.11
N GLN B 996 44.24 12.91 -13.90
CA GLN B 996 43.89 13.30 -15.26
C GLN B 996 42.59 14.09 -15.34
N HIS B 997 41.61 13.81 -14.49
CA HIS B 997 40.29 14.41 -14.69
C HIS B 997 39.98 15.60 -13.80
N PHE B 998 40.50 15.64 -12.58
CA PHE B 998 40.14 16.74 -11.69
C PHE B 998 40.89 18.00 -12.12
N PRO B 999 40.29 19.19 -11.98
CA PRO B 999 40.97 20.43 -12.38
C PRO B 999 42.16 20.75 -11.50
N ALA B 1000 41.92 20.78 -10.20
CA ALA B 1000 42.96 21.06 -9.21
C ALA B 1000 42.73 20.14 -8.02
N THR B 1001 43.82 19.57 -7.51
CA THR B 1001 43.80 18.70 -6.33
C THR B 1001 44.83 19.22 -5.34
N PRO B 1002 44.51 20.25 -4.56
CA PRO B 1002 45.51 20.79 -3.64
C PRO B 1002 45.71 19.96 -2.38
N LEU B 1003 44.66 19.31 -1.88
CA LEU B 1003 44.82 18.42 -0.73
C LEU B 1003 45.44 17.08 -1.11
N LEU B 1004 45.18 16.58 -2.32
CA LEU B 1004 45.87 15.38 -2.77
C LEU B 1004 47.36 15.63 -2.91
N ASP B 1005 47.75 16.78 -3.46
CA ASP B 1005 49.17 17.12 -3.53
C ASP B 1005 49.78 17.34 -2.17
N TYR B 1006 48.97 17.74 -1.18
CA TYR B 1006 49.44 17.83 0.19
C TYR B 1006 49.59 16.46 0.81
N ALA B 1007 48.63 15.57 0.58
CA ALA B 1007 48.66 14.24 1.18
C ALA B 1007 49.67 13.32 0.51
N LEU B 1008 50.15 13.67 -0.68
CA LEU B 1008 51.21 12.90 -1.32
C LEU B 1008 52.59 13.41 -0.93
N GLU B 1009 52.68 14.60 -0.36
CA GLU B 1009 53.93 15.09 0.23
C GLU B 1009 54.09 14.64 1.67
N VAL B 1010 52.98 14.42 2.37
CA VAL B 1010 53.01 13.72 3.65
C VAL B 1010 53.47 12.29 3.45
N GLU B 1011 52.96 11.63 2.41
CA GLU B 1011 53.31 10.27 2.07
C GLU B 1011 54.77 10.13 1.63
N LYS B 1012 55.36 11.16 1.05
CA LYS B 1012 56.79 11.13 0.75
C LYS B 1012 57.64 11.14 2.01
N ILE B 1013 57.11 11.67 3.11
CA ILE B 1013 57.83 11.72 4.36
C ILE B 1013 57.66 10.44 5.16
N THR B 1014 56.44 9.92 5.24
CA THR B 1014 56.20 8.68 5.96
C THR B 1014 56.76 7.46 5.25
N THR B 1015 56.92 7.50 3.92
CA THR B 1015 57.58 6.40 3.22
C THR B 1015 59.10 6.46 3.35
N SER B 1016 59.64 7.55 3.88
CA SER B 1016 61.05 7.61 4.21
C SER B 1016 61.35 7.12 5.62
N LYS B 1017 60.31 6.86 6.41
CA LYS B 1017 60.46 6.22 7.70
C LYS B 1017 60.35 4.71 7.58
N LYS B 1018 59.18 4.24 7.14
CA LYS B 1018 58.94 2.88 6.70
C LYS B 1018 58.41 2.93 5.28
N PRO B 1019 58.90 2.07 4.38
CA PRO B 1019 58.32 2.01 3.02
C PRO B 1019 56.87 1.58 3.00
N ASN B 1020 56.41 0.94 4.08
CA ASN B 1020 55.06 0.46 4.25
C ASN B 1020 54.04 1.60 4.35
N LEU B 1021 54.44 2.77 4.82
CA LEU B 1021 53.48 3.82 5.19
C LEU B 1021 53.08 4.65 3.98
N ILE B 1022 52.22 4.06 3.15
CA ILE B 1022 51.69 4.69 1.96
C ILE B 1022 50.30 5.23 2.24
N LEU B 1023 49.75 6.02 1.32
CA LEU B 1023 48.35 6.42 1.40
C LEU B 1023 47.45 5.21 1.20
N ASN B 1024 46.52 5.02 2.13
CA ASN B 1024 45.51 3.99 2.01
C ASN B 1024 44.50 4.35 0.92
N VAL B 1025 43.62 3.39 0.63
CA VAL B 1025 42.45 3.74 -0.14
C VAL B 1025 41.46 4.49 0.75
N ASP B 1026 41.57 4.35 2.07
CA ASP B 1026 40.79 5.18 2.98
C ASP B 1026 41.28 6.61 2.96
N GLY B 1027 42.58 6.81 2.89
CA GLY B 1027 43.14 8.15 2.87
C GLY B 1027 43.34 8.74 1.52
N LEU B 1028 43.12 7.98 0.46
CA LEU B 1028 43.11 8.57 -0.87
C LEU B 1028 41.72 9.08 -1.22
N ILE B 1029 40.69 8.26 -0.97
CA ILE B 1029 39.31 8.67 -1.21
C ILE B 1029 38.95 9.84 -0.32
N GLY B 1030 39.45 9.85 0.91
CA GLY B 1030 39.17 10.95 1.83
C GLY B 1030 39.71 12.28 1.34
N VAL B 1031 40.97 12.32 0.92
CA VAL B 1031 41.55 13.58 0.50
C VAL B 1031 41.17 13.97 -0.93
N ALA B 1032 40.64 13.04 -1.72
CA ALA B 1032 40.22 13.37 -3.07
C ALA B 1032 38.72 13.61 -3.19
N PHE B 1033 37.93 13.21 -2.19
CA PHE B 1033 36.54 13.62 -2.14
C PHE B 1033 36.42 15.04 -1.65
N VAL B 1034 37.35 15.48 -0.80
CA VAL B 1034 37.44 16.88 -0.41
C VAL B 1034 37.82 17.73 -1.60
N ASP B 1035 38.79 17.27 -2.40
CA ASP B 1035 39.12 17.94 -3.65
C ASP B 1035 38.00 17.86 -4.67
N MET B 1036 37.16 16.84 -4.58
CA MET B 1036 35.99 16.78 -5.45
C MET B 1036 34.99 17.85 -5.05
N LEU B 1037 34.77 18.02 -3.75
CA LEU B 1037 33.81 19.03 -3.29
C LEU B 1037 34.36 20.43 -3.46
N ARG B 1038 35.64 20.64 -3.19
CA ARG B 1038 36.19 22.00 -3.18
C ARG B 1038 36.53 22.53 -4.56
N ASN B 1039 36.65 21.67 -5.57
CA ASN B 1039 37.21 22.13 -6.84
C ASN B 1039 36.37 21.77 -8.05
N CYS B 1040 35.19 21.16 -7.87
CA CYS B 1040 34.32 20.92 -9.01
C CYS B 1040 33.53 22.15 -9.41
N GLY B 1041 33.51 23.17 -8.58
CA GLY B 1041 32.82 24.41 -8.87
C GLY B 1041 31.39 24.47 -8.40
N SER B 1042 30.82 23.34 -7.97
CA SER B 1042 29.44 23.33 -7.52
C SER B 1042 29.28 23.89 -6.12
N PHE B 1043 30.31 23.77 -5.28
CA PHE B 1043 30.21 24.04 -3.85
C PHE B 1043 31.01 25.28 -3.49
N THR B 1044 30.50 26.05 -2.53
CA THR B 1044 31.33 27.01 -1.83
C THR B 1044 32.17 26.27 -0.79
N ARG B 1045 33.19 26.95 -0.26
CA ARG B 1045 34.04 26.30 0.73
C ARG B 1045 33.32 26.07 2.05
N GLU B 1046 32.47 27.01 2.46
CA GLU B 1046 31.70 26.83 3.69
C GLU B 1046 30.64 25.74 3.52
N GLU B 1047 30.25 25.43 2.29
CA GLU B 1047 29.27 24.37 2.09
C GLU B 1047 29.96 23.03 1.93
N ALA B 1048 31.09 23.00 1.23
CA ALA B 1048 31.86 21.77 1.06
C ALA B 1048 32.43 21.27 2.39
N ASP B 1049 32.81 22.19 3.28
CA ASP B 1049 33.27 21.83 4.61
C ASP B 1049 32.15 21.27 5.47
N GLU B 1050 30.90 21.63 5.20
CA GLU B 1050 29.77 21.09 5.95
C GLU B 1050 29.52 19.63 5.63
N TYR B 1051 29.78 19.23 4.39
CA TYR B 1051 29.50 17.85 3.98
C TYR B 1051 30.47 16.88 4.59
N ILE B 1052 31.74 17.27 4.69
CA ILE B 1052 32.74 16.48 5.40
C ILE B 1052 32.40 16.44 6.88
N ASP B 1053 31.86 17.53 7.41
CA ASP B 1053 31.51 17.62 8.82
C ASP B 1053 30.32 16.72 9.17
N ILE B 1054 29.26 16.77 8.36
CA ILE B 1054 28.08 15.95 8.68
C ILE B 1054 28.20 14.51 8.24
N GLY B 1055 29.28 14.15 7.54
CA GLY B 1055 29.55 12.76 7.27
C GLY B 1055 29.16 12.26 5.89
N ALA B 1056 29.55 12.98 4.84
CA ALA B 1056 29.32 12.50 3.48
C ALA B 1056 30.21 11.34 3.12
N LEU B 1057 31.44 11.28 3.64
CA LEU B 1057 32.32 10.15 3.44
C LEU B 1057 32.05 8.99 4.38
N ASN B 1058 31.26 9.20 5.42
CA ASN B 1058 30.69 8.04 6.10
C ASN B 1058 29.69 7.33 5.21
N GLY B 1059 28.90 8.09 4.45
CA GLY B 1059 27.93 7.50 3.54
C GLY B 1059 28.53 6.87 2.31
N ILE B 1060 29.73 7.29 1.92
CA ILE B 1060 30.41 6.67 0.77
C ILE B 1060 30.86 5.27 1.11
N PHE B 1061 31.41 5.07 2.31
CA PHE B 1061 31.81 3.72 2.72
C PHE B 1061 30.60 2.83 2.95
N VAL B 1062 29.56 3.37 3.59
CA VAL B 1062 28.40 2.56 3.94
C VAL B 1062 27.63 2.15 2.68
N LEU B 1063 27.47 3.06 1.72
CA LEU B 1063 26.80 2.69 0.48
C LEU B 1063 27.66 1.78 -0.39
N GLY B 1064 28.98 1.96 -0.35
CA GLY B 1064 29.85 1.04 -1.07
C GLY B 1064 29.88 -0.34 -0.45
N ARG B 1065 30.12 -0.42 0.86
CA ARG B 1065 30.26 -1.70 1.53
C ARG B 1065 28.94 -2.44 1.70
N SER B 1066 27.80 -1.76 1.57
CA SER B 1066 26.52 -2.45 1.54
C SER B 1066 26.39 -3.35 0.31
N MET B 1067 27.04 -2.98 -0.78
CA MET B 1067 27.01 -3.79 -2.00
C MET B 1067 27.71 -5.11 -1.80
N GLY B 1068 28.79 -5.12 -1.02
CA GLY B 1068 29.47 -6.36 -0.69
C GLY B 1068 28.92 -7.09 0.51
N PHE B 1069 28.20 -6.39 1.38
CA PHE B 1069 27.54 -7.08 2.49
C PHE B 1069 26.31 -7.83 2.03
N ILE B 1070 25.55 -7.28 1.07
CA ILE B 1070 24.45 -8.01 0.47
C ILE B 1070 24.99 -9.19 -0.34
N GLY B 1071 26.13 -9.01 -0.99
CA GLY B 1071 26.79 -10.13 -1.64
C GLY B 1071 27.28 -11.18 -0.67
N HIS B 1072 27.65 -10.77 0.55
CA HIS B 1072 28.01 -11.74 1.59
C HIS B 1072 26.80 -12.41 2.18
N TYR B 1073 25.64 -11.73 2.21
CA TYR B 1073 24.41 -12.40 2.62
C TYR B 1073 24.01 -13.46 1.62
N LEU B 1074 23.97 -13.09 0.33
CA LEU B 1074 23.52 -13.99 -0.72
C LEU B 1074 24.46 -15.17 -0.92
N ASP B 1075 25.71 -15.01 -0.52
CA ASP B 1075 26.69 -16.09 -0.64
C ASP B 1075 26.47 -17.16 0.40
N GLN B 1076 26.13 -16.78 1.63
CA GLN B 1076 25.90 -17.77 2.67
C GLN B 1076 24.58 -18.50 2.48
N LYS B 1077 23.63 -17.91 1.76
CA LYS B 1077 22.40 -18.62 1.39
C LYS B 1077 22.63 -19.59 0.24
N ARG B 1078 23.51 -19.25 -0.69
CA ARG B 1078 23.90 -20.18 -1.75
C ARG B 1078 24.58 -21.40 -1.19
N LEU B 1079 25.58 -21.18 -0.32
CA LEU B 1079 26.37 -22.26 0.28
C LEU B 1079 25.59 -23.03 1.33
N LYS B 1080 24.43 -22.51 1.76
CA LYS B 1080 23.53 -23.14 2.73
C LYS B 1080 24.26 -23.43 4.03
N GLN B 1081 24.98 -22.42 4.51
CA GLN B 1081 25.78 -22.53 5.72
C GLN B 1081 24.87 -22.55 6.95
N GLY B 1082 25.17 -23.45 7.87
CA GLY B 1082 24.38 -23.57 9.08
C GLY B 1082 24.74 -22.52 10.11
N LEU B 1083 24.09 -22.63 11.26
CA LEU B 1083 24.25 -21.66 12.34
C LEU B 1083 25.66 -21.70 12.90
N TYR B 1084 26.27 -20.52 13.07
CA TYR B 1084 27.62 -20.43 13.57
C TYR B 1084 27.61 -20.35 15.09
N ARG B 1085 28.56 -21.02 15.70
CA ARG B 1085 28.67 -21.09 17.15
C ARG B 1085 30.15 -21.17 17.46
N HIS B 1086 30.66 -20.10 18.08
CA HIS B 1086 32.10 -19.87 18.18
C HIS B 1086 32.75 -20.92 19.07
N PRO B 1087 33.98 -21.35 18.76
CA PRO B 1087 34.66 -22.34 19.60
C PRO B 1087 34.98 -21.80 20.98
N TRP B 1088 34.85 -22.68 21.98
CA TRP B 1088 35.12 -22.30 23.35
C TRP B 1088 36.61 -22.13 23.61
N ASP B 1089 37.46 -22.73 22.79
CA ASP B 1089 38.89 -22.58 22.99
C ASP B 1089 39.46 -21.34 22.32
N ASP B 1090 38.65 -20.62 21.56
CA ASP B 1090 39.03 -19.31 21.06
C ASP B 1090 38.64 -18.20 22.01
N ILE B 1091 37.95 -18.52 23.10
CA ILE B 1091 37.49 -17.55 24.08
C ILE B 1091 38.20 -17.84 25.40
N SER B 1092 38.70 -16.79 26.03
CA SER B 1092 39.43 -16.88 27.29
C SER B 1092 38.53 -16.36 28.40
N TYR B 1093 37.92 -17.27 29.14
CA TYR B 1093 36.96 -16.92 30.17
C TYR B 1093 37.72 -16.51 31.44
N VAL B 1094 37.55 -15.26 31.86
CA VAL B 1094 38.29 -14.71 33.00
C VAL B 1094 37.33 -14.24 34.08
N LEU B 1095 36.24 -14.98 34.28
CA LEU B 1095 35.17 -14.67 35.23
C LEU B 1095 35.66 -14.53 36.67
N PRO B 1096 34.98 -13.73 37.50
CA PRO B 1096 35.38 -13.62 38.91
C PRO B 1096 35.16 -14.92 39.67
N GLU B 1097 35.84 -15.01 40.81
CA GLU B 1097 35.91 -16.26 41.56
C GLU B 1097 34.56 -16.63 42.16
N HIS B 1098 33.92 -15.70 42.88
CA HIS B 1098 32.54 -15.91 43.27
C HIS B 1098 31.72 -14.62 43.29
N MET B 1099 32.24 -13.52 42.77
CA MET B 1099 31.54 -12.24 42.83
C MET B 1099 30.46 -12.13 41.77
N VAL C 821 -6.65 36.39 7.46
CA VAL C 821 -5.63 35.44 7.89
C VAL C 821 -6.26 34.19 8.51
N PRO C 822 -5.72 33.02 8.17
CA PRO C 822 -6.34 31.77 8.63
C PRO C 822 -6.17 31.53 10.12
N MET C 823 -7.13 30.79 10.67
CA MET C 823 -7.12 30.43 12.07
C MET C 823 -6.06 29.36 12.32
N ASP C 824 -5.57 29.28 13.56
CA ASP C 824 -4.66 28.21 13.94
C ASP C 824 -5.36 26.87 13.82
N TYR C 825 -4.60 25.84 13.46
CA TYR C 825 -5.14 24.48 13.55
C TYR C 825 -5.42 24.11 14.99
N SER C 826 -4.51 24.45 15.89
CA SER C 826 -4.66 24.10 17.30
C SER C 826 -5.81 24.86 17.94
N TRP C 827 -6.07 26.09 17.51
CA TRP C 827 -7.21 26.82 18.03
C TRP C 827 -8.53 26.26 17.49
N ALA C 828 -8.60 26.02 16.18
CA ALA C 828 -9.83 25.49 15.57
C ALA C 828 -10.13 24.08 16.03
N ARG C 829 -9.11 23.29 16.34
CA ARG C 829 -9.33 21.95 16.88
C ARG C 829 -9.78 22.03 18.33
N GLU C 830 -9.37 23.11 19.04
CA GLU C 830 -9.70 23.25 20.45
C GLU C 830 -11.17 23.54 20.67
N LEU C 831 -11.75 24.49 19.93
CA LEU C 831 -13.16 24.79 20.09
C LEU C 831 -14.03 24.01 19.11
N GLY C 832 -13.51 22.89 18.59
CA GLY C 832 -14.32 21.91 17.89
C GLY C 832 -14.81 22.32 16.52
N LEU C 833 -14.13 23.28 15.89
CA LEU C 833 -14.57 23.76 14.59
C LEU C 833 -14.25 22.77 13.48
N ILE C 834 -13.14 22.06 13.60
CA ILE C 834 -12.71 21.10 12.60
C ILE C 834 -12.53 19.73 13.23
N ARG C 835 -12.36 18.73 12.39
CA ARG C 835 -12.03 17.38 12.82
C ARG C 835 -10.94 16.83 11.93
N LYS C 836 -10.04 16.04 12.51
CA LYS C 836 -8.90 15.46 11.80
C LYS C 836 -8.71 14.05 12.31
N PRO C 837 -8.46 13.06 11.43
CA PRO C 837 -8.32 11.69 11.90
C PRO C 837 -7.00 11.46 12.62
N ALA C 838 -7.08 10.75 13.74
CA ALA C 838 -5.87 10.26 14.38
C ALA C 838 -5.30 9.13 13.54
N SER C 839 -4.06 9.28 13.10
CA SER C 839 -3.45 8.25 12.28
C SER C 839 -2.77 7.17 13.10
N PHE C 840 -2.76 7.31 14.42
CA PHE C 840 -2.13 6.33 15.30
C PHE C 840 -3.11 5.92 16.38
N MET C 841 -2.90 4.72 16.90
CA MET C 841 -3.73 4.14 17.94
C MET C 841 -2.85 3.39 18.92
N THR C 842 -3.00 3.67 20.20
CA THR C 842 -2.15 3.05 21.21
C THR C 842 -3.00 2.63 22.40
N SER C 843 -2.51 1.64 23.13
CA SER C 843 -3.26 1.09 24.26
C SER C 843 -2.42 0.79 25.48
N ILE C 844 -1.11 1.05 25.48
CA ILE C 844 -0.28 0.46 26.51
C ILE C 844 0.14 1.50 27.53
N CYS C 845 0.12 2.78 27.16
CA CYS C 845 0.70 3.80 28.02
C CYS C 845 0.09 5.16 27.70
N ASP C 846 -0.12 5.96 28.74
CA ASP C 846 -0.75 7.27 28.66
C ASP C 846 0.12 8.25 29.43
N GLU C 847 0.97 8.99 28.73
CA GLU C 847 1.92 9.89 29.35
C GLU C 847 1.39 11.31 29.50
N ARG C 848 0.22 11.61 28.95
CA ARG C 848 -0.21 13.00 28.76
C ARG C 848 -1.09 13.50 29.90
N GLY C 849 -1.03 12.88 31.06
CA GLY C 849 -1.81 13.33 32.20
C GLY C 849 -0.97 13.74 33.38
N GLN C 850 -1.57 13.80 34.57
CA GLN C 850 -0.83 14.16 35.76
C GLN C 850 0.10 13.05 36.21
N GLU C 851 -0.24 11.80 35.89
CA GLU C 851 0.64 10.68 36.17
C GLU C 851 0.81 9.82 34.93
N LEU C 852 1.97 9.18 34.85
CA LEU C 852 2.18 8.17 33.83
C LEU C 852 1.31 6.97 34.15
N ILE C 853 0.64 6.46 33.13
CA ILE C 853 -0.35 5.40 33.28
C ILE C 853 0.08 4.24 32.41
N TYR C 854 0.25 3.06 33.02
CA TYR C 854 0.59 1.83 32.30
C TYR C 854 -0.66 1.00 32.15
N ALA C 855 -1.35 1.16 31.01
CA ALA C 855 -2.52 0.38 30.63
C ALA C 855 -3.65 0.46 31.66
N GLY C 856 -3.94 1.66 32.11
CA GLY C 856 -4.97 1.87 33.11
C GLY C 856 -4.45 1.98 34.53
N MET C 857 -3.28 1.45 34.81
CA MET C 857 -2.70 1.65 36.13
C MET C 857 -1.77 2.84 36.14
N PRO C 858 -1.97 3.79 37.06
CA PRO C 858 -0.98 4.85 37.25
C PRO C 858 0.33 4.31 37.79
N ILE C 859 1.38 5.09 37.60
CA ILE C 859 2.71 4.68 38.03
C ILE C 859 2.82 4.61 39.55
N THR C 860 1.97 5.32 40.29
CA THR C 860 2.05 5.27 41.74
C THR C 860 1.50 3.97 42.30
N GLU C 861 0.38 3.48 41.76
CA GLU C 861 -0.24 2.25 42.23
C GLU C 861 0.47 1.01 41.71
N VAL C 862 1.22 1.14 40.62
CA VAL C 862 2.15 0.10 40.19
C VAL C 862 3.17 -0.22 41.29
N PHE C 863 3.69 0.82 41.94
CA PHE C 863 4.64 0.64 43.02
C PHE C 863 4.00 0.41 44.37
N LYS C 864 2.74 0.83 44.56
CA LYS C 864 2.04 0.52 45.81
C LYS C 864 1.72 -0.96 45.90
N GLU C 865 1.34 -1.57 44.79
CA GLU C 865 0.88 -2.95 44.77
C GLU C 865 2.02 -3.95 44.67
N GLU C 866 3.27 -3.47 44.67
CA GLU C 866 4.49 -4.28 44.69
C GLU C 866 4.55 -5.23 43.50
N MET C 867 4.02 -4.79 42.37
CA MET C 867 4.16 -5.56 41.13
C MET C 867 5.47 -5.13 40.48
N GLY C 868 6.23 -6.11 40.03
CA GLY C 868 7.63 -5.85 39.73
C GLY C 868 7.89 -5.50 38.29
N ILE C 869 9.05 -5.92 37.79
CA ILE C 869 9.31 -5.81 36.36
C ILE C 869 8.36 -6.72 35.58
N GLY C 870 8.12 -7.94 36.07
CA GLY C 870 7.15 -8.81 35.43
C GLY C 870 5.72 -8.37 35.60
N GLY C 871 5.43 -7.58 36.62
CA GLY C 871 4.13 -6.95 36.78
C GLY C 871 3.85 -5.88 35.76
N VAL C 872 4.82 -5.00 35.51
CA VAL C 872 4.64 -3.99 34.47
C VAL C 872 4.83 -4.59 33.09
N LEU C 873 5.38 -5.79 33.01
CA LEU C 873 5.56 -6.43 31.72
C LEU C 873 4.27 -7.08 31.27
N GLY C 874 3.38 -7.41 32.20
CA GLY C 874 2.03 -7.80 31.83
C GLY C 874 1.15 -6.62 31.53
N LEU C 875 1.43 -5.46 32.12
CA LEU C 875 0.68 -4.24 31.82
C LEU C 875 1.02 -3.71 30.45
N LEU C 876 2.30 -3.66 30.10
CA LEU C 876 2.68 -3.07 28.84
C LEU C 876 2.43 -4.00 27.66
N TRP C 877 2.58 -5.31 27.84
CA TRP C 877 2.46 -6.23 26.74
C TRP C 877 1.07 -6.83 26.59
N PHE C 878 0.41 -7.16 27.69
CA PHE C 878 -0.89 -7.82 27.64
C PHE C 878 -2.03 -6.94 28.14
N GLN C 879 -1.74 -5.77 28.70
CA GLN C 879 -2.70 -4.85 29.31
C GLN C 879 -3.53 -5.50 30.40
N LYS C 880 -2.89 -6.30 31.25
CA LYS C 880 -3.60 -7.06 32.25
C LYS C 880 -2.86 -7.10 33.57
N ARG C 881 -3.61 -7.20 34.66
CA ARG C 881 -3.07 -7.51 35.96
C ARG C 881 -2.86 -9.01 36.06
N LEU C 882 -1.67 -9.46 35.89
CA LEU C 882 -1.39 -10.86 36.09
C LEU C 882 -1.32 -11.15 37.58
N PRO C 883 -1.57 -12.39 38.00
CA PRO C 883 -1.34 -12.75 39.40
C PRO C 883 0.14 -12.72 39.73
N LYS C 884 0.44 -12.66 41.03
CA LYS C 884 1.83 -12.54 41.48
C LYS C 884 2.66 -13.76 41.14
N TYR C 885 2.04 -14.92 40.92
CA TYR C 885 2.76 -16.07 40.39
C TYR C 885 3.09 -15.89 38.91
N SER C 886 2.21 -15.23 38.14
CA SER C 886 2.47 -15.01 36.73
C SER C 886 3.44 -13.88 36.51
N CYS C 887 3.48 -12.91 37.42
CA CYS C 887 4.49 -11.88 37.35
C CYS C 887 5.87 -12.43 37.69
N GLN C 888 5.97 -13.21 38.76
CA GLN C 888 7.25 -13.74 39.19
C GLN C 888 7.77 -14.86 38.30
N PHE C 889 6.89 -15.62 37.65
CA PHE C 889 7.34 -16.59 36.64
C PHE C 889 7.94 -15.88 35.44
N ILE C 890 7.34 -14.77 35.04
CA ILE C 890 7.83 -13.97 33.91
C ILE C 890 9.22 -13.41 34.21
N GLU C 891 9.44 -12.95 35.45
CA GLU C 891 10.76 -12.47 35.85
C GLU C 891 11.80 -13.58 35.83
N MET C 892 11.44 -14.79 36.26
CA MET C 892 12.39 -15.90 36.24
C MET C 892 12.72 -16.37 34.83
N CYS C 893 11.84 -16.14 33.87
CA CYS C 893 12.16 -16.42 32.48
C CYS C 893 13.20 -15.45 31.93
N LEU C 894 13.15 -14.19 32.36
CA LEU C 894 14.12 -13.20 31.94
C LEU C 894 15.47 -13.42 32.60
N MET C 895 15.48 -14.03 33.77
CA MET C 895 16.69 -14.35 34.51
C MET C 895 17.43 -15.57 33.99
N VAL C 896 16.72 -16.54 33.40
CA VAL C 896 17.40 -17.72 32.87
C VAL C 896 17.80 -17.53 31.41
N THR C 897 17.08 -16.69 30.67
CA THR C 897 17.44 -16.36 29.31
C THR C 897 18.31 -15.12 29.24
N ALA C 898 18.89 -14.70 30.37
CA ALA C 898 19.63 -13.44 30.43
C ALA C 898 20.92 -13.52 29.64
N ASP C 899 21.70 -14.57 29.84
CA ASP C 899 22.87 -14.81 29.00
C ASP C 899 23.13 -16.29 28.94
N HIS C 900 23.79 -16.70 27.85
CA HIS C 900 24.30 -18.05 27.71
C HIS C 900 25.68 -18.01 27.07
N GLY C 901 26.54 -17.12 27.57
CA GLY C 901 27.92 -17.08 27.16
C GLY C 901 28.15 -16.29 25.90
N PRO C 902 29.43 -16.07 25.58
CA PRO C 902 29.79 -15.22 24.44
C PRO C 902 29.83 -15.92 23.08
N ALA C 903 29.68 -17.24 23.05
CA ALA C 903 29.94 -17.98 21.84
C ALA C 903 28.71 -18.14 20.97
N VAL C 904 27.53 -17.84 21.49
CA VAL C 904 26.33 -17.88 20.67
C VAL C 904 26.35 -16.73 19.66
N SER C 905 25.47 -16.83 18.67
CA SER C 905 25.61 -16.01 17.47
C SER C 905 25.28 -14.55 17.72
N GLY C 906 24.44 -14.26 18.70
CA GLY C 906 24.13 -12.88 19.01
C GLY C 906 25.16 -12.25 19.93
N ALA C 907 25.62 -13.00 20.93
CA ALA C 907 26.65 -12.48 21.83
C ALA C 907 27.97 -12.34 21.13
N HIS C 908 28.21 -13.11 20.08
CA HIS C 908 29.37 -12.90 19.21
C HIS C 908 29.30 -11.54 18.54
N ASN C 909 28.17 -11.23 17.90
CA ASN C 909 28.01 -10.02 17.10
C ASN C 909 28.07 -8.77 17.95
N THR C 910 27.54 -8.82 19.18
CA THR C 910 27.66 -7.71 20.12
C THR C 910 29.11 -7.46 20.52
N ILE C 911 29.88 -8.53 20.67
CA ILE C 911 31.29 -8.41 21.04
C ILE C 911 32.09 -7.84 19.87
N ILE C 912 31.79 -8.25 18.64
CA ILE C 912 32.48 -7.73 17.47
C ILE C 912 32.18 -6.24 17.27
N CYS C 913 30.94 -5.85 17.50
CA CYS C 913 30.55 -4.46 17.35
C CYS C 913 31.04 -3.60 18.51
N ALA C 914 31.19 -4.16 19.71
CA ALA C 914 31.77 -3.42 20.83
C ALA C 914 33.26 -3.26 20.67
N ARG C 915 33.93 -4.24 20.08
CA ARG C 915 35.36 -4.16 19.85
C ARG C 915 35.69 -3.26 18.68
N ALA C 916 34.72 -2.95 17.84
CA ALA C 916 34.89 -2.00 16.75
C ALA C 916 34.59 -0.58 17.16
N GLY C 917 34.47 -0.30 18.45
CA GLY C 917 34.33 1.06 18.93
C GLY C 917 32.95 1.63 18.88
N LYS C 918 31.94 0.81 18.66
CA LYS C 918 30.59 1.33 18.52
C LYS C 918 29.95 1.53 19.90
N ASP C 919 28.84 2.25 19.91
CA ASP C 919 28.18 2.59 21.17
C ASP C 919 27.39 1.41 21.70
N LEU C 920 26.70 1.62 22.83
CA LEU C 920 25.94 0.56 23.45
C LEU C 920 24.78 0.13 22.57
N VAL C 921 24.11 1.10 21.98
CA VAL C 921 22.89 0.81 21.23
C VAL C 921 23.21 0.06 19.96
N SER C 922 24.28 0.47 19.25
CA SER C 922 24.67 -0.21 18.02
C SER C 922 25.20 -1.61 18.29
N SER C 923 25.90 -1.81 19.41
CA SER C 923 26.49 -3.11 19.72
C SER C 923 25.43 -4.10 20.17
N LEU C 924 24.50 -3.66 21.02
CA LEU C 924 23.34 -4.47 21.39
C LEU C 924 22.56 -4.91 20.18
N THR C 925 22.26 -3.95 19.32
CA THR C 925 21.44 -4.16 18.12
C THR C 925 22.08 -5.12 17.13
N SER C 926 23.39 -5.04 16.94
CA SER C 926 24.09 -5.90 15.99
C SER C 926 24.00 -7.36 16.39
N GLY C 927 23.89 -7.65 17.68
CA GLY C 927 23.68 -9.00 18.13
C GLY C 927 22.24 -9.33 18.41
N LEU C 928 21.42 -8.30 18.60
CA LEU C 928 19.99 -8.51 18.81
C LEU C 928 19.30 -8.94 17.53
N LEU C 929 19.82 -8.49 16.39
CA LEU C 929 19.25 -8.77 15.08
C LEU C 929 19.61 -10.13 14.55
N THR C 930 20.35 -10.91 15.31
CA THR C 930 20.60 -12.30 15.01
C THR C 930 19.46 -13.20 15.50
N ILE C 931 18.64 -12.68 16.41
CA ILE C 931 17.62 -13.45 17.10
C ILE C 931 16.42 -13.67 16.18
N GLY C 932 15.91 -14.89 16.13
CA GLY C 932 14.63 -15.13 15.51
C GLY C 932 14.40 -16.42 14.75
N ASP C 933 15.42 -16.98 14.10
CA ASP C 933 15.17 -18.19 13.32
C ASP C 933 15.89 -19.38 13.92
N ARG C 934 17.22 -19.31 14.00
CA ARG C 934 18.00 -20.42 14.52
C ARG C 934 18.68 -20.09 15.84
N PHE C 935 18.85 -18.82 16.15
CA PHE C 935 19.32 -18.38 17.44
C PHE C 935 18.15 -17.72 18.16
N GLY C 936 17.63 -18.38 19.19
CA GLY C 936 16.54 -17.81 19.95
C GLY C 936 15.18 -17.91 19.31
N GLY C 937 15.02 -18.67 18.25
CA GLY C 937 13.73 -18.84 17.62
C GLY C 937 13.01 -20.06 18.12
N ALA C 938 13.71 -20.90 18.88
CA ALA C 938 13.17 -22.14 19.40
C ALA C 938 12.25 -21.93 20.60
N LEU C 939 12.17 -20.71 21.10
CA LEU C 939 11.32 -20.43 22.25
C LEU C 939 9.87 -20.23 21.81
N ASP C 940 9.66 -19.45 20.75
CA ASP C 940 8.33 -19.31 20.17
C ASP C 940 7.92 -20.54 19.38
N ALA C 941 8.89 -21.26 18.83
CA ALA C 941 8.59 -22.43 18.01
C ALA C 941 8.16 -23.62 18.84
N ALA C 942 8.73 -23.81 20.03
CA ALA C 942 8.31 -24.90 20.90
C ALA C 942 6.93 -24.65 21.49
N ALA C 943 6.53 -23.40 21.63
CA ALA C 943 5.18 -23.11 22.11
C ALA C 943 4.16 -23.39 21.03
N LYS C 944 4.43 -22.95 19.80
CA LYS C 944 3.50 -23.14 18.70
C LYS C 944 3.40 -24.60 18.30
N MET C 945 4.48 -25.36 18.43
CA MET C 945 4.48 -26.76 18.04
C MET C 945 3.70 -27.61 19.02
N PHE C 946 3.93 -27.39 20.32
CA PHE C 946 3.28 -28.21 21.33
C PHE C 946 1.82 -27.81 21.52
N SER C 947 1.49 -26.54 21.27
CA SER C 947 0.09 -26.12 21.34
C SER C 947 -0.72 -26.73 20.21
N LYS C 948 -0.16 -26.76 19.00
CA LYS C 948 -0.85 -27.32 17.84
C LYS C 948 -1.06 -28.83 18.00
N ALA C 949 -0.14 -29.51 18.69
CA ALA C 949 -0.34 -30.92 19.00
C ALA C 949 -1.40 -31.10 20.09
N PHE C 950 -1.40 -30.23 21.08
CA PHE C 950 -2.33 -30.36 22.20
C PHE C 950 -3.74 -29.97 21.80
N ASP C 951 -3.86 -28.93 20.95
CA ASP C 951 -5.18 -28.44 20.57
C ASP C 951 -5.86 -29.41 19.60
N SER C 952 -5.19 -29.74 18.50
CA SER C 952 -5.65 -30.81 17.62
C SER C 952 -5.31 -32.12 18.32
N GLY C 953 -6.23 -32.54 19.20
CA GLY C 953 -5.92 -33.47 20.27
C GLY C 953 -5.47 -34.85 19.84
N ILE C 954 -4.17 -35.08 19.99
CA ILE C 954 -3.53 -36.36 19.73
C ILE C 954 -2.68 -36.68 20.94
N ILE C 955 -2.45 -37.97 21.18
CA ILE C 955 -1.72 -38.43 22.35
C ILE C 955 -0.25 -38.11 22.14
N PRO C 956 0.58 -38.03 23.19
CA PRO C 956 2.00 -37.72 22.98
C PRO C 956 2.77 -38.70 22.12
N MET C 957 2.41 -39.99 22.13
CA MET C 957 3.05 -40.96 21.26
C MET C 957 2.70 -40.73 19.80
N GLU C 958 1.48 -40.28 19.51
CA GLU C 958 1.10 -39.96 18.15
C GLU C 958 1.59 -38.58 17.72
N PHE C 959 2.26 -37.85 18.59
CA PHE C 959 2.92 -36.60 18.21
C PHE C 959 4.40 -36.82 17.94
N VAL C 960 5.03 -37.69 18.73
CA VAL C 960 6.42 -38.06 18.48
C VAL C 960 6.55 -38.78 17.15
N ASN C 961 5.62 -39.69 16.85
CA ASN C 961 5.63 -40.41 15.59
C ASN C 961 5.17 -39.55 14.43
N LYS C 962 4.34 -38.54 14.67
CA LYS C 962 3.90 -37.66 13.58
C LYS C 962 5.04 -36.77 13.10
N MET C 963 5.87 -36.28 14.02
CA MET C 963 7.00 -35.44 13.63
C MET C 963 8.11 -36.26 12.98
N LYS C 964 8.19 -37.54 13.31
CA LYS C 964 9.19 -38.40 12.68
C LYS C 964 8.87 -38.66 11.22
N LYS C 965 7.58 -38.86 10.90
CA LYS C 965 7.20 -39.12 9.51
C LYS C 965 7.30 -37.88 8.65
N GLU C 966 7.16 -36.71 9.25
CA GLU C 966 7.33 -35.46 8.51
C GLU C 966 8.79 -35.05 8.40
N GLY C 967 9.70 -35.79 9.04
CA GLY C 967 11.10 -35.43 9.03
C GLY C 967 11.40 -34.14 9.76
N LYS C 968 10.68 -33.88 10.85
CA LYS C 968 10.84 -32.67 11.64
C LYS C 968 11.25 -33.05 13.05
N LEU C 969 12.30 -32.41 13.55
CA LEU C 969 12.66 -32.56 14.94
C LEU C 969 11.71 -31.76 15.81
N ILE C 970 11.45 -32.27 17.01
CA ILE C 970 10.58 -31.56 17.94
C ILE C 970 11.34 -30.37 18.52
N MET C 971 10.81 -29.18 18.31
CA MET C 971 11.39 -27.98 18.88
C MET C 971 11.19 -27.96 20.39
N GLY C 972 12.24 -27.59 21.11
CA GLY C 972 12.18 -27.61 22.55
C GLY C 972 12.47 -28.94 23.19
N ILE C 973 12.97 -29.91 22.43
CA ILE C 973 13.38 -31.21 22.95
C ILE C 973 14.84 -31.42 22.57
N GLY C 974 15.68 -31.71 23.56
CA GLY C 974 17.03 -32.15 23.26
C GLY C 974 18.15 -31.25 23.75
N HIS C 975 19.00 -31.76 24.59
CA HIS C 975 20.11 -30.98 25.02
C HIS C 975 21.40 -31.70 24.70
N ARG C 976 22.40 -30.96 24.29
CA ARG C 976 23.72 -31.43 23.93
C ARG C 976 24.52 -32.16 24.98
N VAL C 977 24.22 -31.97 26.25
CA VAL C 977 24.97 -32.64 27.30
C VAL C 977 23.98 -33.20 28.29
N LYS C 978 23.11 -32.38 28.86
CA LYS C 978 22.15 -32.79 29.88
C LYS C 978 21.16 -33.87 29.63
N SER C 979 20.78 -34.65 30.62
CA SER C 979 19.89 -35.73 30.38
C SER C 979 19.57 -36.27 31.76
N ILE C 980 18.93 -37.41 31.83
CA ILE C 980 18.55 -38.01 33.09
C ILE C 980 19.68 -38.46 34.04
N ASN C 981 19.45 -38.21 35.32
CA ASN C 981 20.34 -38.20 36.49
C ASN C 981 21.42 -37.13 36.35
N ASN C 982 21.15 -36.16 35.48
CA ASN C 982 22.05 -35.04 35.20
C ASN C 982 21.22 -33.99 34.48
N PRO C 983 20.28 -33.36 35.18
CA PRO C 983 19.31 -32.51 34.48
C PRO C 983 19.85 -31.12 34.21
N ASP C 984 19.19 -30.45 33.27
CA ASP C 984 19.41 -29.02 33.10
C ASP C 984 18.83 -28.31 34.30
N MET C 985 19.65 -27.54 35.00
CA MET C 985 19.20 -26.96 36.25
C MET C 985 18.37 -25.70 36.06
N ARG C 986 18.47 -25.04 34.92
CA ARG C 986 17.53 -23.97 34.60
C ARG C 986 16.14 -24.53 34.34
N VAL C 987 16.06 -25.72 33.76
CA VAL C 987 14.81 -26.41 33.56
C VAL C 987 14.22 -26.87 34.89
N GLN C 988 15.07 -27.34 35.81
CA GLN C 988 14.58 -27.81 37.10
C GLN C 988 14.09 -26.68 37.99
N ILE C 989 14.70 -25.50 37.88
CA ILE C 989 14.24 -24.34 38.67
C ILE C 989 12.87 -23.90 38.21
N LEU C 990 12.68 -23.77 36.90
CA LEU C 990 11.43 -23.27 36.36
C LEU C 990 10.31 -24.29 36.46
N LYS C 991 10.63 -25.57 36.41
CA LYS C 991 9.61 -26.60 36.50
C LYS C 991 9.04 -26.72 37.90
N ASP C 992 9.86 -26.47 38.94
CA ASP C 992 9.32 -26.49 40.29
C ASP C 992 8.47 -25.27 40.58
N TYR C 993 8.76 -24.14 39.94
CA TYR C 993 7.90 -22.97 40.13
C TYR C 993 6.54 -23.19 39.49
N VAL C 994 6.53 -23.71 38.26
CA VAL C 994 5.28 -23.95 37.54
C VAL C 994 4.46 -25.04 38.21
N ARG C 995 5.10 -26.04 38.80
CA ARG C 995 4.35 -27.11 39.46
C ARG C 995 3.75 -26.63 40.78
N GLN C 996 4.49 -25.84 41.55
CA GLN C 996 3.99 -25.41 42.85
C GLN C 996 2.96 -24.29 42.73
N HIS C 997 3.17 -23.35 41.80
CA HIS C 997 2.42 -22.10 41.81
C HIS C 997 1.32 -22.00 40.76
N PHE C 998 1.48 -22.64 39.60
CA PHE C 998 0.46 -22.52 38.58
C PHE C 998 -0.74 -23.38 38.98
N PRO C 999 -1.97 -22.93 38.70
CA PRO C 999 -3.13 -23.73 39.10
C PRO C 999 -3.32 -24.98 38.25
N ALA C 1000 -3.05 -24.90 36.94
CA ALA C 1000 -3.17 -26.05 36.06
C ALA C 1000 -2.16 -25.89 34.94
N THR C 1001 -1.46 -26.97 34.63
CA THR C 1001 -0.44 -27.01 33.58
C THR C 1001 -0.81 -28.11 32.60
N PRO C 1002 -1.75 -27.85 31.68
CA PRO C 1002 -2.15 -28.92 30.75
C PRO C 1002 -1.12 -29.20 29.67
N LEU C 1003 -0.43 -28.18 29.16
CA LEU C 1003 0.57 -28.34 28.13
C LEU C 1003 1.95 -28.69 28.67
N LEU C 1004 2.27 -28.30 29.91
CA LEU C 1004 3.51 -28.77 30.51
C LEU C 1004 3.45 -30.26 30.78
N ASP C 1005 2.30 -30.77 31.21
CA ASP C 1005 2.16 -32.21 31.41
C ASP C 1005 2.16 -32.97 30.09
N TYR C 1006 1.70 -32.35 29.02
CA TYR C 1006 1.81 -32.94 27.70
C TYR C 1006 3.26 -32.96 27.24
N ALA C 1007 3.97 -31.85 27.40
CA ALA C 1007 5.37 -31.78 26.97
C ALA C 1007 6.28 -32.60 27.86
N LEU C 1008 5.88 -32.89 29.08
CA LEU C 1008 6.62 -33.81 29.94
C LEU C 1008 6.24 -35.26 29.67
N GLU C 1009 5.19 -35.51 28.89
CA GLU C 1009 4.88 -36.85 28.42
C GLU C 1009 5.48 -37.13 27.07
N VAL C 1010 5.64 -36.11 26.24
CA VAL C 1010 6.47 -36.20 25.04
C VAL C 1010 7.92 -36.43 25.44
N GLU C 1011 8.36 -35.79 26.52
CA GLU C 1011 9.72 -35.96 27.02
C GLU C 1011 10.00 -37.38 27.51
N LYS C 1012 8.99 -38.06 28.06
CA LYS C 1012 9.17 -39.45 28.47
C LYS C 1012 9.38 -40.37 27.28
N ILE C 1013 8.86 -40.02 26.12
CA ILE C 1013 9.03 -40.82 24.93
C ILE C 1013 10.38 -40.60 24.27
N THR C 1014 10.78 -39.35 24.09
CA THR C 1014 12.05 -39.05 23.43
C THR C 1014 13.26 -39.37 24.28
N THR C 1015 13.11 -39.45 25.60
CA THR C 1015 14.18 -39.91 26.48
C THR C 1015 14.37 -41.42 26.41
N SER C 1016 13.34 -42.15 26.03
CA SER C 1016 13.47 -43.58 25.77
C SER C 1016 14.20 -43.88 24.46
N LYS C 1017 14.40 -42.89 23.60
CA LYS C 1017 15.18 -43.07 22.40
C LYS C 1017 16.64 -42.75 22.67
N LYS C 1018 16.91 -41.49 22.99
CA LYS C 1018 18.19 -40.99 23.46
C LYS C 1018 17.97 -40.31 24.80
N PRO C 1019 18.83 -40.55 25.79
CA PRO C 1019 18.68 -39.88 27.08
C PRO C 1019 18.81 -38.36 27.01
N ASN C 1020 19.56 -37.85 26.04
CA ASN C 1020 19.80 -36.42 25.92
C ASN C 1020 18.57 -35.65 25.45
N LEU C 1021 17.56 -36.33 24.92
CA LEU C 1021 16.37 -35.67 24.39
C LEU C 1021 15.41 -35.35 25.54
N ILE C 1022 15.66 -34.20 26.16
CA ILE C 1022 14.88 -33.74 27.28
C ILE C 1022 14.29 -32.37 26.94
N LEU C 1023 13.44 -31.87 27.83
CA LEU C 1023 12.86 -30.55 27.65
C LEU C 1023 13.93 -29.49 27.84
N ASN C 1024 14.07 -28.63 26.83
CA ASN C 1024 14.98 -27.51 26.90
C ASN C 1024 14.46 -26.44 27.85
N VAL C 1025 15.33 -25.47 28.13
CA VAL C 1025 14.86 -24.21 28.68
C VAL C 1025 14.12 -23.43 27.60
N ASP C 1026 14.43 -23.66 26.32
CA ASP C 1026 13.65 -23.09 25.24
C ASP C 1026 12.31 -23.80 25.12
N GLY C 1027 12.21 -25.03 25.61
CA GLY C 1027 11.01 -25.81 25.45
C GLY C 1027 10.10 -25.73 26.65
N LEU C 1028 10.65 -25.54 27.84
CA LEU C 1028 9.80 -25.42 29.01
C LEU C 1028 9.30 -24.01 29.22
N ILE C 1029 10.08 -22.98 28.87
CA ILE C 1029 9.56 -21.62 28.89
C ILE C 1029 8.46 -21.47 27.85
N GLY C 1030 8.60 -22.14 26.71
CA GLY C 1030 7.57 -22.07 25.68
C GLY C 1030 6.25 -22.69 26.10
N VAL C 1031 6.29 -23.84 26.76
CA VAL C 1031 5.04 -24.52 27.10
C VAL C 1031 4.46 -24.05 28.43
N ALA C 1032 5.25 -23.43 29.29
CA ALA C 1032 4.72 -22.89 30.55
C ALA C 1032 4.30 -21.44 30.43
N PHE C 1033 4.76 -20.73 29.40
CA PHE C 1033 4.20 -19.41 29.12
C PHE C 1033 2.82 -19.51 28.50
N VAL C 1034 2.61 -20.54 27.67
CA VAL C 1034 1.27 -20.81 27.16
C VAL C 1034 0.35 -21.23 28.30
N ASP C 1035 0.84 -22.10 29.19
CA ASP C 1035 0.10 -22.44 30.40
C ASP C 1035 -0.11 -21.25 31.32
N MET C 1036 0.82 -20.29 31.31
CA MET C 1036 0.58 -19.06 32.05
C MET C 1036 -0.49 -18.22 31.37
N LEU C 1037 -0.51 -18.23 30.04
CA LEU C 1037 -1.47 -17.39 29.32
C LEU C 1037 -2.89 -17.94 29.44
N ARG C 1038 -3.09 -19.22 29.12
CA ARG C 1038 -4.43 -19.77 29.03
C ARG C 1038 -4.89 -20.49 30.29
N ASN C 1039 -4.22 -20.29 31.42
CA ASN C 1039 -4.71 -20.87 32.66
C ASN C 1039 -4.58 -19.95 33.88
N CYS C 1040 -4.24 -18.66 33.71
CA CYS C 1040 -4.14 -17.77 34.84
C CYS C 1040 -5.43 -17.01 35.13
N GLY C 1041 -6.38 -17.00 34.21
CA GLY C 1041 -7.65 -16.35 34.42
C GLY C 1041 -7.75 -14.96 33.85
N SER C 1042 -6.63 -14.36 33.45
CA SER C 1042 -6.65 -13.02 32.88
C SER C 1042 -7.04 -13.03 31.41
N PHE C 1043 -6.79 -14.14 30.71
CA PHE C 1043 -6.86 -14.17 29.26
C PHE C 1043 -8.01 -15.05 28.79
N THR C 1044 -8.72 -14.57 27.78
CA THR C 1044 -9.59 -15.43 26.99
C THR C 1044 -8.72 -16.38 26.17
N ARG C 1045 -9.29 -17.53 25.81
CA ARG C 1045 -8.55 -18.53 25.04
C ARG C 1045 -8.14 -18.02 23.66
N GLU C 1046 -8.98 -17.18 23.05
CA GLU C 1046 -8.61 -16.53 21.80
C GLU C 1046 -7.61 -15.41 22.01
N GLU C 1047 -7.62 -14.76 23.18
CA GLU C 1047 -6.62 -13.76 23.48
C GLU C 1047 -5.25 -14.38 23.68
N ALA C 1048 -5.20 -15.49 24.42
CA ALA C 1048 -3.93 -16.17 24.69
C ALA C 1048 -3.34 -16.80 23.45
N ASP C 1049 -4.18 -17.17 22.48
CA ASP C 1049 -3.67 -17.72 21.23
C ASP C 1049 -3.10 -16.65 20.32
N GLU C 1050 -3.56 -15.41 20.45
CA GLU C 1050 -3.05 -14.32 19.61
C GLU C 1050 -1.66 -13.89 20.02
N TYR C 1051 -1.38 -13.88 21.33
CA TYR C 1051 -0.07 -13.47 21.83
C TYR C 1051 1.02 -14.43 21.42
N ILE C 1052 0.70 -15.73 21.34
CA ILE C 1052 1.66 -16.69 20.81
C ILE C 1052 1.87 -16.47 19.33
N ASP C 1053 0.83 -16.09 18.60
CA ASP C 1053 0.95 -15.87 17.16
C ASP C 1053 1.73 -14.60 16.86
N ILE C 1054 1.44 -13.51 17.57
CA ILE C 1054 2.13 -12.25 17.29
C ILE C 1054 3.50 -12.18 17.93
N GLY C 1055 3.89 -13.20 18.71
CA GLY C 1055 5.25 -13.31 19.16
C GLY C 1055 5.55 -12.75 20.54
N ALA C 1056 4.79 -13.15 21.55
CA ALA C 1056 5.09 -12.72 22.90
C ALA C 1056 6.29 -13.45 23.49
N LEU C 1057 6.58 -14.67 23.07
CA LEU C 1057 7.79 -15.38 23.46
C LEU C 1057 9.00 -15.05 22.62
N ASN C 1058 8.83 -14.38 21.49
CA ASN C 1058 9.97 -13.74 20.86
C ASN C 1058 10.48 -12.60 21.72
N GLY C 1059 9.56 -11.83 22.32
CA GLY C 1059 9.95 -10.72 23.17
C GLY C 1059 10.49 -11.14 24.52
N ILE C 1060 10.15 -12.33 25.00
CA ILE C 1060 10.68 -12.80 26.26
C ILE C 1060 12.17 -13.13 26.13
N PHE C 1061 12.55 -13.75 25.01
CA PHE C 1061 13.96 -14.03 24.78
C PHE C 1061 14.74 -12.76 24.51
N VAL C 1062 14.18 -11.84 23.73
CA VAL C 1062 14.89 -10.65 23.32
C VAL C 1062 15.07 -9.69 24.50
N LEU C 1063 14.04 -9.52 25.32
CA LEU C 1063 14.19 -8.70 26.52
C LEU C 1063 15.08 -9.39 27.56
N GLY C 1064 15.07 -10.71 27.61
CA GLY C 1064 15.95 -11.42 28.51
C GLY C 1064 17.40 -11.34 28.08
N ARG C 1065 17.68 -11.70 26.82
CA ARG C 1065 19.05 -11.75 26.31
C ARG C 1065 19.67 -10.38 26.15
N SER C 1066 18.88 -9.30 26.18
CA SER C 1066 19.44 -7.96 26.16
C SER C 1066 20.18 -7.62 27.46
N MET C 1067 19.87 -8.30 28.56
CA MET C 1067 20.66 -8.10 29.77
C MET C 1067 22.07 -8.66 29.59
N GLY C 1068 22.20 -9.80 28.95
CA GLY C 1068 23.52 -10.36 28.71
C GLY C 1068 24.27 -9.72 27.57
N PHE C 1069 23.56 -9.17 26.59
CA PHE C 1069 24.23 -8.49 25.49
C PHE C 1069 24.78 -7.14 25.92
N ILE C 1070 24.04 -6.38 26.73
CA ILE C 1070 24.57 -5.15 27.29
C ILE C 1070 25.69 -5.46 28.27
N GLY C 1071 25.59 -6.56 29.01
CA GLY C 1071 26.70 -7.00 29.83
C GLY C 1071 27.89 -7.47 29.03
N HIS C 1072 27.66 -7.99 27.82
CA HIS C 1072 28.76 -8.33 26.94
C HIS C 1072 29.38 -7.11 26.30
N TYR C 1073 28.58 -6.07 26.06
CA TYR C 1073 29.12 -4.80 25.57
C TYR C 1073 30.01 -4.16 26.61
N LEU C 1074 29.51 -4.03 27.85
CA LEU C 1074 30.22 -3.37 28.93
C LEU C 1074 31.47 -4.13 29.35
N ASP C 1075 31.51 -5.42 29.06
CA ASP C 1075 32.69 -6.23 29.37
C ASP C 1075 33.83 -5.96 28.40
N GLN C 1076 33.53 -5.82 27.11
CA GLN C 1076 34.58 -5.54 26.14
C GLN C 1076 35.07 -4.10 26.19
N LYS C 1077 34.34 -3.18 26.81
CA LYS C 1077 34.84 -1.84 27.06
C LYS C 1077 35.70 -1.81 28.31
N ARG C 1078 35.41 -2.68 29.27
CA ARG C 1078 36.24 -2.84 30.46
C ARG C 1078 37.60 -3.42 30.12
N LEU C 1079 37.60 -4.51 29.35
CA LEU C 1079 38.81 -5.19 28.93
C LEU C 1079 39.58 -4.40 27.88
N LYS C 1080 38.94 -3.39 27.27
CA LYS C 1080 39.53 -2.51 26.27
C LYS C 1080 40.07 -3.29 25.08
N GLN C 1081 39.25 -4.21 24.60
CA GLN C 1081 39.62 -5.10 23.51
C GLN C 1081 39.70 -4.34 22.20
N GLY C 1082 40.70 -4.67 21.39
CA GLY C 1082 40.86 -4.03 20.12
C GLY C 1082 39.95 -4.60 19.06
N LEU C 1083 40.08 -4.04 17.86
CA LEU C 1083 39.24 -4.43 16.73
C LEU C 1083 39.52 -5.86 16.31
N TYR C 1084 38.45 -6.60 16.03
CA TYR C 1084 38.56 -8.00 15.67
C TYR C 1084 38.58 -8.14 14.15
N ARG C 1085 39.58 -8.85 13.66
CA ARG C 1085 39.61 -9.31 12.28
C ARG C 1085 39.71 -10.83 12.33
N HIS C 1086 38.82 -11.50 11.61
CA HIS C 1086 38.80 -12.95 11.61
C HIS C 1086 40.04 -13.50 10.91
N PRO C 1087 40.62 -14.59 11.42
CA PRO C 1087 41.79 -15.17 10.76
C PRO C 1087 41.47 -15.71 9.38
N TRP C 1088 42.46 -15.61 8.48
CA TRP C 1088 42.27 -16.04 7.11
C TRP C 1088 42.30 -17.53 6.95
N ASP C 1089 42.89 -18.25 7.90
CA ASP C 1089 42.95 -19.70 7.80
C ASP C 1089 41.73 -20.38 8.40
N ASP C 1090 40.82 -19.62 9.00
CA ASP C 1090 39.54 -20.13 9.43
C ASP C 1090 38.46 -19.89 8.37
N ILE C 1091 38.81 -19.21 7.28
CA ILE C 1091 37.91 -18.94 6.16
C ILE C 1091 38.40 -19.74 4.96
N SER C 1092 37.46 -20.39 4.28
CA SER C 1092 37.76 -21.22 3.10
C SER C 1092 37.29 -20.47 1.86
N TYR C 1093 38.24 -20.01 1.06
CA TYR C 1093 37.94 -19.19 -0.11
C TYR C 1093 37.71 -20.11 -1.31
N VAL C 1094 36.48 -20.13 -1.83
CA VAL C 1094 36.10 -21.03 -2.92
C VAL C 1094 35.59 -20.23 -4.12
N LEU C 1095 36.20 -19.08 -4.38
CA LEU C 1095 35.85 -18.15 -5.46
C LEU C 1095 35.93 -18.80 -6.84
N PRO C 1096 35.19 -18.29 -7.83
CA PRO C 1096 35.33 -18.80 -9.20
C PRO C 1096 36.70 -18.51 -9.80
N GLU C 1097 36.95 -19.14 -10.94
CA GLU C 1097 38.28 -19.09 -11.55
C GLU C 1097 38.57 -17.71 -12.14
N HIS C 1098 37.72 -17.24 -13.06
CA HIS C 1098 37.82 -15.84 -13.44
C HIS C 1098 36.45 -15.21 -13.70
N MET C 1099 35.35 -15.85 -13.30
CA MET C 1099 34.01 -15.37 -13.63
C MET C 1099 33.58 -14.23 -12.72
N VAL D 821 58.02 -25.76 25.98
CA VAL D 821 56.83 -25.01 25.62
C VAL D 821 56.17 -25.66 24.41
N PRO D 822 54.84 -25.56 24.31
CA PRO D 822 54.15 -26.08 23.13
C PRO D 822 54.45 -25.27 21.89
N MET D 823 54.32 -25.95 20.76
CA MET D 823 54.58 -25.35 19.45
C MET D 823 53.45 -24.36 19.13
N ASP D 824 53.77 -23.32 18.37
CA ASP D 824 52.73 -22.38 17.98
C ASP D 824 51.79 -23.05 16.97
N TYR D 825 50.52 -22.63 17.00
CA TYR D 825 49.57 -23.15 16.03
C TYR D 825 49.92 -22.72 14.62
N SER D 826 50.38 -21.48 14.47
CA SER D 826 50.73 -20.96 13.16
C SER D 826 51.98 -21.63 12.60
N TRP D 827 52.88 -22.08 13.46
CA TRP D 827 54.05 -22.82 12.97
C TRP D 827 53.68 -24.25 12.63
N ALA D 828 52.79 -24.86 13.42
CA ALA D 828 52.36 -26.23 13.14
C ALA D 828 51.49 -26.31 11.90
N ARG D 829 50.67 -25.28 11.65
CA ARG D 829 49.81 -25.31 10.48
C ARG D 829 50.58 -24.97 9.20
N GLU D 830 51.59 -24.10 9.30
CA GLU D 830 52.35 -23.68 8.12
C GLU D 830 53.14 -24.84 7.51
N LEU D 831 53.77 -25.65 8.35
CA LEU D 831 54.53 -26.79 7.88
C LEU D 831 53.78 -28.11 8.06
N GLY D 832 52.46 -28.03 8.22
CA GLY D 832 51.58 -29.13 7.93
C GLY D 832 51.54 -30.28 8.91
N LEU D 833 51.89 -30.05 10.17
CA LEU D 833 51.72 -31.13 11.14
C LEU D 833 50.28 -31.31 11.57
N ILE D 834 49.51 -30.22 11.62
CA ILE D 834 48.13 -30.30 12.05
C ILE D 834 47.24 -29.81 10.92
N ARG D 835 45.95 -30.10 11.03
CA ARG D 835 44.96 -29.43 10.21
C ARG D 835 43.72 -29.14 11.04
N LYS D 836 43.15 -27.97 10.80
CA LYS D 836 41.98 -27.48 11.49
C LYS D 836 40.94 -27.14 10.43
N PRO D 837 39.67 -27.47 10.64
CA PRO D 837 38.66 -27.13 9.64
C PRO D 837 38.36 -25.65 9.64
N ALA D 838 38.20 -25.11 8.43
CA ALA D 838 37.78 -23.73 8.27
C ALA D 838 36.28 -23.64 8.51
N SER D 839 35.88 -22.78 9.44
CA SER D 839 34.47 -22.70 9.82
C SER D 839 33.67 -21.75 8.95
N PHE D 840 34.30 -21.12 7.95
CA PHE D 840 33.62 -20.19 7.07
C PHE D 840 33.96 -20.51 5.62
N MET D 841 33.00 -20.25 4.74
CA MET D 841 33.19 -20.31 3.31
C MET D 841 32.77 -18.99 2.70
N THR D 842 33.53 -18.53 1.72
CA THR D 842 33.22 -17.31 1.00
C THR D 842 33.52 -17.50 -0.48
N SER D 843 32.83 -16.72 -1.30
CA SER D 843 33.02 -16.82 -2.74
C SER D 843 33.04 -15.49 -3.47
N ILE D 844 32.88 -14.35 -2.79
CA ILE D 844 32.56 -13.16 -3.56
C ILE D 844 33.79 -12.31 -3.71
N CYS D 845 34.78 -12.49 -2.83
CA CYS D 845 35.91 -11.58 -2.78
C CYS D 845 37.11 -12.25 -2.14
N ASP D 846 38.26 -12.09 -2.78
CA ASP D 846 39.54 -12.59 -2.28
C ASP D 846 40.44 -11.38 -2.06
N GLU D 847 40.92 -11.23 -0.84
CA GLU D 847 41.69 -10.06 -0.45
C GLU D 847 42.98 -10.38 0.27
N ARG D 848 43.31 -11.66 0.45
CA ARG D 848 44.64 -11.99 0.96
C ARG D 848 45.66 -12.29 -0.14
N GLY D 849 45.71 -11.43 -1.14
CA GLY D 849 46.70 -11.59 -2.19
C GLY D 849 47.37 -10.27 -2.50
N GLN D 850 48.11 -10.20 -3.61
CA GLN D 850 48.73 -8.94 -4.00
C GLN D 850 47.70 -7.96 -4.53
N GLU D 851 46.51 -8.43 -4.85
CA GLU D 851 45.48 -7.59 -5.45
C GLU D 851 44.11 -8.05 -5.00
N LEU D 852 43.23 -7.08 -4.78
CA LEU D 852 41.84 -7.37 -4.46
C LEU D 852 41.15 -8.00 -5.65
N ILE D 853 40.34 -9.02 -5.39
CA ILE D 853 39.74 -9.86 -6.42
C ILE D 853 38.24 -9.92 -6.16
N TYR D 854 37.44 -9.53 -7.15
CA TYR D 854 35.99 -9.61 -7.07
C TYR D 854 35.55 -10.78 -7.92
N ALA D 855 35.25 -11.92 -7.26
CA ALA D 855 34.74 -13.14 -7.87
C ALA D 855 35.63 -13.67 -8.98
N GLY D 856 36.92 -13.78 -8.72
CA GLY D 856 37.86 -14.24 -9.70
C GLY D 856 38.48 -13.16 -10.54
N MET D 857 37.84 -12.02 -10.65
CA MET D 857 38.34 -10.91 -11.47
C MET D 857 39.06 -9.90 -10.60
N PRO D 858 40.30 -9.54 -10.93
CA PRO D 858 41.04 -8.59 -10.11
C PRO D 858 40.46 -7.18 -10.20
N ILE D 859 40.84 -6.35 -9.22
CA ILE D 859 40.31 -5.00 -9.15
C ILE D 859 40.80 -4.12 -10.30
N THR D 860 41.96 -4.41 -10.88
CA THR D 860 42.41 -3.61 -12.02
C THR D 860 41.62 -3.97 -13.27
N GLU D 861 41.31 -5.24 -13.46
CA GLU D 861 40.58 -5.65 -14.65
C GLU D 861 39.09 -5.35 -14.54
N VAL D 862 38.59 -5.15 -13.32
CA VAL D 862 37.26 -4.57 -13.13
C VAL D 862 37.16 -3.19 -13.76
N PHE D 863 38.22 -2.40 -13.65
CA PHE D 863 38.21 -1.04 -14.18
C PHE D 863 38.69 -0.95 -15.62
N LYS D 864 39.46 -1.92 -16.12
CA LYS D 864 39.92 -1.84 -17.51
C LYS D 864 38.81 -2.13 -18.51
N GLU D 865 38.00 -3.16 -18.28
CA GLU D 865 36.84 -3.39 -19.13
C GLU D 865 35.58 -2.66 -18.68
N GLU D 866 35.72 -1.66 -17.81
CA GLU D 866 34.75 -0.55 -17.64
C GLU D 866 33.36 -1.04 -17.21
N MET D 867 33.31 -2.13 -16.47
CA MET D 867 32.08 -2.58 -15.85
C MET D 867 31.84 -1.68 -14.65
N GLY D 868 30.59 -1.28 -14.46
CA GLY D 868 30.33 -0.22 -13.51
C GLY D 868 29.98 -0.72 -12.14
N ILE D 869 29.08 -0.01 -11.46
CA ILE D 869 28.56 -0.47 -10.19
C ILE D 869 27.65 -1.68 -10.41
N GLY D 870 26.88 -1.68 -11.50
CA GLY D 870 26.12 -2.86 -11.85
C GLY D 870 26.99 -4.02 -12.32
N GLY D 871 28.18 -3.73 -12.81
CA GLY D 871 29.14 -4.74 -13.18
C GLY D 871 29.78 -5.42 -11.99
N VAL D 872 30.10 -4.66 -10.94
CA VAL D 872 30.64 -5.27 -9.73
C VAL D 872 29.53 -5.85 -8.88
N LEU D 873 28.29 -5.42 -9.09
CA LEU D 873 27.16 -6.06 -8.43
C LEU D 873 26.92 -7.45 -8.99
N GLY D 874 27.18 -7.67 -10.28
CA GLY D 874 27.11 -9.00 -10.83
C GLY D 874 28.23 -9.89 -10.37
N LEU D 875 29.36 -9.29 -9.99
CA LEU D 875 30.49 -10.07 -9.47
C LEU D 875 30.29 -10.42 -8.01
N LEU D 876 29.89 -9.45 -7.21
CA LEU D 876 29.75 -9.70 -5.79
C LEU D 876 28.52 -10.53 -5.47
N TRP D 877 27.40 -10.30 -6.16
CA TRP D 877 26.15 -10.95 -5.79
C TRP D 877 25.90 -12.22 -6.55
N PHE D 878 26.39 -12.34 -7.78
CA PHE D 878 26.13 -13.51 -8.60
C PHE D 878 27.36 -14.28 -9.02
N GLN D 879 28.57 -13.75 -8.79
CA GLN D 879 29.85 -14.31 -9.25
C GLN D 879 29.89 -14.52 -10.75
N LYS D 880 29.27 -13.60 -11.48
CA LYS D 880 29.16 -13.73 -12.92
C LYS D 880 29.45 -12.40 -13.57
N ARG D 881 30.23 -12.44 -14.65
CA ARG D 881 30.44 -11.27 -15.48
C ARG D 881 29.26 -11.14 -16.43
N LEU D 882 28.32 -10.30 -16.08
CA LEU D 882 27.10 -10.05 -16.83
C LEU D 882 27.42 -9.28 -18.11
N PRO D 883 26.55 -9.37 -19.12
CA PRO D 883 26.72 -8.50 -20.30
C PRO D 883 26.45 -7.04 -19.93
N LYS D 884 26.94 -6.15 -20.79
CA LYS D 884 26.91 -4.72 -20.49
C LYS D 884 25.49 -4.15 -20.47
N TYR D 885 24.52 -4.82 -21.09
CA TYR D 885 23.13 -4.42 -20.92
C TYR D 885 22.59 -4.86 -19.58
N SER D 886 23.06 -5.99 -19.06
CA SER D 886 22.63 -6.46 -17.74
C SER D 886 23.27 -5.65 -16.62
N CYS D 887 24.50 -5.18 -16.84
CA CYS D 887 25.10 -4.26 -15.89
C CYS D 887 24.37 -2.94 -15.86
N GLN D 888 24.13 -2.35 -17.03
CA GLN D 888 23.50 -1.03 -17.12
C GLN D 888 22.03 -1.06 -16.76
N PHE D 889 21.37 -2.22 -16.87
CA PHE D 889 20.00 -2.34 -16.37
C PHE D 889 19.96 -2.33 -14.85
N ILE D 890 20.95 -2.95 -14.21
CA ILE D 890 21.03 -2.98 -12.75
C ILE D 890 21.25 -1.58 -12.19
N GLU D 891 22.15 -0.81 -12.82
CA GLU D 891 22.35 0.57 -12.42
C GLU D 891 21.11 1.41 -12.64
N MET D 892 20.40 1.18 -13.75
CA MET D 892 19.15 1.87 -14.06
C MET D 892 18.07 1.57 -13.01
N CYS D 893 18.08 0.36 -12.46
CA CYS D 893 17.12 0.00 -11.40
C CYS D 893 17.48 0.62 -10.07
N LEU D 894 18.75 0.93 -9.83
CA LEU D 894 19.15 1.54 -8.57
C LEU D 894 18.90 3.04 -8.54
N MET D 895 18.71 3.68 -9.69
CA MET D 895 18.35 5.10 -9.73
C MET D 895 16.85 5.34 -9.65
N VAL D 896 16.03 4.40 -10.11
CA VAL D 896 14.59 4.58 -9.97
C VAL D 896 14.10 4.15 -8.60
N THR D 897 14.81 3.26 -7.91
CA THR D 897 14.49 2.89 -6.54
C THR D 897 15.24 3.74 -5.52
N ALA D 898 15.95 4.78 -5.97
CA ALA D 898 16.87 5.50 -5.11
C ALA D 898 16.15 6.27 -4.02
N ASP D 899 15.10 7.00 -4.38
CA ASP D 899 14.26 7.63 -3.38
C ASP D 899 12.86 7.78 -3.92
N HIS D 900 11.90 7.84 -3.00
CA HIS D 900 10.52 8.17 -3.32
C HIS D 900 9.95 9.10 -2.25
N GLY D 901 10.72 10.09 -1.85
CA GLY D 901 10.24 11.11 -0.96
C GLY D 901 10.27 10.72 0.50
N PRO D 902 10.02 11.69 1.37
CA PRO D 902 10.12 11.45 2.82
C PRO D 902 8.87 10.89 3.48
N ALA D 903 7.78 10.73 2.74
CA ALA D 903 6.53 10.29 3.34
C ALA D 903 6.45 8.79 3.51
N VAL D 904 7.30 8.02 2.83
CA VAL D 904 7.25 6.57 2.94
C VAL D 904 7.76 6.14 4.31
N SER D 905 7.45 4.90 4.68
CA SER D 905 7.63 4.47 6.07
C SER D 905 9.10 4.26 6.41
N GLY D 906 9.95 4.06 5.41
CA GLY D 906 11.37 3.90 5.69
C GLY D 906 12.09 5.23 5.76
N ALA D 907 11.76 6.15 4.85
CA ALA D 907 12.38 7.47 4.87
C ALA D 907 11.85 8.30 6.03
N HIS D 908 10.68 7.98 6.56
CA HIS D 908 10.20 8.59 7.78
C HIS D 908 11.11 8.24 8.96
N ASN D 909 11.44 6.96 9.10
CA ASN D 909 12.21 6.48 10.25
C ASN D 909 13.65 6.97 10.22
N THR D 910 14.22 7.12 9.03
CA THR D 910 15.55 7.68 8.90
C THR D 910 15.59 9.15 9.31
N ILE D 911 14.52 9.89 9.00
CA ILE D 911 14.43 11.29 9.35
C ILE D 911 14.26 11.46 10.87
N ILE D 912 13.44 10.62 11.50
CA ILE D 912 13.25 10.68 12.95
C ILE D 912 14.54 10.37 13.69
N CYS D 913 15.28 9.38 13.19
CA CYS D 913 16.55 9.03 13.83
C CYS D 913 17.65 10.03 13.51
N ALA D 914 17.57 10.71 12.37
CA ALA D 914 18.54 11.77 12.07
C ALA D 914 18.28 13.01 12.90
N ARG D 915 17.01 13.29 13.18
CA ARG D 915 16.62 14.44 13.98
C ARG D 915 16.83 14.22 15.46
N ALA D 916 17.07 12.98 15.88
CA ALA D 916 17.43 12.67 17.25
C ALA D 916 18.92 12.65 17.48
N GLY D 917 19.70 13.24 16.59
CA GLY D 917 21.12 13.40 16.81
C GLY D 917 21.94 12.15 16.63
N LYS D 918 21.44 11.16 15.92
CA LYS D 918 22.17 9.92 15.72
C LYS D 918 23.08 10.01 14.50
N ASP D 919 24.00 9.06 14.39
CA ASP D 919 24.97 9.06 13.32
C ASP D 919 24.33 8.59 12.02
N LEU D 920 25.12 8.56 10.96
CA LEU D 920 24.63 8.15 9.64
C LEU D 920 24.20 6.69 9.65
N VAL D 921 25.00 5.84 10.28
CA VAL D 921 24.77 4.41 10.25
C VAL D 921 23.54 4.04 11.06
N SER D 922 23.33 4.69 12.20
CA SER D 922 22.13 4.42 13.01
C SER D 922 20.88 4.94 12.31
N SER D 923 20.97 6.09 11.64
CA SER D 923 19.80 6.70 11.01
C SER D 923 19.40 5.97 9.75
N LEU D 924 20.39 5.59 8.93
CA LEU D 924 20.14 4.75 7.75
C LEU D 924 19.44 3.46 8.12
N THR D 925 20.02 2.74 9.07
CA THR D 925 19.54 1.44 9.53
C THR D 925 18.14 1.50 10.12
N SER D 926 17.84 2.53 10.90
CA SER D 926 16.53 2.67 11.55
C SER D 926 15.39 2.75 10.54
N GLY D 927 15.66 3.29 9.36
CA GLY D 927 14.70 3.26 8.30
C GLY D 927 14.92 2.14 7.31
N LEU D 928 16.11 1.56 7.34
CA LEU D 928 16.43 0.49 6.40
C LEU D 928 15.74 -0.79 6.81
N LEU D 929 15.55 -0.99 8.11
CA LEU D 929 14.85 -2.11 8.71
C LEU D 929 13.34 -2.01 8.62
N THR D 930 12.80 -0.93 8.07
CA THR D 930 11.40 -0.88 7.74
C THR D 930 11.12 -1.58 6.41
N ILE D 931 12.14 -1.74 5.57
CA ILE D 931 12.03 -2.51 4.35
C ILE D 931 11.81 -3.97 4.69
N GLY D 932 10.87 -4.61 4.00
CA GLY D 932 10.30 -5.83 4.49
C GLY D 932 9.21 -6.35 3.58
N ASP D 933 8.02 -6.61 4.13
CA ASP D 933 6.91 -7.09 3.32
C ASP D 933 6.01 -5.95 2.82
N ARG D 934 5.58 -5.06 3.72
CA ARG D 934 4.64 -4.01 3.31
C ARG D 934 5.35 -2.83 2.65
N PHE D 935 6.54 -2.46 3.12
CA PHE D 935 7.32 -1.40 2.51
C PHE D 935 8.49 -2.03 1.77
N GLY D 936 8.56 -1.81 0.47
CA GLY D 936 9.64 -2.34 -0.31
C GLY D 936 9.58 -3.82 -0.60
N GLY D 937 8.47 -4.48 -0.30
CA GLY D 937 8.38 -5.91 -0.52
C GLY D 937 7.71 -6.30 -1.81
N ALA D 938 7.06 -5.34 -2.46
CA ALA D 938 6.38 -5.58 -3.72
C ALA D 938 7.33 -5.82 -4.87
N LEU D 939 8.61 -5.51 -4.71
CA LEU D 939 9.59 -5.78 -5.75
C LEU D 939 9.87 -7.27 -5.85
N ASP D 940 10.14 -7.92 -4.72
CA ASP D 940 10.36 -9.36 -4.72
C ASP D 940 9.05 -10.13 -4.84
N ALA D 941 7.95 -9.55 -4.38
CA ALA D 941 6.66 -10.25 -4.43
C ALA D 941 6.10 -10.32 -5.83
N ALA D 942 6.29 -9.27 -6.63
CA ALA D 942 5.85 -9.29 -8.02
C ALA D 942 6.67 -10.24 -8.87
N ALA D 943 7.95 -10.39 -8.56
CA ALA D 943 8.77 -11.36 -9.30
C ALA D 943 8.35 -12.78 -8.99
N LYS D 944 8.07 -13.09 -7.72
CA LYS D 944 7.68 -14.45 -7.36
C LYS D 944 6.27 -14.79 -7.81
N MET D 945 5.38 -13.79 -7.86
CA MET D 945 4.01 -14.03 -8.28
C MET D 945 3.92 -14.28 -9.78
N PHE D 946 4.61 -13.47 -10.57
CA PHE D 946 4.53 -13.61 -12.01
C PHE D 946 5.32 -14.79 -12.52
N SER D 947 6.42 -15.15 -11.84
CA SER D 947 7.20 -16.30 -12.26
C SER D 947 6.49 -17.60 -11.93
N LYS D 948 5.72 -17.62 -10.86
CA LYS D 948 4.96 -18.82 -10.50
C LYS D 948 3.85 -19.09 -11.50
N ALA D 949 3.22 -18.03 -12.01
CA ALA D 949 2.14 -18.18 -12.97
C ALA D 949 2.69 -18.50 -14.36
N PHE D 950 3.84 -17.93 -14.71
CA PHE D 950 4.39 -18.15 -16.05
C PHE D 950 4.97 -19.55 -16.17
N ASP D 951 5.62 -20.04 -15.12
CA ASP D 951 6.21 -21.38 -15.17
C ASP D 951 5.15 -22.46 -15.08
N SER D 952 4.21 -22.32 -14.14
CA SER D 952 3.05 -23.21 -14.09
C SER D 952 2.04 -22.67 -15.09
N GLY D 953 2.24 -23.05 -16.35
CA GLY D 953 1.72 -22.33 -17.50
C GLY D 953 0.22 -22.17 -17.59
N ILE D 954 -0.22 -20.94 -17.29
CA ILE D 954 -1.59 -20.51 -17.46
C ILE D 954 -1.56 -19.20 -18.22
N ILE D 955 -2.61 -18.92 -18.97
CA ILE D 955 -2.70 -17.72 -19.79
C ILE D 955 -2.88 -16.53 -18.86
N PRO D 956 -2.56 -15.30 -19.28
CA PRO D 956 -2.74 -14.15 -18.38
C PRO D 956 -4.17 -13.89 -17.96
N MET D 957 -5.17 -14.33 -18.72
CA MET D 957 -6.55 -14.20 -18.27
C MET D 957 -6.87 -15.19 -17.15
N GLU D 958 -6.33 -16.40 -17.23
CA GLU D 958 -6.54 -17.38 -16.17
C GLU D 958 -5.76 -17.05 -14.91
N PHE D 959 -4.69 -16.25 -15.02
CA PHE D 959 -3.96 -15.77 -13.85
C PHE D 959 -4.70 -14.67 -13.11
N VAL D 960 -5.32 -13.75 -13.87
CA VAL D 960 -6.11 -12.69 -13.27
C VAL D 960 -7.36 -13.27 -12.60
N ASN D 961 -7.95 -14.29 -13.21
CA ASN D 961 -9.09 -14.98 -12.59
C ASN D 961 -8.67 -15.82 -11.40
N LYS D 962 -7.47 -16.41 -11.41
CA LYS D 962 -7.02 -17.23 -10.30
C LYS D 962 -6.77 -16.38 -9.05
N MET D 963 -6.18 -15.19 -9.24
CA MET D 963 -5.88 -14.32 -8.12
C MET D 963 -7.15 -13.77 -7.47
N LYS D 964 -8.20 -13.60 -8.25
CA LYS D 964 -9.42 -12.97 -7.76
C LYS D 964 -10.20 -13.90 -6.83
N LYS D 965 -10.29 -15.18 -7.18
CA LYS D 965 -11.09 -16.11 -6.40
C LYS D 965 -10.42 -16.56 -5.12
N GLU D 966 -9.11 -16.42 -5.01
CA GLU D 966 -8.46 -16.67 -3.73
C GLU D 966 -8.27 -15.41 -2.92
N GLY D 967 -8.79 -14.28 -3.38
CA GLY D 967 -8.77 -13.03 -2.63
C GLY D 967 -7.39 -12.41 -2.49
N LYS D 968 -6.57 -12.48 -3.53
CA LYS D 968 -5.24 -11.89 -3.54
C LYS D 968 -5.15 -10.86 -4.65
N LEU D 969 -4.73 -9.65 -4.32
CA LEU D 969 -4.44 -8.67 -5.34
C LEU D 969 -3.11 -9.00 -6.01
N ILE D 970 -2.99 -8.66 -7.28
CA ILE D 970 -1.75 -8.92 -8.00
C ILE D 970 -0.68 -7.93 -7.55
N MET D 971 0.45 -8.44 -7.11
CA MET D 971 1.56 -7.58 -6.71
C MET D 971 2.25 -7.03 -7.94
N GLY D 972 2.60 -5.75 -7.88
CA GLY D 972 3.18 -5.09 -9.01
C GLY D 972 2.20 -4.56 -10.01
N ILE D 973 0.90 -4.64 -9.73
CA ILE D 973 -0.15 -4.09 -10.57
C ILE D 973 -0.88 -3.03 -9.76
N GLY D 974 -0.93 -1.81 -10.28
CA GLY D 974 -1.78 -0.80 -9.67
C GLY D 974 -1.05 0.42 -9.15
N HIS D 975 -1.28 1.55 -9.76
CA HIS D 975 -0.66 2.78 -9.34
C HIS D 975 -1.74 3.65 -8.80
N ARG D 976 -1.48 4.41 -7.78
CA ARG D 976 -2.47 5.29 -7.19
C ARG D 976 -2.99 6.42 -8.06
N VAL D 977 -2.15 7.08 -8.84
CA VAL D 977 -2.57 8.19 -9.67
C VAL D 977 -2.25 8.08 -11.15
N LYS D 978 -1.06 7.68 -11.49
CA LYS D 978 -0.61 7.53 -12.86
C LYS D 978 -1.35 6.36 -13.47
N SER D 979 -2.25 6.60 -14.42
CA SER D 979 -3.07 5.46 -14.81
C SER D 979 -2.82 4.95 -16.22
N ILE D 980 -3.39 5.61 -17.23
CA ILE D 980 -3.26 5.17 -18.61
C ILE D 980 -3.76 6.34 -19.44
N ASN D 981 -3.12 6.57 -20.59
CA ASN D 981 -2.92 7.87 -21.22
C ASN D 981 -2.23 8.86 -20.27
N ASN D 982 -1.51 8.34 -19.28
CA ASN D 982 -0.81 9.12 -18.26
C ASN D 982 0.20 8.19 -17.61
N PRO D 983 1.19 7.73 -18.37
CA PRO D 983 1.97 6.59 -17.91
C PRO D 983 3.04 6.97 -16.91
N ASP D 984 3.32 6.03 -16.01
CA ASP D 984 4.37 6.22 -15.01
C ASP D 984 5.71 6.29 -15.72
N MET D 985 6.40 7.42 -15.56
CA MET D 985 7.56 7.68 -16.40
C MET D 985 8.78 6.88 -15.99
N ARG D 986 8.86 6.43 -14.74
CA ARG D 986 9.91 5.49 -14.36
C ARG D 986 9.69 4.13 -15.00
N VAL D 987 8.43 3.76 -15.20
CA VAL D 987 8.11 2.52 -15.90
C VAL D 987 8.44 2.62 -17.38
N GLN D 988 8.15 3.75 -18.02
CA GLN D 988 8.45 3.86 -19.44
C GLN D 988 9.94 4.04 -19.72
N ILE D 989 10.72 4.56 -18.78
CA ILE D 989 12.17 4.62 -18.96
C ILE D 989 12.76 3.21 -18.95
N LEU D 990 12.36 2.41 -17.97
CA LEU D 990 12.91 1.07 -17.80
C LEU D 990 12.38 0.09 -18.82
N LYS D 991 11.10 0.21 -19.21
CA LYS D 991 10.53 -0.68 -20.21
C LYS D 991 11.13 -0.42 -21.59
N ASP D 992 11.48 0.83 -21.88
CA ASP D 992 12.16 1.11 -23.15
C ASP D 992 13.56 0.53 -23.18
N TYR D 993 14.25 0.49 -22.04
CA TYR D 993 15.58 -0.11 -22.03
C TYR D 993 15.51 -1.63 -22.20
N VAL D 994 14.50 -2.26 -21.61
CA VAL D 994 14.37 -3.71 -21.63
C VAL D 994 14.02 -4.19 -23.04
N ARG D 995 13.21 -3.42 -23.78
CA ARG D 995 12.81 -3.87 -25.11
C ARG D 995 13.93 -3.78 -26.15
N GLN D 996 14.76 -2.74 -26.10
CA GLN D 996 15.83 -2.62 -27.09
C GLN D 996 16.99 -3.56 -26.79
N HIS D 997 17.36 -3.72 -25.53
CA HIS D 997 18.64 -4.33 -25.21
C HIS D 997 18.55 -5.79 -24.78
N PHE D 998 17.47 -6.19 -24.12
CA PHE D 998 17.36 -7.58 -23.69
C PHE D 998 17.07 -8.45 -24.91
N PRO D 999 17.66 -9.63 -25.02
CA PRO D 999 17.40 -10.48 -26.20
C PRO D 999 16.02 -11.12 -26.19
N ALA D 1000 15.50 -11.50 -25.02
CA ALA D 1000 14.20 -12.13 -24.93
C ALA D 1000 13.63 -11.82 -23.56
N THR D 1001 12.39 -11.34 -23.53
CA THR D 1001 11.70 -10.97 -22.29
C THR D 1001 10.37 -11.71 -22.25
N PRO D 1002 10.37 -13.00 -21.89
CA PRO D 1002 9.11 -13.75 -21.87
C PRO D 1002 8.21 -13.39 -20.69
N LEU D 1003 8.78 -13.15 -19.51
CA LEU D 1003 7.96 -12.78 -18.35
C LEU D 1003 7.49 -11.33 -18.42
N LEU D 1004 8.25 -10.46 -19.06
CA LEU D 1004 7.77 -9.10 -19.29
C LEU D 1004 6.58 -9.08 -20.22
N ASP D 1005 6.66 -9.84 -21.32
CA ASP D 1005 5.54 -9.93 -22.26
C ASP D 1005 4.32 -10.59 -21.63
N TYR D 1006 4.54 -11.52 -20.70
CA TYR D 1006 3.43 -12.08 -19.93
C TYR D 1006 2.82 -11.02 -19.03
N ALA D 1007 3.65 -10.25 -18.33
CA ALA D 1007 3.16 -9.28 -17.37
C ALA D 1007 2.56 -8.06 -18.04
N LEU D 1008 2.93 -7.81 -19.30
CA LEU D 1008 2.30 -6.72 -20.05
C LEU D 1008 0.95 -7.13 -20.61
N GLU D 1009 0.71 -8.44 -20.77
CA GLU D 1009 -0.62 -8.93 -21.12
C GLU D 1009 -1.51 -9.04 -19.90
N VAL D 1010 -0.93 -9.15 -18.71
CA VAL D 1010 -1.71 -9.11 -17.48
C VAL D 1010 -2.28 -7.72 -17.25
N GLU D 1011 -1.50 -6.67 -17.53
CA GLU D 1011 -2.05 -5.34 -17.31
C GLU D 1011 -2.98 -4.91 -18.43
N LYS D 1012 -2.98 -5.59 -19.57
CA LYS D 1012 -4.01 -5.32 -20.57
C LYS D 1012 -5.38 -5.77 -20.07
N ILE D 1013 -5.40 -6.78 -19.21
CA ILE D 1013 -6.64 -7.25 -18.59
C ILE D 1013 -7.06 -6.37 -17.42
N THR D 1014 -6.12 -5.99 -16.56
CA THR D 1014 -6.44 -5.20 -15.40
C THR D 1014 -6.65 -3.72 -15.71
N THR D 1015 -6.19 -3.23 -16.87
CA THR D 1015 -6.56 -1.89 -17.27
C THR D 1015 -7.91 -1.83 -17.97
N SER D 1016 -8.51 -2.96 -18.25
CA SER D 1016 -9.89 -3.02 -18.69
C SER D 1016 -10.87 -2.99 -17.53
N LYS D 1017 -10.37 -3.06 -16.30
CA LYS D 1017 -11.18 -2.96 -15.09
C LYS D 1017 -11.12 -1.56 -14.50
N LYS D 1018 -9.92 -1.12 -14.13
CA LYS D 1018 -9.64 0.24 -13.75
C LYS D 1018 -8.46 0.73 -14.57
N PRO D 1019 -8.46 2.00 -14.99
CA PRO D 1019 -7.28 2.54 -15.68
C PRO D 1019 -6.02 2.59 -14.83
N ASN D 1020 -6.16 2.55 -13.50
CA ASN D 1020 -5.04 2.67 -12.59
C ASN D 1020 -4.17 1.42 -12.54
N LEU D 1021 -4.71 0.26 -12.92
CA LEU D 1021 -4.07 -1.01 -12.63
C LEU D 1021 -3.03 -1.35 -13.70
N ILE D 1022 -1.93 -0.61 -13.64
CA ILE D 1022 -0.80 -0.79 -14.53
C ILE D 1022 0.36 -1.42 -13.78
N LEU D 1023 1.39 -1.81 -14.52
CA LEU D 1023 2.60 -2.31 -13.93
C LEU D 1023 3.30 -1.21 -13.15
N ASN D 1024 3.61 -1.49 -11.90
CA ASN D 1024 4.36 -0.56 -11.09
C ASN D 1024 5.81 -0.54 -11.52
N VAL D 1025 6.57 0.39 -10.93
CA VAL D 1025 8.02 0.25 -10.98
C VAL D 1025 8.46 -0.92 -10.11
N ASP D 1026 7.67 -1.28 -9.10
CA ASP D 1026 7.93 -2.49 -8.33
C ASP D 1026 7.67 -3.74 -9.17
N GLY D 1027 6.64 -3.71 -10.00
CA GLY D 1027 6.31 -4.86 -10.81
C GLY D 1027 7.05 -4.93 -12.13
N LEU D 1028 7.60 -3.80 -12.57
CA LEU D 1028 8.43 -3.81 -13.78
C LEU D 1028 9.83 -4.33 -13.49
N ILE D 1029 10.46 -3.81 -12.44
CA ILE D 1029 11.81 -4.24 -12.08
C ILE D 1029 11.79 -5.70 -11.65
N GLY D 1030 10.71 -6.14 -10.99
CA GLY D 1030 10.61 -7.52 -10.55
C GLY D 1030 10.58 -8.51 -11.69
N VAL D 1031 9.78 -8.22 -12.73
CA VAL D 1031 9.66 -9.18 -13.82
C VAL D 1031 10.75 -9.00 -14.87
N ALA D 1032 11.46 -7.88 -14.88
CA ALA D 1032 12.57 -7.69 -15.81
C ALA D 1032 13.91 -8.05 -15.21
N PHE D 1033 14.01 -8.11 -13.87
CA PHE D 1033 15.19 -8.71 -13.26
C PHE D 1033 15.21 -10.21 -13.47
N VAL D 1034 14.03 -10.85 -13.44
CA VAL D 1034 13.94 -12.27 -13.75
C VAL D 1034 14.34 -12.52 -15.20
N ASP D 1035 13.86 -11.67 -16.12
CA ASP D 1035 14.27 -11.77 -17.52
C ASP D 1035 15.73 -11.43 -17.71
N MET D 1036 16.29 -10.59 -16.85
CA MET D 1036 17.72 -10.36 -16.91
C MET D 1036 18.47 -11.59 -16.45
N LEU D 1037 17.91 -12.35 -15.50
CA LEU D 1037 18.61 -13.49 -14.94
C LEU D 1037 18.58 -14.68 -15.88
N ARG D 1038 17.39 -15.11 -16.30
CA ARG D 1038 17.25 -16.33 -17.05
C ARG D 1038 17.33 -16.16 -18.55
N ASN D 1039 17.61 -14.95 -19.05
CA ASN D 1039 17.71 -14.75 -20.48
C ASN D 1039 18.92 -13.90 -20.87
N CYS D 1040 19.99 -13.92 -20.08
CA CYS D 1040 21.20 -13.23 -20.46
C CYS D 1040 22.35 -14.16 -20.80
N GLY D 1041 22.25 -15.44 -20.47
CA GLY D 1041 23.24 -16.43 -20.85
C GLY D 1041 24.25 -16.75 -19.77
N SER D 1042 24.22 -16.05 -18.65
CA SER D 1042 25.14 -16.33 -17.56
C SER D 1042 24.57 -17.34 -16.57
N PHE D 1043 23.26 -17.41 -16.44
CA PHE D 1043 22.61 -18.18 -15.39
C PHE D 1043 21.91 -19.40 -16.00
N THR D 1044 22.04 -20.53 -15.31
CA THR D 1044 21.20 -21.68 -15.58
C THR D 1044 19.86 -21.42 -14.89
N ARG D 1045 18.80 -22.11 -15.33
CA ARG D 1045 17.45 -21.85 -14.82
C ARG D 1045 17.31 -22.12 -13.32
N GLU D 1046 17.94 -23.17 -12.80
CA GLU D 1046 17.90 -23.35 -11.35
C GLU D 1046 18.78 -22.34 -10.61
N GLU D 1047 19.80 -21.78 -11.25
CA GLU D 1047 20.53 -20.69 -10.61
C GLU D 1047 19.72 -19.41 -10.61
N ALA D 1048 19.06 -19.10 -11.74
CA ALA D 1048 18.27 -17.88 -11.84
C ALA D 1048 17.04 -17.92 -10.95
N ASP D 1049 16.50 -19.12 -10.69
CA ASP D 1049 15.41 -19.26 -9.74
C ASP D 1049 15.88 -19.19 -8.30
N GLU D 1050 17.14 -19.55 -8.04
CA GLU D 1050 17.68 -19.52 -6.69
C GLU D 1050 17.85 -18.10 -6.20
N TYR D 1051 18.23 -17.18 -7.09
CA TYR D 1051 18.45 -15.80 -6.70
C TYR D 1051 17.15 -15.07 -6.39
N ILE D 1052 16.07 -15.40 -7.09
CA ILE D 1052 14.78 -14.85 -6.74
C ILE D 1052 14.30 -15.45 -5.42
N ASP D 1053 14.65 -16.72 -5.18
CA ASP D 1053 14.25 -17.40 -3.94
C ASP D 1053 14.97 -16.79 -2.74
N ILE D 1054 16.30 -16.65 -2.82
CA ILE D 1054 17.06 -16.18 -1.67
C ILE D 1054 16.98 -14.67 -1.48
N GLY D 1055 16.44 -13.95 -2.45
CA GLY D 1055 16.14 -12.54 -2.25
C GLY D 1055 17.11 -11.56 -2.88
N ALA D 1056 17.53 -11.82 -4.12
CA ALA D 1056 18.40 -10.87 -4.81
C ALA D 1056 17.67 -9.62 -5.24
N LEU D 1057 16.35 -9.66 -5.35
CA LEU D 1057 15.56 -8.47 -5.64
C LEU D 1057 15.16 -7.70 -4.41
N ASN D 1058 15.27 -8.31 -3.23
CA ASN D 1058 15.23 -7.52 -2.00
C ASN D 1058 16.43 -6.59 -1.92
N GLY D 1059 17.60 -7.09 -2.28
CA GLY D 1059 18.82 -6.29 -2.22
C GLY D 1059 18.89 -5.19 -3.25
N ILE D 1060 18.14 -5.29 -4.34
CA ILE D 1060 18.10 -4.21 -5.33
C ILE D 1060 17.38 -3.00 -4.75
N PHE D 1061 16.26 -3.24 -4.06
CA PHE D 1061 15.56 -2.14 -3.39
C PHE D 1061 16.36 -1.60 -2.22
N VAL D 1062 16.96 -2.48 -1.43
CA VAL D 1062 17.70 -2.07 -0.24
C VAL D 1062 18.95 -1.29 -0.60
N LEU D 1063 19.71 -1.73 -1.60
CA LEU D 1063 20.86 -0.94 -2.04
C LEU D 1063 20.43 0.30 -2.79
N GLY D 1064 19.29 0.26 -3.47
CA GLY D 1064 18.80 1.45 -4.13
C GLY D 1064 18.29 2.50 -3.16
N ARG D 1065 17.36 2.11 -2.28
CA ARG D 1065 16.74 3.04 -1.35
C ARG D 1065 17.70 3.52 -0.26
N SER D 1066 18.82 2.82 -0.03
CA SER D 1066 19.83 3.32 0.90
C SER D 1066 20.47 4.61 0.42
N MET D 1067 20.50 4.84 -0.88
CA MET D 1067 21.06 6.08 -1.41
C MET D 1067 20.18 7.28 -1.07
N GLY D 1068 18.86 7.11 -1.15
CA GLY D 1068 17.97 8.19 -0.75
C GLY D 1068 17.82 8.33 0.73
N PHE D 1069 18.03 7.24 1.48
CA PHE D 1069 17.98 7.32 2.94
C PHE D 1069 19.21 8.05 3.50
N ILE D 1070 20.39 7.82 2.93
CA ILE D 1070 21.57 8.58 3.32
C ILE D 1070 21.42 10.03 2.90
N GLY D 1071 20.82 10.28 1.74
CA GLY D 1071 20.49 11.64 1.35
C GLY D 1071 19.43 12.27 2.23
N HIS D 1072 18.54 11.45 2.80
CA HIS D 1072 17.60 11.94 3.79
C HIS D 1072 18.25 12.18 5.14
N TYR D 1073 19.26 11.41 5.50
CA TYR D 1073 20.01 11.68 6.71
C TYR D 1073 20.77 12.99 6.61
N LEU D 1074 21.52 13.16 5.51
CA LEU D 1074 22.35 14.35 5.35
C LEU D 1074 21.50 15.60 5.20
N ASP D 1075 20.28 15.46 4.72
CA ASP D 1075 19.37 16.60 4.56
C ASP D 1075 18.91 17.15 5.90
N GLN D 1076 18.62 16.28 6.87
CA GLN D 1076 18.16 16.77 8.16
C GLN D 1076 19.29 17.35 9.00
N LYS D 1077 20.54 17.11 8.63
CA LYS D 1077 21.68 17.74 9.30
C LYS D 1077 21.98 19.10 8.71
N ARG D 1078 21.64 19.29 7.44
CA ARG D 1078 21.72 20.59 6.77
C ARG D 1078 20.81 21.59 7.47
N LEU D 1079 19.54 21.20 7.59
CA LEU D 1079 18.46 22.03 8.05
C LEU D 1079 18.47 22.20 9.56
N LYS D 1080 19.27 21.39 10.25
CA LYS D 1080 19.45 21.42 11.70
C LYS D 1080 18.12 21.24 12.42
N GLN D 1081 17.35 20.27 11.94
CA GLN D 1081 16.04 19.98 12.50
C GLN D 1081 16.20 19.39 13.90
N GLY D 1082 15.37 19.85 14.82
CA GLY D 1082 15.44 19.39 16.20
C GLY D 1082 14.75 18.07 16.38
N LEU D 1083 14.69 17.63 17.64
CA LEU D 1083 14.11 16.35 17.98
C LEU D 1083 12.61 16.34 17.71
N TYR D 1084 12.13 15.25 17.12
CA TYR D 1084 10.73 15.12 16.78
C TYR D 1084 9.97 14.40 17.89
N ARG D 1085 8.87 15.00 18.31
CA ARG D 1085 7.89 14.33 19.16
C ARG D 1085 6.56 14.40 18.43
N HIS D 1086 5.92 13.25 18.27
CA HIS D 1086 4.66 13.20 17.54
C HIS D 1086 3.55 13.90 18.34
N PRO D 1087 2.66 14.62 17.68
CA PRO D 1087 1.59 15.32 18.40
C PRO D 1087 0.60 14.37 19.03
N TRP D 1088 0.10 14.77 20.20
CA TRP D 1088 -0.84 13.94 20.94
C TRP D 1088 -2.21 13.88 20.30
N ASP D 1089 -2.54 14.86 19.45
CA ASP D 1089 -3.84 14.86 18.80
C ASP D 1089 -3.90 13.93 17.60
N ASP D 1090 -2.75 13.46 17.13
CA ASP D 1090 -2.71 12.52 16.02
C ASP D 1090 -2.68 11.07 16.52
N ILE D 1091 -2.65 10.87 17.83
CA ILE D 1091 -2.62 9.55 18.44
C ILE D 1091 -3.93 9.34 19.19
N SER D 1092 -4.53 8.17 19.00
CA SER D 1092 -5.79 7.81 19.63
C SER D 1092 -5.51 6.85 20.79
N TYR D 1093 -5.65 7.33 22.01
CA TYR D 1093 -5.34 6.55 23.21
C TYR D 1093 -6.60 5.79 23.63
N VAL D 1094 -6.57 4.46 23.49
CA VAL D 1094 -7.72 3.62 23.76
C VAL D 1094 -7.40 2.59 24.85
N LEU D 1095 -6.60 3.00 25.83
CA LEU D 1095 -6.16 2.21 26.99
C LEU D 1095 -7.31 1.56 27.74
N PRO D 1096 -7.07 0.42 28.41
CA PRO D 1096 -8.11 -0.17 29.25
C PRO D 1096 -8.44 0.71 30.45
N GLU D 1097 -9.59 0.42 31.05
CA GLU D 1097 -10.13 1.27 32.11
C GLU D 1097 -9.28 1.19 33.37
N HIS D 1098 -9.00 -0.03 33.85
CA HIS D 1098 -8.05 -0.17 34.93
C HIS D 1098 -7.20 -1.44 34.84
N MET D 1099 -7.31 -2.20 33.76
CA MET D 1099 -6.60 -3.47 33.62
C MET D 1099 -5.16 -3.25 33.23
PB ADP E . -36.36 -7.24 -45.38
O1B ADP E . -35.56 -8.35 -44.76
O2B ADP E . -35.49 -6.08 -45.79
O3B ADP E . -37.60 -6.89 -44.62
PA ADP E . -36.44 -9.29 -47.27
O1A ADP E . -34.95 -9.24 -47.56
O2A ADP E . -37.02 -10.30 -46.31
O3A ADP E . -36.90 -7.83 -46.77
O5' ADP E . -37.21 -9.53 -48.65
C5' ADP E . -37.88 -10.77 -48.82
C4' ADP E . -37.58 -11.41 -50.16
O4' ADP E . -36.16 -11.43 -50.40
C3' ADP E . -38.05 -12.85 -50.20
O3' ADP E . -39.18 -12.96 -51.07
C2' ADP E . -36.88 -13.65 -50.73
O2' ADP E . -37.26 -14.33 -51.94
C1' ADP E . -35.80 -12.65 -51.05
N9 ADP E . -34.48 -13.12 -50.55
C8 ADP E . -33.78 -12.60 -49.53
N7 ADP E . -32.62 -13.26 -49.36
C5 ADP E . -32.56 -14.23 -50.28
C6 ADP E . -31.60 -15.29 -50.65
N6 ADP E . -30.44 -15.45 -49.97
N1 ADP E . -31.93 -16.08 -51.69
C2 ADP E . -33.07 -15.93 -52.37
N3 ADP E . -33.99 -14.99 -52.09
C4 ADP E . -33.79 -14.12 -51.07
N1A COA F . -4.63 -6.18 -8.85
C2A COA F . -5.52 -6.83 -9.51
N3A COA F . -6.75 -6.46 -9.53
C4A COA F . -7.16 -5.39 -8.87
C5A COA F . -6.23 -4.65 -8.12
C6A COA F . -4.89 -5.14 -8.15
N6A COA F . -3.92 -4.55 -7.49
N7A COA F . -6.88 -3.65 -7.55
C8A COA F . -8.15 -3.75 -7.92
N9A COA F . -8.31 -4.79 -8.71
C1B COA F . -9.54 -5.23 -9.34
C2B COA F . -10.56 -5.52 -8.35
O2B COA F . -10.28 -6.80 -7.84
C3B COA F . -11.80 -5.46 -9.18
O3B COA F . -12.18 -6.73 -9.66
P3B COA F . -13.52 -7.09 -10.27
O7A COA F . -13.94 -5.93 -11.00
O8A COA F . -13.23 -8.19 -11.10
O9A COA F . -14.28 -7.47 -9.15
C4B COA F . -11.47 -4.50 -10.27
O4B COA F . -10.14 -4.18 -10.03
C5B COA F . -12.23 -3.23 -10.19
O5B COA F . -12.09 -2.86 -8.85
P1A COA F . -13.15 -2.18 -7.90
O1A COA F . -13.92 -3.23 -7.23
O2A COA F . -12.32 -1.27 -7.13
O3A COA F . -14.13 -1.46 -8.89
P2A COA F . -14.40 0.06 -9.16
O4A COA F . -14.06 0.39 -10.55
O5A COA F . -13.78 0.82 -8.09
O6A COA F . -15.99 0.14 -9.12
CBP COA F . -18.08 0.91 -8.34
CCP COA F . -16.79 0.26 -7.97
CDP COA F . -18.93 -0.08 -9.05
CEP COA F . -18.74 1.32 -7.07
CAP COA F . -17.75 2.10 -9.22
OAP COA F . -17.17 1.44 -10.29
C9P COA F . -18.79 2.96 -9.86
O9P COA F . -18.89 4.10 -9.53
N8P COA F . -19.54 2.47 -10.80
C7P COA F . -20.50 3.29 -11.45
C6P COA F . -21.50 3.69 -10.44
C5P COA F . -22.70 4.09 -11.21
O5P COA F . -22.59 4.71 -12.21
N4P COA F . -23.83 3.74 -10.77
C3P COA F . -24.94 4.58 -11.06
C2P COA F . -24.52 5.95 -10.67
S1P COA F . -25.96 7.01 -10.50
CA Y2A G . -24.72 12.33 -12.08
CB Y2A G . -23.52 11.49 -11.60
OB1 Y2A G . -22.38 11.30 -9.51
OB2 Y2A G . -24.56 11.41 -9.42
CG Y2A G . -23.62 10.08 -12.15
OG1 Y2A G . -25.70 9.33 -11.36
OG2 Y2A G . -25.53 9.24 -13.59
CAC Y2A G . -24.43 13.82 -12.23
CBC Y2A G . -23.49 11.40 -10.09
CGC Y2A G . -25.02 9.53 -12.31
O1 Y2A G . -27.83 8.07 -13.77
O3 Y2A G . -27.31 9.83 -15.33
O4 Y2A G . -27.78 10.43 -13.06
OA1 Y2A G . -23.28 14.26 -12.02
OA2 Y2A G . -25.36 14.60 -12.56
OHB Y2A G . -22.35 12.09 -12.05
P Y2A G . -27.14 9.39 -13.92
#